data_4FKD
# 
_entry.id   4FKD 
# 
_audit_conform.dict_name       mmcif_pdbx.dic 
_audit_conform.dict_version    5.387 
_audit_conform.dict_location   http://mmcif.pdb.org/dictionaries/ascii/mmcif_pdbx.dic 
# 
loop_
_database_2.database_id 
_database_2.database_code 
_database_2.pdbx_database_accession 
_database_2.pdbx_DOI 
PDB   4FKD         pdb_00004fkd 10.2210/pdb4fkd/pdb 
RCSB  RCSB073007   ?            ?                   
WWPDB D_1000073007 ?            ?                   
# 
loop_
_pdbx_audit_revision_history.ordinal 
_pdbx_audit_revision_history.data_content_type 
_pdbx_audit_revision_history.major_revision 
_pdbx_audit_revision_history.minor_revision 
_pdbx_audit_revision_history.revision_date 
1 'Structure model' 1 0 2013-01-23 
2 'Structure model' 1 1 2013-06-19 
3 'Structure model' 1 2 2024-02-28 
# 
_pdbx_audit_revision_details.ordinal             1 
_pdbx_audit_revision_details.revision_ordinal    1 
_pdbx_audit_revision_details.data_content_type   'Structure model' 
_pdbx_audit_revision_details.provider            repository 
_pdbx_audit_revision_details.type                'Initial release' 
_pdbx_audit_revision_details.description         ? 
_pdbx_audit_revision_details.details             ? 
# 
loop_
_pdbx_audit_revision_group.ordinal 
_pdbx_audit_revision_group.revision_ordinal 
_pdbx_audit_revision_group.data_content_type 
_pdbx_audit_revision_group.group 
1 2 'Structure model' 'Database references'  
2 3 'Structure model' 'Data collection'      
3 3 'Structure model' 'Database references'  
4 3 'Structure model' 'Derived calculations' 
# 
loop_
_pdbx_audit_revision_category.ordinal 
_pdbx_audit_revision_category.revision_ordinal 
_pdbx_audit_revision_category.data_content_type 
_pdbx_audit_revision_category.category 
1 3 'Structure model' chem_comp_atom         
2 3 'Structure model' chem_comp_bond         
3 3 'Structure model' database_2             
4 3 'Structure model' pdbx_struct_conn_angle 
5 3 'Structure model' struct_conn            
6 3 'Structure model' struct_ref_seq_dif     
7 3 'Structure model' struct_site            
# 
loop_
_pdbx_audit_revision_item.ordinal 
_pdbx_audit_revision_item.revision_ordinal 
_pdbx_audit_revision_item.data_content_type 
_pdbx_audit_revision_item.item 
1  3 'Structure model' '_database_2.pdbx_DOI'                        
2  3 'Structure model' '_database_2.pdbx_database_accession'         
3  3 'Structure model' '_pdbx_struct_conn_angle.ptnr1_auth_comp_id'  
4  3 'Structure model' '_pdbx_struct_conn_angle.ptnr1_auth_seq_id'   
5  3 'Structure model' '_pdbx_struct_conn_angle.ptnr1_label_atom_id' 
6  3 'Structure model' '_pdbx_struct_conn_angle.ptnr1_label_comp_id' 
7  3 'Structure model' '_pdbx_struct_conn_angle.ptnr1_label_seq_id'  
8  3 'Structure model' '_pdbx_struct_conn_angle.ptnr2_auth_seq_id'   
9  3 'Structure model' '_pdbx_struct_conn_angle.ptnr2_label_asym_id' 
10 3 'Structure model' '_pdbx_struct_conn_angle.ptnr3_auth_comp_id'  
11 3 'Structure model' '_pdbx_struct_conn_angle.ptnr3_auth_seq_id'   
12 3 'Structure model' '_pdbx_struct_conn_angle.ptnr3_label_atom_id' 
13 3 'Structure model' '_pdbx_struct_conn_angle.ptnr3_label_comp_id' 
14 3 'Structure model' '_pdbx_struct_conn_angle.ptnr3_label_seq_id'  
15 3 'Structure model' '_pdbx_struct_conn_angle.value'               
16 3 'Structure model' '_struct_conn.pdbx_dist_value'                
17 3 'Structure model' '_struct_conn.ptnr1_auth_comp_id'             
18 3 'Structure model' '_struct_conn.ptnr1_auth_seq_id'              
19 3 'Structure model' '_struct_conn.ptnr1_label_atom_id'            
20 3 'Structure model' '_struct_conn.ptnr1_label_comp_id'            
21 3 'Structure model' '_struct_conn.ptnr1_label_seq_id'             
22 3 'Structure model' '_struct_conn.ptnr2_auth_seq_id'              
23 3 'Structure model' '_struct_conn.ptnr2_label_asym_id'            
24 3 'Structure model' '_struct_ref_seq_dif.details'                 
25 3 'Structure model' '_struct_site.pdbx_auth_asym_id'              
26 3 'Structure model' '_struct_site.pdbx_auth_comp_id'              
27 3 'Structure model' '_struct_site.pdbx_auth_seq_id'               
# 
_pdbx_database_status.status_code                     REL 
_pdbx_database_status.entry_id                        4FKD 
_pdbx_database_status.recvd_initial_deposition_date   2012-06-13 
_pdbx_database_status.deposit_site                    RCSB 
_pdbx_database_status.process_site                    RCSB 
_pdbx_database_status.status_code_sf                  REL 
_pdbx_database_status.status_code_mr                  ? 
_pdbx_database_status.SG_entry                        ? 
_pdbx_database_status.status_code_cs                  ? 
_pdbx_database_status.methods_development_category    ? 
_pdbx_database_status.pdb_format_compatible           Y 
_pdbx_database_status.status_code_nmr_data            ? 
# 
loop_
_audit_author.name 
_audit_author.pdbx_ordinal 
'Rahman, G.M.'   1 
'Shanker, S.'    2 
'Lewin, N.E.'    3 
'Prasad, B.V.V.' 4 
'Blumberg, P.M.' 5 
'Das, J.'        6 
# 
_citation.id                        primary 
_citation.title                     
'Identification of the Activator Binding Residues in the Second Cysteine-Rich Regulatory Domain of Protein Kinase C Theta.' 
_citation.journal_abbrev            Biochem.J. 
_citation.journal_volume            451 
_citation.page_first                33 
_citation.page_last                 44 
_citation.year                      2013 
_citation.journal_id_ASTM           BIJOAK 
_citation.country                   UK 
_citation.journal_id_ISSN           0264-6021 
_citation.journal_id_CSD            0043 
_citation.book_publisher            ? 
_citation.pdbx_database_id_PubMed   23289588 
_citation.pdbx_database_id_DOI      10.1042/BJ20121307 
# 
loop_
_citation_author.citation_id 
_citation_author.name 
_citation_author.ordinal 
_citation_author.identifier_ORCID 
primary 'Rahman, G.M.'   1 ? 
primary 'Shanker, S.'    2 ? 
primary 'Lewin, N.E.'    3 ? 
primary 'Kedei, N.'      4 ? 
primary 'Hill, C.S.'     5 ? 
primary 'Prasad, B.V.'   6 ? 
primary 'Blumberg, P.M.' 7 ? 
primary 'Das, J.'        8 ? 
# 
loop_
_entity.id 
_entity.type 
_entity.src_method 
_entity.pdbx_description 
_entity.formula_weight 
_entity.pdbx_number_of_molecules 
_entity.pdbx_ec 
_entity.pdbx_mutation 
_entity.pdbx_fragment 
_entity.details 
1 polymer     man 'Protein kinase C theta type' 7315.454 1   2.7.11.13 ? ? ? 
2 non-polymer syn 'ZINC ION'                    65.409   2   ?         ? ? ? 
3 water       nat water                         18.015   130 ?         ? ? ? 
# 
_entity_name_com.entity_id   1 
_entity_name_com.name        nPKC-theta 
# 
_entity_poly.entity_id                      1 
_entity_poly.type                           'polypeptide(L)' 
_entity_poly.nstd_linkage                   no 
_entity_poly.nstd_monomer                   no 
_entity_poly.pdbx_seq_one_letter_code       GSRRASVGSHRFKVYNYKSPTFCEHCGTLLWGLARQGLKCDACGMNVHHRCQTKVANLCEFIVTD 
_entity_poly.pdbx_seq_one_letter_code_can   GSRRASVGSHRFKVYNYKSPTFCEHCGTLLWGLARQGLKCDACGMNVHHRCQTKVANLCEFIVTD 
_entity_poly.pdbx_strand_id                 A 
_entity_poly.pdbx_target_identifier         ? 
# 
loop_
_pdbx_entity_nonpoly.entity_id 
_pdbx_entity_nonpoly.name 
_pdbx_entity_nonpoly.comp_id 
2 'ZINC ION' ZN  
3 water      HOH 
# 
loop_
_entity_poly_seq.entity_id 
_entity_poly_seq.num 
_entity_poly_seq.mon_id 
_entity_poly_seq.hetero 
1 1  GLY n 
1 2  SER n 
1 3  ARG n 
1 4  ARG n 
1 5  ALA n 
1 6  SER n 
1 7  VAL n 
1 8  GLY n 
1 9  SER n 
1 10 HIS n 
1 11 ARG n 
1 12 PHE n 
1 13 LYS n 
1 14 VAL n 
1 15 TYR n 
1 16 ASN n 
1 17 TYR n 
1 18 LYS n 
1 19 SER n 
1 20 PRO n 
1 21 THR n 
1 22 PHE n 
1 23 CYS n 
1 24 GLU n 
1 25 HIS n 
1 26 CYS n 
1 27 GLY n 
1 28 THR n 
1 29 LEU n 
1 30 LEU n 
1 31 TRP n 
1 32 GLY n 
1 33 LEU n 
1 34 ALA n 
1 35 ARG n 
1 36 GLN n 
1 37 GLY n 
1 38 LEU n 
1 39 LYS n 
1 40 CYS n 
1 41 ASP n 
1 42 ALA n 
1 43 CYS n 
1 44 GLY n 
1 45 MET n 
1 46 ASN n 
1 47 VAL n 
1 48 HIS n 
1 49 HIS n 
1 50 ARG n 
1 51 CYS n 
1 52 GLN n 
1 53 THR n 
1 54 LYS n 
1 55 VAL n 
1 56 ALA n 
1 57 ASN n 
1 58 LEU n 
1 59 CYS n 
1 60 GLU n 
1 61 PHE n 
1 62 ILE n 
1 63 VAL n 
1 64 THR n 
1 65 ASP n 
# 
_entity_src_gen.entity_id                          1 
_entity_src_gen.pdbx_src_id                        1 
_entity_src_gen.pdbx_alt_source_flag               sample 
_entity_src_gen.pdbx_seq_type                      ? 
_entity_src_gen.pdbx_beg_seq_num                   ? 
_entity_src_gen.pdbx_end_seq_num                   ? 
_entity_src_gen.gene_src_common_name               mouse 
_entity_src_gen.gene_src_genus                     ? 
_entity_src_gen.pdbx_gene_src_gene                 'Prkcq, Pkcq' 
_entity_src_gen.gene_src_species                   ? 
_entity_src_gen.gene_src_strain                    ? 
_entity_src_gen.gene_src_tissue                    ? 
_entity_src_gen.gene_src_tissue_fraction           ? 
_entity_src_gen.gene_src_details                   ? 
_entity_src_gen.pdbx_gene_src_fragment             ? 
_entity_src_gen.pdbx_gene_src_scientific_name      'Mus musculus' 
_entity_src_gen.pdbx_gene_src_ncbi_taxonomy_id     10090 
_entity_src_gen.pdbx_gene_src_variant              ? 
_entity_src_gen.pdbx_gene_src_cell_line            ? 
_entity_src_gen.pdbx_gene_src_atcc                 ? 
_entity_src_gen.pdbx_gene_src_organ                ? 
_entity_src_gen.pdbx_gene_src_organelle            ? 
_entity_src_gen.pdbx_gene_src_cell                 ? 
_entity_src_gen.pdbx_gene_src_cellular_location    ? 
_entity_src_gen.host_org_common_name               ? 
_entity_src_gen.pdbx_host_org_scientific_name      'Escherichia coli' 
_entity_src_gen.pdbx_host_org_ncbi_taxonomy_id     562 
_entity_src_gen.host_org_genus                     ? 
_entity_src_gen.pdbx_host_org_gene                 ? 
_entity_src_gen.pdbx_host_org_organ                ? 
_entity_src_gen.host_org_species                   ? 
_entity_src_gen.pdbx_host_org_tissue               ? 
_entity_src_gen.pdbx_host_org_tissue_fraction      ? 
_entity_src_gen.pdbx_host_org_strain               ? 
_entity_src_gen.pdbx_host_org_variant              ? 
_entity_src_gen.pdbx_host_org_cell_line            ? 
_entity_src_gen.pdbx_host_org_atcc                 ? 
_entity_src_gen.pdbx_host_org_culture_collection   ? 
_entity_src_gen.pdbx_host_org_cell                 ? 
_entity_src_gen.pdbx_host_org_organelle            ? 
_entity_src_gen.pdbx_host_org_cellular_location    ? 
_entity_src_gen.pdbx_host_org_vector_type          ? 
_entity_src_gen.pdbx_host_org_vector               ? 
_entity_src_gen.host_org_details                   ? 
_entity_src_gen.expression_system_id               ? 
_entity_src_gen.plasmid_name                       ? 
_entity_src_gen.plasmid_details                    ? 
_entity_src_gen.pdbx_description                   ? 
# 
loop_
_chem_comp.id 
_chem_comp.type 
_chem_comp.mon_nstd_flag 
_chem_comp.name 
_chem_comp.pdbx_synonyms 
_chem_comp.formula 
_chem_comp.formula_weight 
ALA 'L-peptide linking' y ALANINE         ? 'C3 H7 N O2'     89.093  
ARG 'L-peptide linking' y ARGININE        ? 'C6 H15 N4 O2 1' 175.209 
ASN 'L-peptide linking' y ASPARAGINE      ? 'C4 H8 N2 O3'    132.118 
ASP 'L-peptide linking' y 'ASPARTIC ACID' ? 'C4 H7 N O4'     133.103 
CYS 'L-peptide linking' y CYSTEINE        ? 'C3 H7 N O2 S'   121.158 
GLN 'L-peptide linking' y GLUTAMINE       ? 'C5 H10 N2 O3'   146.144 
GLU 'L-peptide linking' y 'GLUTAMIC ACID' ? 'C5 H9 N O4'     147.129 
GLY 'peptide linking'   y GLYCINE         ? 'C2 H5 N O2'     75.067  
HIS 'L-peptide linking' y HISTIDINE       ? 'C6 H10 N3 O2 1' 156.162 
HOH non-polymer         . WATER           ? 'H2 O'           18.015  
ILE 'L-peptide linking' y ISOLEUCINE      ? 'C6 H13 N O2'    131.173 
LEU 'L-peptide linking' y LEUCINE         ? 'C6 H13 N O2'    131.173 
LYS 'L-peptide linking' y LYSINE          ? 'C6 H15 N2 O2 1' 147.195 
MET 'L-peptide linking' y METHIONINE      ? 'C5 H11 N O2 S'  149.211 
PHE 'L-peptide linking' y PHENYLALANINE   ? 'C9 H11 N O2'    165.189 
PRO 'L-peptide linking' y PROLINE         ? 'C5 H9 N O2'     115.130 
SER 'L-peptide linking' y SERINE          ? 'C3 H7 N O3'     105.093 
THR 'L-peptide linking' y THREONINE       ? 'C4 H9 N O3'     119.119 
TRP 'L-peptide linking' y TRYPTOPHAN      ? 'C11 H12 N2 O2'  204.225 
TYR 'L-peptide linking' y TYROSINE        ? 'C9 H11 N O3'    181.189 
VAL 'L-peptide linking' y VALINE          ? 'C5 H11 N O2'    117.146 
ZN  non-polymer         . 'ZINC ION'      ? 'Zn 2'           65.409  
# 
loop_
_pdbx_poly_seq_scheme.asym_id 
_pdbx_poly_seq_scheme.entity_id 
_pdbx_poly_seq_scheme.seq_id 
_pdbx_poly_seq_scheme.mon_id 
_pdbx_poly_seq_scheme.ndb_seq_num 
_pdbx_poly_seq_scheme.pdb_seq_num 
_pdbx_poly_seq_scheme.auth_seq_num 
_pdbx_poly_seq_scheme.pdb_mon_id 
_pdbx_poly_seq_scheme.auth_mon_id 
_pdbx_poly_seq_scheme.pdb_strand_id 
_pdbx_poly_seq_scheme.pdb_ins_code 
_pdbx_poly_seq_scheme.hetero 
A 1 1  GLY 1  1  1  GLY GLY A . n 
A 1 2  SER 2  2  2  SER SER A . n 
A 1 3  ARG 3  3  3  ARG ARG A . n 
A 1 4  ARG 4  4  4  ARG ARG A . n 
A 1 5  ALA 5  5  5  ALA ALA A . n 
A 1 6  SER 6  6  6  SER SER A . n 
A 1 7  VAL 7  7  7  VAL VAL A . n 
A 1 8  GLY 8  8  8  GLY GLY A . n 
A 1 9  SER 9  9  9  SER SER A . n 
A 1 10 HIS 10 10 10 HIS HIS A . n 
A 1 11 ARG 11 11 11 ARG ARG A . n 
A 1 12 PHE 12 12 12 PHE PHE A . n 
A 1 13 LYS 13 13 13 LYS LYS A . n 
A 1 14 VAL 14 14 14 VAL VAL A . n 
A 1 15 TYR 15 15 15 TYR TYR A . n 
A 1 16 ASN 16 16 16 ASN ASN A . n 
A 1 17 TYR 17 17 17 TYR TYR A . n 
A 1 18 LYS 18 18 18 LYS LYS A . n 
A 1 19 SER 19 19 19 SER SER A . n 
A 1 20 PRO 20 20 20 PRO PRO A . n 
A 1 21 THR 21 21 21 THR THR A . n 
A 1 22 PHE 22 22 22 PHE PHE A . n 
A 1 23 CYS 23 23 23 CYS CYS A . n 
A 1 24 GLU 24 24 24 GLU GLU A . n 
A 1 25 HIS 25 25 25 HIS HIS A . n 
A 1 26 CYS 26 26 26 CYS CYS A . n 
A 1 27 GLY 27 27 27 GLY GLY A . n 
A 1 28 THR 28 28 28 THR THR A . n 
A 1 29 LEU 29 29 29 LEU LEU A . n 
A 1 30 LEU 30 30 30 LEU LEU A . n 
A 1 31 TRP 31 31 31 TRP TRP A . n 
A 1 32 GLY 32 32 32 GLY GLY A . n 
A 1 33 LEU 33 33 33 LEU LEU A . n 
A 1 34 ALA 34 34 34 ALA ALA A . n 
A 1 35 ARG 35 35 35 ARG ARG A . n 
A 1 36 GLN 36 36 36 GLN GLN A . n 
A 1 37 GLY 37 37 37 GLY GLY A . n 
A 1 38 LEU 38 38 38 LEU LEU A . n 
A 1 39 LYS 39 39 39 LYS LYS A . n 
A 1 40 CYS 40 40 40 CYS CYS A . n 
A 1 41 ASP 41 41 41 ASP ASP A . n 
A 1 42 ALA 42 42 42 ALA ALA A . n 
A 1 43 CYS 43 43 43 CYS CYS A . n 
A 1 44 GLY 44 44 44 GLY GLY A . n 
A 1 45 MET 45 45 45 MET MET A . n 
A 1 46 ASN 46 46 46 ASN ASN A . n 
A 1 47 VAL 47 47 47 VAL VAL A . n 
A 1 48 HIS 48 48 48 HIS HIS A . n 
A 1 49 HIS 49 49 49 HIS HIS A . n 
A 1 50 ARG 50 50 50 ARG ARG A . n 
A 1 51 CYS 51 51 51 CYS CYS A . n 
A 1 52 GLN 52 52 52 GLN GLN A . n 
A 1 53 THR 53 53 53 THR THR A . n 
A 1 54 LYS 54 54 54 LYS LYS A . n 
A 1 55 VAL 55 55 55 VAL VAL A . n 
A 1 56 ALA 56 56 56 ALA ALA A . n 
A 1 57 ASN 57 57 57 ASN ASN A . n 
A 1 58 LEU 58 58 58 LEU LEU A . n 
A 1 59 CYS 59 59 59 CYS CYS A . n 
A 1 60 GLU 60 60 60 GLU GLU A . n 
A 1 61 PHE 61 61 61 PHE PHE A . n 
A 1 62 ILE 62 62 62 ILE ILE A . n 
A 1 63 VAL 63 63 63 VAL VAL A . n 
A 1 64 THR 64 64 64 THR THR A . n 
A 1 65 ASP 65 65 65 ASP ASP A . n 
# 
loop_
_pdbx_nonpoly_scheme.asym_id 
_pdbx_nonpoly_scheme.entity_id 
_pdbx_nonpoly_scheme.mon_id 
_pdbx_nonpoly_scheme.ndb_seq_num 
_pdbx_nonpoly_scheme.pdb_seq_num 
_pdbx_nonpoly_scheme.auth_seq_num 
_pdbx_nonpoly_scheme.pdb_mon_id 
_pdbx_nonpoly_scheme.auth_mon_id 
_pdbx_nonpoly_scheme.pdb_strand_id 
_pdbx_nonpoly_scheme.pdb_ins_code 
B 2 ZN  1   101 1   ZN  ZN  A . 
C 2 ZN  1   102 1   ZN  ZN  A . 
D 3 HOH 1   201 1   HOH HOH A . 
D 3 HOH 2   202 2   HOH HOH A . 
D 3 HOH 3   203 3   HOH HOH A . 
D 3 HOH 4   204 4   HOH HOH A . 
D 3 HOH 5   205 5   HOH HOH A . 
D 3 HOH 6   206 6   HOH HOH A . 
D 3 HOH 7   207 7   HOH HOH A . 
D 3 HOH 8   208 8   HOH HOH A . 
D 3 HOH 9   209 9   HOH HOH A . 
D 3 HOH 10  210 10  HOH HOH A . 
D 3 HOH 11  211 11  HOH HOH A . 
D 3 HOH 12  212 12  HOH HOH A . 
D 3 HOH 13  213 13  HOH HOH A . 
D 3 HOH 14  214 14  HOH HOH A . 
D 3 HOH 15  215 15  HOH HOH A . 
D 3 HOH 16  216 16  HOH HOH A . 
D 3 HOH 17  217 17  HOH HOH A . 
D 3 HOH 18  218 18  HOH HOH A . 
D 3 HOH 19  219 19  HOH HOH A . 
D 3 HOH 20  220 20  HOH HOH A . 
D 3 HOH 21  221 21  HOH HOH A . 
D 3 HOH 22  222 22  HOH HOH A . 
D 3 HOH 23  223 23  HOH HOH A . 
D 3 HOH 24  224 24  HOH HOH A . 
D 3 HOH 25  225 25  HOH HOH A . 
D 3 HOH 26  226 26  HOH HOH A . 
D 3 HOH 27  227 27  HOH HOH A . 
D 3 HOH 28  228 28  HOH HOH A . 
D 3 HOH 29  229 29  HOH HOH A . 
D 3 HOH 30  230 30  HOH HOH A . 
D 3 HOH 31  231 31  HOH HOH A . 
D 3 HOH 32  232 32  HOH HOH A . 
D 3 HOH 33  233 33  HOH HOH A . 
D 3 HOH 34  234 34  HOH HOH A . 
D 3 HOH 35  235 35  HOH HOH A . 
D 3 HOH 36  236 36  HOH HOH A . 
D 3 HOH 37  237 37  HOH HOH A . 
D 3 HOH 38  238 38  HOH HOH A . 
D 3 HOH 39  239 39  HOH HOH A . 
D 3 HOH 40  240 40  HOH HOH A . 
D 3 HOH 41  241 41  HOH HOH A . 
D 3 HOH 42  242 42  HOH HOH A . 
D 3 HOH 43  243 43  HOH HOH A . 
D 3 HOH 44  244 44  HOH HOH A . 
D 3 HOH 45  245 45  HOH HOH A . 
D 3 HOH 46  246 46  HOH HOH A . 
D 3 HOH 47  247 47  HOH HOH A . 
D 3 HOH 48  248 48  HOH HOH A . 
D 3 HOH 49  249 49  HOH HOH A . 
D 3 HOH 50  250 50  HOH HOH A . 
D 3 HOH 51  251 51  HOH HOH A . 
D 3 HOH 52  252 52  HOH HOH A . 
D 3 HOH 53  253 53  HOH HOH A . 
D 3 HOH 54  254 54  HOH HOH A . 
D 3 HOH 55  255 55  HOH HOH A . 
D 3 HOH 56  256 56  HOH HOH A . 
D 3 HOH 57  257 57  HOH HOH A . 
D 3 HOH 58  258 58  HOH HOH A . 
D 3 HOH 59  259 59  HOH HOH A . 
D 3 HOH 60  260 60  HOH HOH A . 
D 3 HOH 61  261 61  HOH HOH A . 
D 3 HOH 62  262 62  HOH HOH A . 
D 3 HOH 63  263 63  HOH HOH A . 
D 3 HOH 64  264 64  HOH HOH A . 
D 3 HOH 65  265 65  HOH HOH A . 
D 3 HOH 66  266 66  HOH HOH A . 
D 3 HOH 67  267 67  HOH HOH A . 
D 3 HOH 68  268 68  HOH HOH A . 
D 3 HOH 69  269 69  HOH HOH A . 
D 3 HOH 70  270 70  HOH HOH A . 
D 3 HOH 71  271 71  HOH HOH A . 
D 3 HOH 72  272 72  HOH HOH A . 
D 3 HOH 73  273 73  HOH HOH A . 
D 3 HOH 74  274 74  HOH HOH A . 
D 3 HOH 75  275 75  HOH HOH A . 
D 3 HOH 76  276 76  HOH HOH A . 
D 3 HOH 77  277 77  HOH HOH A . 
D 3 HOH 78  278 78  HOH HOH A . 
D 3 HOH 79  279 79  HOH HOH A . 
D 3 HOH 80  280 80  HOH HOH A . 
D 3 HOH 81  281 81  HOH HOH A . 
D 3 HOH 82  282 82  HOH HOH A . 
D 3 HOH 83  283 83  HOH HOH A . 
D 3 HOH 84  284 84  HOH HOH A . 
D 3 HOH 85  285 85  HOH HOH A . 
D 3 HOH 86  286 86  HOH HOH A . 
D 3 HOH 87  287 87  HOH HOH A . 
D 3 HOH 88  288 88  HOH HOH A . 
D 3 HOH 89  289 89  HOH HOH A . 
D 3 HOH 90  290 90  HOH HOH A . 
D 3 HOH 91  291 91  HOH HOH A . 
D 3 HOH 92  292 92  HOH HOH A . 
D 3 HOH 93  293 93  HOH HOH A . 
D 3 HOH 94  294 94  HOH HOH A . 
D 3 HOH 95  295 95  HOH HOH A . 
D 3 HOH 96  296 96  HOH HOH A . 
D 3 HOH 97  297 97  HOH HOH A . 
D 3 HOH 98  298 98  HOH HOH A . 
D 3 HOH 99  299 99  HOH HOH A . 
D 3 HOH 100 300 100 HOH HOH A . 
D 3 HOH 101 301 101 HOH HOH A . 
D 3 HOH 102 302 102 HOH HOH A . 
D 3 HOH 103 303 103 HOH HOH A . 
D 3 HOH 104 304 104 HOH HOH A . 
D 3 HOH 105 305 105 HOH HOH A . 
D 3 HOH 106 306 106 HOH HOH A . 
D 3 HOH 107 307 107 HOH HOH A . 
D 3 HOH 108 308 108 HOH HOH A . 
D 3 HOH 109 309 109 HOH HOH A . 
D 3 HOH 110 310 110 HOH HOH A . 
D 3 HOH 111 311 111 HOH HOH A . 
D 3 HOH 112 312 112 HOH HOH A . 
D 3 HOH 113 313 113 HOH HOH A . 
D 3 HOH 114 314 114 HOH HOH A . 
D 3 HOH 115 315 115 HOH HOH A . 
D 3 HOH 116 316 116 HOH HOH A . 
D 3 HOH 117 317 117 HOH HOH A . 
D 3 HOH 118 318 118 HOH HOH A . 
D 3 HOH 119 319 119 HOH HOH A . 
D 3 HOH 120 320 120 HOH HOH A . 
D 3 HOH 121 321 121 HOH HOH A . 
D 3 HOH 122 322 122 HOH HOH A . 
D 3 HOH 123 323 123 HOH HOH A . 
D 3 HOH 124 324 124 HOH HOH A . 
D 3 HOH 125 325 125 HOH HOH A . 
D 3 HOH 126 326 126 HOH HOH A . 
D 3 HOH 127 327 127 HOH HOH A . 
D 3 HOH 128 328 128 HOH HOH A . 
D 3 HOH 129 329 129 HOH HOH A . 
D 3 HOH 130 330 130 HOH HOH A . 
# 
loop_
_software.name 
_software.classification 
_software.version 
_software.citation_id 
_software.pdbx_ordinal 
CrystalClear 'data collection' .                          ? 1 
PHASER       phasing           MR                         ? 2 
PHENIX       refinement        '(phenix.refine: 1.7_650)' ? 3 
MOSFLM       'data reduction'  .                          ? 4 
SCALA        'data scaling'    .                          ? 5 
# 
_cell.entry_id           4FKD 
_cell.length_a           65.850 
_cell.length_b           65.850 
_cell.length_c           27.120 
_cell.angle_alpha        90.00 
_cell.angle_beta         90.00 
_cell.angle_gamma        120.00 
_cell.Z_PDB              6 
_cell.pdbx_unique_axis   ? 
_cell.length_a_esd       ? 
_cell.length_b_esd       ? 
_cell.length_c_esd       ? 
_cell.angle_alpha_esd    ? 
_cell.angle_beta_esd     ? 
_cell.angle_gamma_esd    ? 
# 
_symmetry.entry_id                         4FKD 
_symmetry.space_group_name_H-M             'P 61' 
_symmetry.pdbx_full_space_group_name_H-M   ? 
_symmetry.cell_setting                     ? 
_symmetry.Int_Tables_number                169 
_symmetry.space_group_name_Hall            ? 
# 
_exptl.entry_id          4FKD 
_exptl.method            'X-RAY DIFFRACTION' 
_exptl.crystals_number   1 
# 
_exptl_crystal.id                    1 
_exptl_crystal.density_meas          ? 
_exptl_crystal.density_Matthews      2.32 
_exptl_crystal.density_percent_sol   46.99 
_exptl_crystal.description           ? 
_exptl_crystal.F_000                 ? 
_exptl_crystal.preparation           ? 
# 
_exptl_crystal_grow.crystal_id      1 
_exptl_crystal_grow.method          'VAPOR DIFFUSION, HANGING DROP' 
_exptl_crystal_grow.temp            293 
_exptl_crystal_grow.temp_details    ? 
_exptl_crystal_grow.pH              7.2 
_exptl_crystal_grow.pdbx_details    
'0.1 M Lithium acetate and 20% PEG 3350, pH 7.2, VAPOR DIFFUSION, HANGING DROP, temperature 293K' 
_exptl_crystal_grow.pdbx_pH_range   ? 
# 
_diffrn.id                     1 
_diffrn.ambient_temp           77 
_diffrn.ambient_temp_details   ? 
_diffrn.crystal_id             1 
# 
_diffrn_detector.diffrn_id              1 
_diffrn_detector.detector               'IMAGE PLATE' 
_diffrn_detector.type                   'RIGAKU RAXIS HTC' 
_diffrn_detector.pdbx_collection_date   2009-11-11 
_diffrn_detector.details                ? 
# 
_diffrn_radiation.diffrn_id                        1 
_diffrn_radiation.wavelength_id                    1 
_diffrn_radiation.pdbx_monochromatic_or_laue_m_l   M 
_diffrn_radiation.monochromator                    ? 
_diffrn_radiation.pdbx_diffrn_protocol             'SINGLE WAVELENGTH' 
_diffrn_radiation.pdbx_scattering_type             x-ray 
# 
_diffrn_radiation_wavelength.id           1 
_diffrn_radiation_wavelength.wavelength   1.54178 
_diffrn_radiation_wavelength.wt           1.0 
# 
_diffrn_source.diffrn_id                   1 
_diffrn_source.source                      'ROTATING ANODE' 
_diffrn_source.type                        'RIGAKU FR-E+ SUPERBRIGHT' 
_diffrn_source.pdbx_synchrotron_site       ? 
_diffrn_source.pdbx_synchrotron_beamline   ? 
_diffrn_source.pdbx_wavelength             ? 
_diffrn_source.pdbx_wavelength_list        1.54178 
# 
_reflns.entry_id                     4FKD 
_reflns.observed_criterion_sigma_I   2.0 
_reflns.observed_criterion_sigma_F   2.0 
_reflns.d_resolution_low             28.514 
_reflns.d_resolution_high            1.63 
_reflns.number_obs                   7559 
_reflns.number_all                   ? 
_reflns.percent_possible_obs         88.39 
_reflns.pdbx_Rmerge_I_obs            0.044 
_reflns.pdbx_Rsym_value              ? 
_reflns.pdbx_netI_over_sigmaI        ? 
_reflns.B_iso_Wilson_estimate        ? 
_reflns.pdbx_redundancy              6.0 
_reflns.R_free_details               ? 
_reflns.limit_h_max                  ? 
_reflns.limit_h_min                  ? 
_reflns.limit_k_max                  ? 
_reflns.limit_k_min                  ? 
_reflns.limit_l_max                  ? 
_reflns.limit_l_min                  ? 
_reflns.observed_criterion_F_max     ? 
_reflns.observed_criterion_F_min     ? 
_reflns.pdbx_chi_squared             ? 
_reflns.pdbx_scaling_rejects         ? 
_reflns.pdbx_ordinal                 1 
_reflns.pdbx_diffrn_id               1 
# 
_reflns_shell.d_res_high             1.63 
_reflns_shell.d_res_low              1.72 
_reflns_shell.percent_possible_all   98.0 
_reflns_shell.Rmerge_I_obs           0.115 
_reflns_shell.pdbx_Rsym_value        ? 
_reflns_shell.meanI_over_sigI_obs    ? 
_reflns_shell.pdbx_redundancy        ? 
_reflns_shell.percent_possible_obs   ? 
_reflns_shell.number_unique_all      ? 
_reflns_shell.number_measured_all    ? 
_reflns_shell.number_measured_obs    ? 
_reflns_shell.number_unique_obs      ? 
_reflns_shell.pdbx_chi_squared       ? 
_reflns_shell.pdbx_ordinal           1 
_reflns_shell.pdbx_diffrn_id         1 
# 
_refine.entry_id                                 4FKD 
_refine.ls_number_reflns_obs                     7550 
_refine.ls_number_reflns_all                     ? 
_refine.pdbx_ls_sigma_I                          ? 
_refine.pdbx_ls_sigma_F                          1.38 
_refine.pdbx_data_cutoff_high_absF               ? 
_refine.pdbx_data_cutoff_low_absF                ? 
_refine.pdbx_data_cutoff_high_rms_absF           ? 
_refine.ls_d_res_low                             28.514 
_refine.ls_d_res_high                            1.633 
_refine.ls_percent_reflns_obs                    88.39 
_refine.ls_R_factor_obs                          0.1729 
_refine.ls_R_factor_all                          0.1729 
_refine.ls_R_factor_R_work                       0.1714 
_refine.ls_R_factor_R_free                       0.2042 
_refine.ls_R_factor_R_free_error                 ? 
_refine.ls_R_factor_R_free_error_details         ? 
_refine.ls_percent_reflns_R_free                 4.40 
_refine.ls_number_reflns_R_free                  332 
_refine.ls_number_parameters                     ? 
_refine.ls_number_restraints                     ? 
_refine.occupancy_min                            ? 
_refine.occupancy_max                            ? 
_refine.correlation_coeff_Fo_to_Fc               ? 
_refine.correlation_coeff_Fo_to_Fc_free          ? 
_refine.B_iso_mean                               ? 
_refine.aniso_B[1][1]                            -3.1944 
_refine.aniso_B[2][2]                            -3.1944 
_refine.aniso_B[3][3]                            6.3887 
_refine.aniso_B[1][2]                            0.0000 
_refine.aniso_B[1][3]                            0.0000 
_refine.aniso_B[2][3]                            0.0000 
_refine.solvent_model_details                    'FLAT BULK SOLVENT MODEL' 
_refine.solvent_model_param_ksol                 0.389 
_refine.solvent_model_param_bsol                 41.887 
_refine.pdbx_solvent_vdw_probe_radii             0.90 
_refine.pdbx_solvent_ion_probe_radii             ? 
_refine.pdbx_solvent_shrinkage_radii             0.61 
_refine.pdbx_ls_cross_valid_method               ? 
_refine.details                                  ? 
_refine.pdbx_starting_model                      ? 
_refine.pdbx_method_to_determine_struct          'MOLECULAR REPLACEMENT' 
_refine.pdbx_isotropic_thermal_model             ? 
_refine.pdbx_stereochemistry_target_values       ML 
_refine.pdbx_stereochem_target_val_spec_case     ? 
_refine.pdbx_R_Free_selection_details            Random 
_refine.pdbx_overall_ESU_R                       ? 
_refine.pdbx_overall_ESU_R_Free                  ? 
_refine.overall_SU_ML                            0.17 
_refine.pdbx_overall_phase_error                 24.70 
_refine.overall_SU_B                             ? 
_refine.overall_SU_R_Cruickshank_DPI             ? 
_refine.ls_redundancy_reflns_obs                 ? 
_refine.B_iso_min                                ? 
_refine.B_iso_max                                ? 
_refine.overall_SU_R_free                        ? 
_refine.ls_wR_factor_R_free                      ? 
_refine.ls_wR_factor_R_work                      ? 
_refine.overall_FOM_free_R_set                   ? 
_refine.overall_FOM_work_R_set                   ? 
_refine.pdbx_diffrn_id                           1 
_refine.pdbx_refine_id                           'X-RAY DIFFRACTION' 
_refine.pdbx_TLS_residual_ADP_flag               ? 
_refine.pdbx_overall_SU_R_free_Cruickshank_DPI   ? 
_refine.pdbx_overall_SU_R_Blow_DPI               ? 
_refine.pdbx_overall_SU_R_free_Blow_DPI          ? 
# 
_refine_hist.pdbx_refine_id                   'X-RAY DIFFRACTION' 
_refine_hist.cycle_id                         LAST 
_refine_hist.pdbx_number_atoms_protein        509 
_refine_hist.pdbx_number_atoms_nucleic_acid   0 
_refine_hist.pdbx_number_atoms_ligand         2 
_refine_hist.number_atoms_solvent             130 
_refine_hist.number_atoms_total               641 
_refine_hist.d_res_high                       1.633 
_refine_hist.d_res_low                        28.514 
# 
loop_
_refine_ls_restr.type 
_refine_ls_restr.dev_ideal 
_refine_ls_restr.dev_ideal_target 
_refine_ls_restr.weight 
_refine_ls_restr.number 
_refine_ls_restr.pdbx_restraint_function 
_refine_ls_restr.pdbx_refine_id 
f_bond_d           0.010  ? ? 532 ? 'X-RAY DIFFRACTION' 
f_angle_d          1.030  ? ? 705 ? 'X-RAY DIFFRACTION' 
f_dihedral_angle_d 11.493 ? ? 187 ? 'X-RAY DIFFRACTION' 
f_chiral_restr     0.068  ? ? 74  ? 'X-RAY DIFFRACTION' 
f_plane_restr      0.004  ? ? 90  ? 'X-RAY DIFFRACTION' 
# 
loop_
_refine_ls_shell.pdbx_total_number_of_bins_used 
_refine_ls_shell.d_res_high 
_refine_ls_shell.d_res_low 
_refine_ls_shell.number_reflns_R_work 
_refine_ls_shell.R_factor_R_work 
_refine_ls_shell.percent_reflns_obs 
_refine_ls_shell.R_factor_R_free 
_refine_ls_shell.R_factor_R_free_error 
_refine_ls_shell.percent_reflns_R_free 
_refine_ls_shell.number_reflns_R_free 
_refine_ls_shell.number_reflns_all 
_refine_ls_shell.R_factor_all 
_refine_ls_shell.number_reflns_obs 
_refine_ls_shell.redundancy_reflns_obs 
_refine_ls_shell.pdbx_refine_id 
. 1.6333 2.0576  3586 0.2067 89.00 0.2490 . . 170 . . . . 'X-RAY DIFFRACTION' 
. 2.0576 28.5182 3632 0.1580 88.00 0.1849 . . 162 . . . . 'X-RAY DIFFRACTION' 
# 
_struct.entry_id                  4FKD 
_struct.title                     
'Identification of the Activator Binding Residues in the Second Cysteine-Rich Regulatory Domain of Protein Kinase C Theta' 
_struct.pdbx_model_details        ? 
_struct.pdbx_CASP_flag            ? 
_struct.pdbx_model_type_details   ? 
# 
_struct_keywords.entry_id        4FKD 
_struct_keywords.pdbx_keywords   TRANSFERASE 
_struct_keywords.text            
'PKC theta, second cysteine rich regulatory domain, activator binding site, zinc finger, Kinase, TRANSFERASE' 
# 
loop_
_struct_asym.id 
_struct_asym.pdbx_blank_PDB_chainid_flag 
_struct_asym.pdbx_modified 
_struct_asym.entity_id 
_struct_asym.details 
A N N 1 ? 
B N N 2 ? 
C N N 2 ? 
D N N 3 ? 
# 
_struct_ref.id                         1 
_struct_ref.db_name                    UNP 
_struct_ref.db_code                    KPCT_MOUSE 
_struct_ref.pdbx_db_accession          Q02111 
_struct_ref.entity_id                  1 
_struct_ref.pdbx_seq_one_letter_code   HRFKVYNYKSPTFCEHCGTLLWGLARQGLKCDACGMNVHHRCQTKVANLC 
_struct_ref.pdbx_align_begin           232 
_struct_ref.pdbx_db_isoform            ? 
# 
_struct_ref_seq.align_id                      1 
_struct_ref_seq.ref_id                        1 
_struct_ref_seq.pdbx_PDB_id_code              4FKD 
_struct_ref_seq.pdbx_strand_id                A 
_struct_ref_seq.seq_align_beg                 10 
_struct_ref_seq.pdbx_seq_align_beg_ins_code   ? 
_struct_ref_seq.seq_align_end                 59 
_struct_ref_seq.pdbx_seq_align_end_ins_code   ? 
_struct_ref_seq.pdbx_db_accession             Q02111 
_struct_ref_seq.db_align_beg                  232 
_struct_ref_seq.pdbx_db_align_beg_ins_code    ? 
_struct_ref_seq.db_align_end                  281 
_struct_ref_seq.pdbx_db_align_end_ins_code    ? 
_struct_ref_seq.pdbx_auth_seq_align_beg       10 
_struct_ref_seq.pdbx_auth_seq_align_end       59 
# 
loop_
_struct_ref_seq_dif.align_id 
_struct_ref_seq_dif.pdbx_pdb_id_code 
_struct_ref_seq_dif.mon_id 
_struct_ref_seq_dif.pdbx_pdb_strand_id 
_struct_ref_seq_dif.seq_num 
_struct_ref_seq_dif.pdbx_pdb_ins_code 
_struct_ref_seq_dif.pdbx_seq_db_name 
_struct_ref_seq_dif.pdbx_seq_db_accession_code 
_struct_ref_seq_dif.db_mon_id 
_struct_ref_seq_dif.pdbx_seq_db_seq_num 
_struct_ref_seq_dif.details 
_struct_ref_seq_dif.pdbx_auth_seq_num 
_struct_ref_seq_dif.pdbx_ordinal 
1 4FKD GLY A 1  ? UNP Q02111 ? ? 'expression tag' 1  1  
1 4FKD SER A 2  ? UNP Q02111 ? ? 'expression tag' 2  2  
1 4FKD ARG A 3  ? UNP Q02111 ? ? 'expression tag' 3  3  
1 4FKD ARG A 4  ? UNP Q02111 ? ? 'expression tag' 4  4  
1 4FKD ALA A 5  ? UNP Q02111 ? ? 'expression tag' 5  5  
1 4FKD SER A 6  ? UNP Q02111 ? ? 'expression tag' 6  6  
1 4FKD VAL A 7  ? UNP Q02111 ? ? 'expression tag' 7  7  
1 4FKD GLY A 8  ? UNP Q02111 ? ? 'expression tag' 8  8  
1 4FKD SER A 9  ? UNP Q02111 ? ? 'expression tag' 9  9  
1 4FKD GLU A 60 ? UNP Q02111 ? ? 'expression tag' 60 10 
1 4FKD PHE A 61 ? UNP Q02111 ? ? 'expression tag' 61 11 
1 4FKD ILE A 62 ? UNP Q02111 ? ? 'expression tag' 62 12 
1 4FKD VAL A 63 ? UNP Q02111 ? ? 'expression tag' 63 13 
1 4FKD THR A 64 ? UNP Q02111 ? ? 'expression tag' 64 14 
1 4FKD ASP A 65 ? UNP Q02111 ? ? 'expression tag' 65 15 
# 
_pdbx_struct_assembly.id                   1 
_pdbx_struct_assembly.details              author_and_software_defined_assembly 
_pdbx_struct_assembly.method_details       PISA 
_pdbx_struct_assembly.oligomeric_details   monomeric 
_pdbx_struct_assembly.oligomeric_count     1 
# 
_pdbx_struct_assembly_gen.assembly_id       1 
_pdbx_struct_assembly_gen.oper_expression   1 
_pdbx_struct_assembly_gen.asym_id_list      A,B,C,D 
# 
_pdbx_struct_oper_list.id                   1 
_pdbx_struct_oper_list.type                 'identity operation' 
_pdbx_struct_oper_list.name                 1_555 
_pdbx_struct_oper_list.symmetry_operation   x,y,z 
_pdbx_struct_oper_list.matrix[1][1]         1.0000000000 
_pdbx_struct_oper_list.matrix[1][2]         0.0000000000 
_pdbx_struct_oper_list.matrix[1][3]         0.0000000000 
_pdbx_struct_oper_list.vector[1]            0.0000000000 
_pdbx_struct_oper_list.matrix[2][1]         0.0000000000 
_pdbx_struct_oper_list.matrix[2][2]         1.0000000000 
_pdbx_struct_oper_list.matrix[2][3]         0.0000000000 
_pdbx_struct_oper_list.vector[2]            0.0000000000 
_pdbx_struct_oper_list.matrix[3][1]         0.0000000000 
_pdbx_struct_oper_list.matrix[3][2]         0.0000000000 
_pdbx_struct_oper_list.matrix[3][3]         1.0000000000 
_pdbx_struct_oper_list.vector[3]            0.0000000000 
# 
_struct_biol.id        1 
_struct_biol.details   ? 
# 
_struct_conf.conf_type_id            HELX_P 
_struct_conf.id                      HELX_P1 
_struct_conf.pdbx_PDB_helix_id       1 
_struct_conf.beg_label_comp_id       HIS 
_struct_conf.beg_label_asym_id       A 
_struct_conf.beg_label_seq_id        48 
_struct_conf.pdbx_beg_PDB_ins_code   ? 
_struct_conf.end_label_comp_id       VAL 
_struct_conf.end_label_asym_id       A 
_struct_conf.end_label_seq_id        55 
_struct_conf.pdbx_end_PDB_ins_code   ? 
_struct_conf.beg_auth_comp_id        HIS 
_struct_conf.beg_auth_asym_id        A 
_struct_conf.beg_auth_seq_id         48 
_struct_conf.end_auth_comp_id        VAL 
_struct_conf.end_auth_asym_id        A 
_struct_conf.end_auth_seq_id         55 
_struct_conf.pdbx_PDB_helix_class    5 
_struct_conf.details                 ? 
_struct_conf.pdbx_PDB_helix_length   8 
# 
_struct_conf_type.id          HELX_P 
_struct_conf_type.criteria    ? 
_struct_conf_type.reference   ? 
# 
loop_
_struct_conn.id 
_struct_conn.conn_type_id 
_struct_conn.pdbx_leaving_atom_flag 
_struct_conn.pdbx_PDB_id 
_struct_conn.ptnr1_label_asym_id 
_struct_conn.ptnr1_label_comp_id 
_struct_conn.ptnr1_label_seq_id 
_struct_conn.ptnr1_label_atom_id 
_struct_conn.pdbx_ptnr1_label_alt_id 
_struct_conn.pdbx_ptnr1_PDB_ins_code 
_struct_conn.pdbx_ptnr1_standard_comp_id 
_struct_conn.ptnr1_symmetry 
_struct_conn.ptnr2_label_asym_id 
_struct_conn.ptnr2_label_comp_id 
_struct_conn.ptnr2_label_seq_id 
_struct_conn.ptnr2_label_atom_id 
_struct_conn.pdbx_ptnr2_label_alt_id 
_struct_conn.pdbx_ptnr2_PDB_ins_code 
_struct_conn.ptnr1_auth_asym_id 
_struct_conn.ptnr1_auth_comp_id 
_struct_conn.ptnr1_auth_seq_id 
_struct_conn.ptnr2_auth_asym_id 
_struct_conn.ptnr2_auth_comp_id 
_struct_conn.ptnr2_auth_seq_id 
_struct_conn.ptnr2_symmetry 
_struct_conn.pdbx_ptnr3_label_atom_id 
_struct_conn.pdbx_ptnr3_label_seq_id 
_struct_conn.pdbx_ptnr3_label_comp_id 
_struct_conn.pdbx_ptnr3_label_asym_id 
_struct_conn.pdbx_ptnr3_label_alt_id 
_struct_conn.pdbx_ptnr3_PDB_ins_code 
_struct_conn.details 
_struct_conn.pdbx_dist_value 
_struct_conn.pdbx_value_order 
_struct_conn.pdbx_role 
metalc1 metalc ? ? A HIS 10 ND1 ? ? ? 1_555 C ZN . ZN ? ? A HIS 10 A ZN 102 1_555 ? ? ? ? ? ? ? 2.170 ? ? 
metalc2 metalc ? ? A CYS 23 SG  ? ? ? 1_555 B ZN . ZN ? ? A CYS 23 A ZN 101 1_555 ? ? ? ? ? ? ? 2.395 ? ? 
metalc3 metalc ? ? A CYS 26 SG  ? ? ? 1_555 B ZN . ZN ? ? A CYS 26 A ZN 101 1_555 ? ? ? ? ? ? ? 2.371 ? ? 
metalc4 metalc ? ? A CYS 40 SG  ? ? ? 1_555 C ZN . ZN ? ? A CYS 40 A ZN 102 1_555 ? ? ? ? ? ? ? 2.352 ? ? 
metalc5 metalc ? ? A CYS 43 SG  ? ? ? 1_555 C ZN . ZN ? ? A CYS 43 A ZN 102 1_555 ? ? ? ? ? ? ? 2.391 ? ? 
metalc6 metalc ? ? A HIS 48 ND1 ? ? ? 1_555 B ZN . ZN ? ? A HIS 48 A ZN 101 1_555 ? ? ? ? ? ? ? 2.167 ? ? 
metalc7 metalc ? ? A CYS 51 SG  ? ? ? 1_555 B ZN . ZN ? ? A CYS 51 A ZN 101 1_555 ? ? ? ? ? ? ? 2.340 ? ? 
metalc8 metalc ? ? A CYS 59 SG  ? ? ? 1_555 C ZN . ZN ? ? A CYS 59 A ZN 102 1_555 ? ? ? ? ? ? ? 2.317 ? ? 
# 
_struct_conn_type.id          metalc 
_struct_conn_type.criteria    ? 
_struct_conn_type.reference   ? 
# 
loop_
_pdbx_struct_conn_angle.id 
_pdbx_struct_conn_angle.ptnr1_label_atom_id 
_pdbx_struct_conn_angle.ptnr1_label_alt_id 
_pdbx_struct_conn_angle.ptnr1_label_asym_id 
_pdbx_struct_conn_angle.ptnr1_label_comp_id 
_pdbx_struct_conn_angle.ptnr1_label_seq_id 
_pdbx_struct_conn_angle.ptnr1_auth_atom_id 
_pdbx_struct_conn_angle.ptnr1_auth_asym_id 
_pdbx_struct_conn_angle.ptnr1_auth_comp_id 
_pdbx_struct_conn_angle.ptnr1_auth_seq_id 
_pdbx_struct_conn_angle.ptnr1_PDB_ins_code 
_pdbx_struct_conn_angle.ptnr1_symmetry 
_pdbx_struct_conn_angle.ptnr2_label_atom_id 
_pdbx_struct_conn_angle.ptnr2_label_alt_id 
_pdbx_struct_conn_angle.ptnr2_label_asym_id 
_pdbx_struct_conn_angle.ptnr2_label_comp_id 
_pdbx_struct_conn_angle.ptnr2_label_seq_id 
_pdbx_struct_conn_angle.ptnr2_auth_atom_id 
_pdbx_struct_conn_angle.ptnr2_auth_asym_id 
_pdbx_struct_conn_angle.ptnr2_auth_comp_id 
_pdbx_struct_conn_angle.ptnr2_auth_seq_id 
_pdbx_struct_conn_angle.ptnr2_PDB_ins_code 
_pdbx_struct_conn_angle.ptnr2_symmetry 
_pdbx_struct_conn_angle.ptnr3_label_atom_id 
_pdbx_struct_conn_angle.ptnr3_label_alt_id 
_pdbx_struct_conn_angle.ptnr3_label_asym_id 
_pdbx_struct_conn_angle.ptnr3_label_comp_id 
_pdbx_struct_conn_angle.ptnr3_label_seq_id 
_pdbx_struct_conn_angle.ptnr3_auth_atom_id 
_pdbx_struct_conn_angle.ptnr3_auth_asym_id 
_pdbx_struct_conn_angle.ptnr3_auth_comp_id 
_pdbx_struct_conn_angle.ptnr3_auth_seq_id 
_pdbx_struct_conn_angle.ptnr3_PDB_ins_code 
_pdbx_struct_conn_angle.ptnr3_symmetry 
_pdbx_struct_conn_angle.value 
_pdbx_struct_conn_angle.value_esd 
1  ND1 ? A HIS 10 ? A HIS 10 ? 1_555 ZN ? C ZN . ? A ZN 102 ? 1_555 SG  ? A CYS 40 ? A CYS 40 ? 1_555 111.3 ? 
2  ND1 ? A HIS 10 ? A HIS 10 ? 1_555 ZN ? C ZN . ? A ZN 102 ? 1_555 SG  ? A CYS 43 ? A CYS 43 ? 1_555 104.4 ? 
3  SG  ? A CYS 40 ? A CYS 40 ? 1_555 ZN ? C ZN . ? A ZN 102 ? 1_555 SG  ? A CYS 43 ? A CYS 43 ? 1_555 108.3 ? 
4  ND1 ? A HIS 10 ? A HIS 10 ? 1_555 ZN ? C ZN . ? A ZN 102 ? 1_555 SG  ? A CYS 59 ? A CYS 59 ? 1_555 108.0 ? 
5  SG  ? A CYS 40 ? A CYS 40 ? 1_555 ZN ? C ZN . ? A ZN 102 ? 1_555 SG  ? A CYS 59 ? A CYS 59 ? 1_555 110.2 ? 
6  SG  ? A CYS 43 ? A CYS 43 ? 1_555 ZN ? C ZN . ? A ZN 102 ? 1_555 SG  ? A CYS 59 ? A CYS 59 ? 1_555 114.6 ? 
7  SG  ? A CYS 23 ? A CYS 23 ? 1_555 ZN ? B ZN . ? A ZN 101 ? 1_555 SG  ? A CYS 26 ? A CYS 26 ? 1_555 111.4 ? 
8  SG  ? A CYS 23 ? A CYS 23 ? 1_555 ZN ? B ZN . ? A ZN 101 ? 1_555 ND1 ? A HIS 48 ? A HIS 48 ? 1_555 101.0 ? 
9  SG  ? A CYS 26 ? A CYS 26 ? 1_555 ZN ? B ZN . ? A ZN 101 ? 1_555 ND1 ? A HIS 48 ? A HIS 48 ? 1_555 98.1  ? 
10 SG  ? A CYS 23 ? A CYS 23 ? 1_555 ZN ? B ZN . ? A ZN 101 ? 1_555 SG  ? A CYS 51 ? A CYS 51 ? 1_555 113.4 ? 
11 SG  ? A CYS 26 ? A CYS 26 ? 1_555 ZN ? B ZN . ? A ZN 101 ? 1_555 SG  ? A CYS 51 ? A CYS 51 ? 1_555 115.1 ? 
12 ND1 ? A HIS 48 ? A HIS 48 ? 1_555 ZN ? B ZN . ? A ZN 101 ? 1_555 SG  ? A CYS 51 ? A CYS 51 ? 1_555 116.2 ? 
# 
loop_
_struct_sheet.id 
_struct_sheet.type 
_struct_sheet.number_strands 
_struct_sheet.details 
A ? 2 ? 
B ? 3 ? 
# 
loop_
_struct_sheet_order.sheet_id 
_struct_sheet_order.range_id_1 
_struct_sheet_order.range_id_2 
_struct_sheet_order.offset 
_struct_sheet_order.sense 
A 1 2 ? anti-parallel 
B 1 2 ? anti-parallel 
B 2 3 ? anti-parallel 
# 
loop_
_struct_sheet_range.sheet_id 
_struct_sheet_range.id 
_struct_sheet_range.beg_label_comp_id 
_struct_sheet_range.beg_label_asym_id 
_struct_sheet_range.beg_label_seq_id 
_struct_sheet_range.pdbx_beg_PDB_ins_code 
_struct_sheet_range.end_label_comp_id 
_struct_sheet_range.end_label_asym_id 
_struct_sheet_range.end_label_seq_id 
_struct_sheet_range.pdbx_end_PDB_ins_code 
_struct_sheet_range.beg_auth_comp_id 
_struct_sheet_range.beg_auth_asym_id 
_struct_sheet_range.beg_auth_seq_id 
_struct_sheet_range.end_auth_comp_id 
_struct_sheet_range.end_auth_asym_id 
_struct_sheet_range.end_auth_seq_id 
A 1 SER A 2  ? VAL A 7  ? SER A 2  VAL A 7  
A 2 CYS A 59 ? THR A 64 ? CYS A 59 THR A 64 
B 1 PHE A 12 ? TYR A 15 ? PHE A 12 TYR A 15 
B 2 GLY A 37 ? CYS A 40 ? GLY A 37 CYS A 40 
B 3 ASN A 46 ? VAL A 47 ? ASN A 46 VAL A 47 
# 
loop_
_pdbx_struct_sheet_hbond.sheet_id 
_pdbx_struct_sheet_hbond.range_id_1 
_pdbx_struct_sheet_hbond.range_id_2 
_pdbx_struct_sheet_hbond.range_1_label_atom_id 
_pdbx_struct_sheet_hbond.range_1_label_comp_id 
_pdbx_struct_sheet_hbond.range_1_label_asym_id 
_pdbx_struct_sheet_hbond.range_1_label_seq_id 
_pdbx_struct_sheet_hbond.range_1_PDB_ins_code 
_pdbx_struct_sheet_hbond.range_1_auth_atom_id 
_pdbx_struct_sheet_hbond.range_1_auth_comp_id 
_pdbx_struct_sheet_hbond.range_1_auth_asym_id 
_pdbx_struct_sheet_hbond.range_1_auth_seq_id 
_pdbx_struct_sheet_hbond.range_2_label_atom_id 
_pdbx_struct_sheet_hbond.range_2_label_comp_id 
_pdbx_struct_sheet_hbond.range_2_label_asym_id 
_pdbx_struct_sheet_hbond.range_2_label_seq_id 
_pdbx_struct_sheet_hbond.range_2_PDB_ins_code 
_pdbx_struct_sheet_hbond.range_2_auth_atom_id 
_pdbx_struct_sheet_hbond.range_2_auth_comp_id 
_pdbx_struct_sheet_hbond.range_2_auth_asym_id 
_pdbx_struct_sheet_hbond.range_2_auth_seq_id 
A 1 2 N VAL A 7  ? N VAL A 7  O CYS A 59 ? O CYS A 59 
B 1 2 N LYS A 13 ? N LYS A 13 O LYS A 39 ? O LYS A 39 
B 2 3 N LEU A 38 ? N LEU A 38 O VAL A 47 ? O VAL A 47 
# 
loop_
_struct_site.id 
_struct_site.pdbx_evidence_code 
_struct_site.pdbx_auth_asym_id 
_struct_site.pdbx_auth_comp_id 
_struct_site.pdbx_auth_seq_id 
_struct_site.pdbx_auth_ins_code 
_struct_site.pdbx_num_residues 
_struct_site.details 
AC1 Software A ZN 101 ? 4 'BINDING SITE FOR RESIDUE ZN A 101' 
AC2 Software A ZN 102 ? 4 'BINDING SITE FOR RESIDUE ZN A 102' 
# 
loop_
_struct_site_gen.id 
_struct_site_gen.site_id 
_struct_site_gen.pdbx_num_res 
_struct_site_gen.label_comp_id 
_struct_site_gen.label_asym_id 
_struct_site_gen.label_seq_id 
_struct_site_gen.pdbx_auth_ins_code 
_struct_site_gen.auth_comp_id 
_struct_site_gen.auth_asym_id 
_struct_site_gen.auth_seq_id 
_struct_site_gen.label_atom_id 
_struct_site_gen.label_alt_id 
_struct_site_gen.symmetry 
_struct_site_gen.details 
1 AC1 4 CYS A 23 ? CYS A 23 . ? 1_555 ? 
2 AC1 4 CYS A 26 ? CYS A 26 . ? 1_555 ? 
3 AC1 4 HIS A 48 ? HIS A 48 . ? 1_555 ? 
4 AC1 4 CYS A 51 ? CYS A 51 . ? 1_555 ? 
5 AC2 4 HIS A 10 ? HIS A 10 . ? 1_555 ? 
6 AC2 4 CYS A 40 ? CYS A 40 . ? 1_555 ? 
7 AC2 4 CYS A 43 ? CYS A 43 . ? 1_555 ? 
8 AC2 4 CYS A 59 ? CYS A 59 . ? 1_555 ? 
# 
_pdbx_validate_close_contact.id               1 
_pdbx_validate_close_contact.PDB_model_num    1 
_pdbx_validate_close_contact.auth_atom_id_1   O 
_pdbx_validate_close_contact.auth_asym_id_1   A 
_pdbx_validate_close_contact.auth_comp_id_1   HOH 
_pdbx_validate_close_contact.auth_seq_id_1    294 
_pdbx_validate_close_contact.PDB_ins_code_1   ? 
_pdbx_validate_close_contact.label_alt_id_1   ? 
_pdbx_validate_close_contact.auth_atom_id_2   O 
_pdbx_validate_close_contact.auth_asym_id_2   A 
_pdbx_validate_close_contact.auth_comp_id_2   HOH 
_pdbx_validate_close_contact.auth_seq_id_2    312 
_pdbx_validate_close_contact.PDB_ins_code_2   ? 
_pdbx_validate_close_contact.label_alt_id_2   ? 
_pdbx_validate_close_contact.dist             2.17 
# 
loop_
_pdbx_refine_tls.pdbx_refine_id 
_pdbx_refine_tls.id 
_pdbx_refine_tls.details 
_pdbx_refine_tls.method 
_pdbx_refine_tls.origin_x 
_pdbx_refine_tls.origin_y 
_pdbx_refine_tls.origin_z 
_pdbx_refine_tls.T[1][1] 
_pdbx_refine_tls.T[2][2] 
_pdbx_refine_tls.T[3][3] 
_pdbx_refine_tls.T[1][2] 
_pdbx_refine_tls.T[1][3] 
_pdbx_refine_tls.T[2][3] 
_pdbx_refine_tls.L[1][1] 
_pdbx_refine_tls.L[2][2] 
_pdbx_refine_tls.L[3][3] 
_pdbx_refine_tls.L[1][2] 
_pdbx_refine_tls.L[1][3] 
_pdbx_refine_tls.L[2][3] 
_pdbx_refine_tls.S[1][1] 
_pdbx_refine_tls.S[1][2] 
_pdbx_refine_tls.S[1][3] 
_pdbx_refine_tls.S[2][1] 
_pdbx_refine_tls.S[2][2] 
_pdbx_refine_tls.S[2][3] 
_pdbx_refine_tls.S[3][1] 
_pdbx_refine_tls.S[3][2] 
_pdbx_refine_tls.S[3][3] 
'X-RAY DIFFRACTION' 1 ? refined -7.9024 -15.4462 1.0396  0.1047 0.1214 0.1362 -0.0308 0.0070  -0.0025 0.2910 0.1902 0.5607 0.0724 0.3687  0.1623  0.0741  -0.1729 0.0433  0.0755  -0.0171 0.0216  0.1641  -0.1003 0.0495  
'X-RAY DIFFRACTION' 2 ? refined -2.5103 4.4501   -0.2618 0.1018 0.0867 0.1110 0.0080  -0.0169 -0.0174 0.1482 0.1590 0.1272 0.0694 0.0322  -0.0283 -0.0474 -0.1299 -0.0805 -0.0974 0.0329  0.0916  0.0140  -0.1143 0.0024  
'X-RAY DIFFRACTION' 3 ? refined 3.1982  5.6842   1.6420  0.0733 0.0717 0.0815 -0.0107 -0.0052 0.0001  0.2119 0.3347 0.1231 0.0319 0.0446  0.0675  -0.0681 -0.0112 -0.0008 -0.0723 0.0351  0.0464  -0.0616 -0.0002 0.0001  
'X-RAY DIFFRACTION' 4 ? refined 0.0140  -4.9445  -2.6248 0.0892 0.1105 0.1360 -0.0146 0.0042  -0.0061 0.3151 0.2342 0.1523 0.2526 -0.0839 0.0001  -0.0242 0.0770  -0.1540 0.0523  0.0033  -0.1535 0.0210  -0.0398 -0.0386  
# 
loop_
_pdbx_refine_tls_group.pdbx_refine_id 
_pdbx_refine_tls_group.id 
_pdbx_refine_tls_group.refine_tls_id 
_pdbx_refine_tls_group.beg_auth_asym_id 
_pdbx_refine_tls_group.beg_auth_seq_id 
_pdbx_refine_tls_group.beg_label_asym_id 
_pdbx_refine_tls_group.beg_label_seq_id 
_pdbx_refine_tls_group.end_auth_asym_id 
_pdbx_refine_tls_group.end_auth_seq_id 
_pdbx_refine_tls_group.end_label_asym_id 
_pdbx_refine_tls_group.end_label_seq_id 
_pdbx_refine_tls_group.selection 
_pdbx_refine_tls_group.selection_details 
'X-RAY DIFFRACTION' 1 1 ? ? ? ? ? ? ? ? ? 
;chain 'A' and (resseq 1:7)
;
'X-RAY DIFFRACTION' 2 2 ? ? ? ? ? ? ? ? ? 
;chain 'A' and (resseq 8:20)
;
'X-RAY DIFFRACTION' 3 3 ? ? ? ? ? ? ? ? ? 
;chain 'A' and (resseq 21:48)
;
'X-RAY DIFFRACTION' 4 4 ? ? ? ? ? ? ? ? ? 
;chain 'A' and (resseq 49:65)
;
# 
loop_
_chem_comp_atom.comp_id 
_chem_comp_atom.atom_id 
_chem_comp_atom.type_symbol 
_chem_comp_atom.pdbx_aromatic_flag 
_chem_comp_atom.pdbx_stereo_config 
_chem_comp_atom.pdbx_ordinal 
ALA N    N  N N 1   
ALA CA   C  N S 2   
ALA C    C  N N 3   
ALA O    O  N N 4   
ALA CB   C  N N 5   
ALA OXT  O  N N 6   
ALA H    H  N N 7   
ALA H2   H  N N 8   
ALA HA   H  N N 9   
ALA HB1  H  N N 10  
ALA HB2  H  N N 11  
ALA HB3  H  N N 12  
ALA HXT  H  N N 13  
ARG N    N  N N 14  
ARG CA   C  N S 15  
ARG C    C  N N 16  
ARG O    O  N N 17  
ARG CB   C  N N 18  
ARG CG   C  N N 19  
ARG CD   C  N N 20  
ARG NE   N  N N 21  
ARG CZ   C  N N 22  
ARG NH1  N  N N 23  
ARG NH2  N  N N 24  
ARG OXT  O  N N 25  
ARG H    H  N N 26  
ARG H2   H  N N 27  
ARG HA   H  N N 28  
ARG HB2  H  N N 29  
ARG HB3  H  N N 30  
ARG HG2  H  N N 31  
ARG HG3  H  N N 32  
ARG HD2  H  N N 33  
ARG HD3  H  N N 34  
ARG HE   H  N N 35  
ARG HH11 H  N N 36  
ARG HH12 H  N N 37  
ARG HH21 H  N N 38  
ARG HH22 H  N N 39  
ARG HXT  H  N N 40  
ASN N    N  N N 41  
ASN CA   C  N S 42  
ASN C    C  N N 43  
ASN O    O  N N 44  
ASN CB   C  N N 45  
ASN CG   C  N N 46  
ASN OD1  O  N N 47  
ASN ND2  N  N N 48  
ASN OXT  O  N N 49  
ASN H    H  N N 50  
ASN H2   H  N N 51  
ASN HA   H  N N 52  
ASN HB2  H  N N 53  
ASN HB3  H  N N 54  
ASN HD21 H  N N 55  
ASN HD22 H  N N 56  
ASN HXT  H  N N 57  
ASP N    N  N N 58  
ASP CA   C  N S 59  
ASP C    C  N N 60  
ASP O    O  N N 61  
ASP CB   C  N N 62  
ASP CG   C  N N 63  
ASP OD1  O  N N 64  
ASP OD2  O  N N 65  
ASP OXT  O  N N 66  
ASP H    H  N N 67  
ASP H2   H  N N 68  
ASP HA   H  N N 69  
ASP HB2  H  N N 70  
ASP HB3  H  N N 71  
ASP HD2  H  N N 72  
ASP HXT  H  N N 73  
CYS N    N  N N 74  
CYS CA   C  N R 75  
CYS C    C  N N 76  
CYS O    O  N N 77  
CYS CB   C  N N 78  
CYS SG   S  N N 79  
CYS OXT  O  N N 80  
CYS H    H  N N 81  
CYS H2   H  N N 82  
CYS HA   H  N N 83  
CYS HB2  H  N N 84  
CYS HB3  H  N N 85  
CYS HG   H  N N 86  
CYS HXT  H  N N 87  
GLN N    N  N N 88  
GLN CA   C  N S 89  
GLN C    C  N N 90  
GLN O    O  N N 91  
GLN CB   C  N N 92  
GLN CG   C  N N 93  
GLN CD   C  N N 94  
GLN OE1  O  N N 95  
GLN NE2  N  N N 96  
GLN OXT  O  N N 97  
GLN H    H  N N 98  
GLN H2   H  N N 99  
GLN HA   H  N N 100 
GLN HB2  H  N N 101 
GLN HB3  H  N N 102 
GLN HG2  H  N N 103 
GLN HG3  H  N N 104 
GLN HE21 H  N N 105 
GLN HE22 H  N N 106 
GLN HXT  H  N N 107 
GLU N    N  N N 108 
GLU CA   C  N S 109 
GLU C    C  N N 110 
GLU O    O  N N 111 
GLU CB   C  N N 112 
GLU CG   C  N N 113 
GLU CD   C  N N 114 
GLU OE1  O  N N 115 
GLU OE2  O  N N 116 
GLU OXT  O  N N 117 
GLU H    H  N N 118 
GLU H2   H  N N 119 
GLU HA   H  N N 120 
GLU HB2  H  N N 121 
GLU HB3  H  N N 122 
GLU HG2  H  N N 123 
GLU HG3  H  N N 124 
GLU HE2  H  N N 125 
GLU HXT  H  N N 126 
GLY N    N  N N 127 
GLY CA   C  N N 128 
GLY C    C  N N 129 
GLY O    O  N N 130 
GLY OXT  O  N N 131 
GLY H    H  N N 132 
GLY H2   H  N N 133 
GLY HA2  H  N N 134 
GLY HA3  H  N N 135 
GLY HXT  H  N N 136 
HIS N    N  N N 137 
HIS CA   C  N S 138 
HIS C    C  N N 139 
HIS O    O  N N 140 
HIS CB   C  N N 141 
HIS CG   C  Y N 142 
HIS ND1  N  Y N 143 
HIS CD2  C  Y N 144 
HIS CE1  C  Y N 145 
HIS NE2  N  Y N 146 
HIS OXT  O  N N 147 
HIS H    H  N N 148 
HIS H2   H  N N 149 
HIS HA   H  N N 150 
HIS HB2  H  N N 151 
HIS HB3  H  N N 152 
HIS HD1  H  N N 153 
HIS HD2  H  N N 154 
HIS HE1  H  N N 155 
HIS HE2  H  N N 156 
HIS HXT  H  N N 157 
HOH O    O  N N 158 
HOH H1   H  N N 159 
HOH H2   H  N N 160 
ILE N    N  N N 161 
ILE CA   C  N S 162 
ILE C    C  N N 163 
ILE O    O  N N 164 
ILE CB   C  N S 165 
ILE CG1  C  N N 166 
ILE CG2  C  N N 167 
ILE CD1  C  N N 168 
ILE OXT  O  N N 169 
ILE H    H  N N 170 
ILE H2   H  N N 171 
ILE HA   H  N N 172 
ILE HB   H  N N 173 
ILE HG12 H  N N 174 
ILE HG13 H  N N 175 
ILE HG21 H  N N 176 
ILE HG22 H  N N 177 
ILE HG23 H  N N 178 
ILE HD11 H  N N 179 
ILE HD12 H  N N 180 
ILE HD13 H  N N 181 
ILE HXT  H  N N 182 
LEU N    N  N N 183 
LEU CA   C  N S 184 
LEU C    C  N N 185 
LEU O    O  N N 186 
LEU CB   C  N N 187 
LEU CG   C  N N 188 
LEU CD1  C  N N 189 
LEU CD2  C  N N 190 
LEU OXT  O  N N 191 
LEU H    H  N N 192 
LEU H2   H  N N 193 
LEU HA   H  N N 194 
LEU HB2  H  N N 195 
LEU HB3  H  N N 196 
LEU HG   H  N N 197 
LEU HD11 H  N N 198 
LEU HD12 H  N N 199 
LEU HD13 H  N N 200 
LEU HD21 H  N N 201 
LEU HD22 H  N N 202 
LEU HD23 H  N N 203 
LEU HXT  H  N N 204 
LYS N    N  N N 205 
LYS CA   C  N S 206 
LYS C    C  N N 207 
LYS O    O  N N 208 
LYS CB   C  N N 209 
LYS CG   C  N N 210 
LYS CD   C  N N 211 
LYS CE   C  N N 212 
LYS NZ   N  N N 213 
LYS OXT  O  N N 214 
LYS H    H  N N 215 
LYS H2   H  N N 216 
LYS HA   H  N N 217 
LYS HB2  H  N N 218 
LYS HB3  H  N N 219 
LYS HG2  H  N N 220 
LYS HG3  H  N N 221 
LYS HD2  H  N N 222 
LYS HD3  H  N N 223 
LYS HE2  H  N N 224 
LYS HE3  H  N N 225 
LYS HZ1  H  N N 226 
LYS HZ2  H  N N 227 
LYS HZ3  H  N N 228 
LYS HXT  H  N N 229 
MET N    N  N N 230 
MET CA   C  N S 231 
MET C    C  N N 232 
MET O    O  N N 233 
MET CB   C  N N 234 
MET CG   C  N N 235 
MET SD   S  N N 236 
MET CE   C  N N 237 
MET OXT  O  N N 238 
MET H    H  N N 239 
MET H2   H  N N 240 
MET HA   H  N N 241 
MET HB2  H  N N 242 
MET HB3  H  N N 243 
MET HG2  H  N N 244 
MET HG3  H  N N 245 
MET HE1  H  N N 246 
MET HE2  H  N N 247 
MET HE3  H  N N 248 
MET HXT  H  N N 249 
PHE N    N  N N 250 
PHE CA   C  N S 251 
PHE C    C  N N 252 
PHE O    O  N N 253 
PHE CB   C  N N 254 
PHE CG   C  Y N 255 
PHE CD1  C  Y N 256 
PHE CD2  C  Y N 257 
PHE CE1  C  Y N 258 
PHE CE2  C  Y N 259 
PHE CZ   C  Y N 260 
PHE OXT  O  N N 261 
PHE H    H  N N 262 
PHE H2   H  N N 263 
PHE HA   H  N N 264 
PHE HB2  H  N N 265 
PHE HB3  H  N N 266 
PHE HD1  H  N N 267 
PHE HD2  H  N N 268 
PHE HE1  H  N N 269 
PHE HE2  H  N N 270 
PHE HZ   H  N N 271 
PHE HXT  H  N N 272 
PRO N    N  N N 273 
PRO CA   C  N S 274 
PRO C    C  N N 275 
PRO O    O  N N 276 
PRO CB   C  N N 277 
PRO CG   C  N N 278 
PRO CD   C  N N 279 
PRO OXT  O  N N 280 
PRO H    H  N N 281 
PRO HA   H  N N 282 
PRO HB2  H  N N 283 
PRO HB3  H  N N 284 
PRO HG2  H  N N 285 
PRO HG3  H  N N 286 
PRO HD2  H  N N 287 
PRO HD3  H  N N 288 
PRO HXT  H  N N 289 
SER N    N  N N 290 
SER CA   C  N S 291 
SER C    C  N N 292 
SER O    O  N N 293 
SER CB   C  N N 294 
SER OG   O  N N 295 
SER OXT  O  N N 296 
SER H    H  N N 297 
SER H2   H  N N 298 
SER HA   H  N N 299 
SER HB2  H  N N 300 
SER HB3  H  N N 301 
SER HG   H  N N 302 
SER HXT  H  N N 303 
THR N    N  N N 304 
THR CA   C  N S 305 
THR C    C  N N 306 
THR O    O  N N 307 
THR CB   C  N R 308 
THR OG1  O  N N 309 
THR CG2  C  N N 310 
THR OXT  O  N N 311 
THR H    H  N N 312 
THR H2   H  N N 313 
THR HA   H  N N 314 
THR HB   H  N N 315 
THR HG1  H  N N 316 
THR HG21 H  N N 317 
THR HG22 H  N N 318 
THR HG23 H  N N 319 
THR HXT  H  N N 320 
TRP N    N  N N 321 
TRP CA   C  N S 322 
TRP C    C  N N 323 
TRP O    O  N N 324 
TRP CB   C  N N 325 
TRP CG   C  Y N 326 
TRP CD1  C  Y N 327 
TRP CD2  C  Y N 328 
TRP NE1  N  Y N 329 
TRP CE2  C  Y N 330 
TRP CE3  C  Y N 331 
TRP CZ2  C  Y N 332 
TRP CZ3  C  Y N 333 
TRP CH2  C  Y N 334 
TRP OXT  O  N N 335 
TRP H    H  N N 336 
TRP H2   H  N N 337 
TRP HA   H  N N 338 
TRP HB2  H  N N 339 
TRP HB3  H  N N 340 
TRP HD1  H  N N 341 
TRP HE1  H  N N 342 
TRP HE3  H  N N 343 
TRP HZ2  H  N N 344 
TRP HZ3  H  N N 345 
TRP HH2  H  N N 346 
TRP HXT  H  N N 347 
TYR N    N  N N 348 
TYR CA   C  N S 349 
TYR C    C  N N 350 
TYR O    O  N N 351 
TYR CB   C  N N 352 
TYR CG   C  Y N 353 
TYR CD1  C  Y N 354 
TYR CD2  C  Y N 355 
TYR CE1  C  Y N 356 
TYR CE2  C  Y N 357 
TYR CZ   C  Y N 358 
TYR OH   O  N N 359 
TYR OXT  O  N N 360 
TYR H    H  N N 361 
TYR H2   H  N N 362 
TYR HA   H  N N 363 
TYR HB2  H  N N 364 
TYR HB3  H  N N 365 
TYR HD1  H  N N 366 
TYR HD2  H  N N 367 
TYR HE1  H  N N 368 
TYR HE2  H  N N 369 
TYR HH   H  N N 370 
TYR HXT  H  N N 371 
VAL N    N  N N 372 
VAL CA   C  N S 373 
VAL C    C  N N 374 
VAL O    O  N N 375 
VAL CB   C  N N 376 
VAL CG1  C  N N 377 
VAL CG2  C  N N 378 
VAL OXT  O  N N 379 
VAL H    H  N N 380 
VAL H2   H  N N 381 
VAL HA   H  N N 382 
VAL HB   H  N N 383 
VAL HG11 H  N N 384 
VAL HG12 H  N N 385 
VAL HG13 H  N N 386 
VAL HG21 H  N N 387 
VAL HG22 H  N N 388 
VAL HG23 H  N N 389 
VAL HXT  H  N N 390 
ZN  ZN   ZN N N 391 
# 
loop_
_chem_comp_bond.comp_id 
_chem_comp_bond.atom_id_1 
_chem_comp_bond.atom_id_2 
_chem_comp_bond.value_order 
_chem_comp_bond.pdbx_aromatic_flag 
_chem_comp_bond.pdbx_stereo_config 
_chem_comp_bond.pdbx_ordinal 
ALA N   CA   sing N N 1   
ALA N   H    sing N N 2   
ALA N   H2   sing N N 3   
ALA CA  C    sing N N 4   
ALA CA  CB   sing N N 5   
ALA CA  HA   sing N N 6   
ALA C   O    doub N N 7   
ALA C   OXT  sing N N 8   
ALA CB  HB1  sing N N 9   
ALA CB  HB2  sing N N 10  
ALA CB  HB3  sing N N 11  
ALA OXT HXT  sing N N 12  
ARG N   CA   sing N N 13  
ARG N   H    sing N N 14  
ARG N   H2   sing N N 15  
ARG CA  C    sing N N 16  
ARG CA  CB   sing N N 17  
ARG CA  HA   sing N N 18  
ARG C   O    doub N N 19  
ARG C   OXT  sing N N 20  
ARG CB  CG   sing N N 21  
ARG CB  HB2  sing N N 22  
ARG CB  HB3  sing N N 23  
ARG CG  CD   sing N N 24  
ARG CG  HG2  sing N N 25  
ARG CG  HG3  sing N N 26  
ARG CD  NE   sing N N 27  
ARG CD  HD2  sing N N 28  
ARG CD  HD3  sing N N 29  
ARG NE  CZ   sing N N 30  
ARG NE  HE   sing N N 31  
ARG CZ  NH1  sing N N 32  
ARG CZ  NH2  doub N N 33  
ARG NH1 HH11 sing N N 34  
ARG NH1 HH12 sing N N 35  
ARG NH2 HH21 sing N N 36  
ARG NH2 HH22 sing N N 37  
ARG OXT HXT  sing N N 38  
ASN N   CA   sing N N 39  
ASN N   H    sing N N 40  
ASN N   H2   sing N N 41  
ASN CA  C    sing N N 42  
ASN CA  CB   sing N N 43  
ASN CA  HA   sing N N 44  
ASN C   O    doub N N 45  
ASN C   OXT  sing N N 46  
ASN CB  CG   sing N N 47  
ASN CB  HB2  sing N N 48  
ASN CB  HB3  sing N N 49  
ASN CG  OD1  doub N N 50  
ASN CG  ND2  sing N N 51  
ASN ND2 HD21 sing N N 52  
ASN ND2 HD22 sing N N 53  
ASN OXT HXT  sing N N 54  
ASP N   CA   sing N N 55  
ASP N   H    sing N N 56  
ASP N   H2   sing N N 57  
ASP CA  C    sing N N 58  
ASP CA  CB   sing N N 59  
ASP CA  HA   sing N N 60  
ASP C   O    doub N N 61  
ASP C   OXT  sing N N 62  
ASP CB  CG   sing N N 63  
ASP CB  HB2  sing N N 64  
ASP CB  HB3  sing N N 65  
ASP CG  OD1  doub N N 66  
ASP CG  OD2  sing N N 67  
ASP OD2 HD2  sing N N 68  
ASP OXT HXT  sing N N 69  
CYS N   CA   sing N N 70  
CYS N   H    sing N N 71  
CYS N   H2   sing N N 72  
CYS CA  C    sing N N 73  
CYS CA  CB   sing N N 74  
CYS CA  HA   sing N N 75  
CYS C   O    doub N N 76  
CYS C   OXT  sing N N 77  
CYS CB  SG   sing N N 78  
CYS CB  HB2  sing N N 79  
CYS CB  HB3  sing N N 80  
CYS SG  HG   sing N N 81  
CYS OXT HXT  sing N N 82  
GLN N   CA   sing N N 83  
GLN N   H    sing N N 84  
GLN N   H2   sing N N 85  
GLN CA  C    sing N N 86  
GLN CA  CB   sing N N 87  
GLN CA  HA   sing N N 88  
GLN C   O    doub N N 89  
GLN C   OXT  sing N N 90  
GLN CB  CG   sing N N 91  
GLN CB  HB2  sing N N 92  
GLN CB  HB3  sing N N 93  
GLN CG  CD   sing N N 94  
GLN CG  HG2  sing N N 95  
GLN CG  HG3  sing N N 96  
GLN CD  OE1  doub N N 97  
GLN CD  NE2  sing N N 98  
GLN NE2 HE21 sing N N 99  
GLN NE2 HE22 sing N N 100 
GLN OXT HXT  sing N N 101 
GLU N   CA   sing N N 102 
GLU N   H    sing N N 103 
GLU N   H2   sing N N 104 
GLU CA  C    sing N N 105 
GLU CA  CB   sing N N 106 
GLU CA  HA   sing N N 107 
GLU C   O    doub N N 108 
GLU C   OXT  sing N N 109 
GLU CB  CG   sing N N 110 
GLU CB  HB2  sing N N 111 
GLU CB  HB3  sing N N 112 
GLU CG  CD   sing N N 113 
GLU CG  HG2  sing N N 114 
GLU CG  HG3  sing N N 115 
GLU CD  OE1  doub N N 116 
GLU CD  OE2  sing N N 117 
GLU OE2 HE2  sing N N 118 
GLU OXT HXT  sing N N 119 
GLY N   CA   sing N N 120 
GLY N   H    sing N N 121 
GLY N   H2   sing N N 122 
GLY CA  C    sing N N 123 
GLY CA  HA2  sing N N 124 
GLY CA  HA3  sing N N 125 
GLY C   O    doub N N 126 
GLY C   OXT  sing N N 127 
GLY OXT HXT  sing N N 128 
HIS N   CA   sing N N 129 
HIS N   H    sing N N 130 
HIS N   H2   sing N N 131 
HIS CA  C    sing N N 132 
HIS CA  CB   sing N N 133 
HIS CA  HA   sing N N 134 
HIS C   O    doub N N 135 
HIS C   OXT  sing N N 136 
HIS CB  CG   sing N N 137 
HIS CB  HB2  sing N N 138 
HIS CB  HB3  sing N N 139 
HIS CG  ND1  sing Y N 140 
HIS CG  CD2  doub Y N 141 
HIS ND1 CE1  doub Y N 142 
HIS ND1 HD1  sing N N 143 
HIS CD2 NE2  sing Y N 144 
HIS CD2 HD2  sing N N 145 
HIS CE1 NE2  sing Y N 146 
HIS CE1 HE1  sing N N 147 
HIS NE2 HE2  sing N N 148 
HIS OXT HXT  sing N N 149 
HOH O   H1   sing N N 150 
HOH O   H2   sing N N 151 
ILE N   CA   sing N N 152 
ILE N   H    sing N N 153 
ILE N   H2   sing N N 154 
ILE CA  C    sing N N 155 
ILE CA  CB   sing N N 156 
ILE CA  HA   sing N N 157 
ILE C   O    doub N N 158 
ILE C   OXT  sing N N 159 
ILE CB  CG1  sing N N 160 
ILE CB  CG2  sing N N 161 
ILE CB  HB   sing N N 162 
ILE CG1 CD1  sing N N 163 
ILE CG1 HG12 sing N N 164 
ILE CG1 HG13 sing N N 165 
ILE CG2 HG21 sing N N 166 
ILE CG2 HG22 sing N N 167 
ILE CG2 HG23 sing N N 168 
ILE CD1 HD11 sing N N 169 
ILE CD1 HD12 sing N N 170 
ILE CD1 HD13 sing N N 171 
ILE OXT HXT  sing N N 172 
LEU N   CA   sing N N 173 
LEU N   H    sing N N 174 
LEU N   H2   sing N N 175 
LEU CA  C    sing N N 176 
LEU CA  CB   sing N N 177 
LEU CA  HA   sing N N 178 
LEU C   O    doub N N 179 
LEU C   OXT  sing N N 180 
LEU CB  CG   sing N N 181 
LEU CB  HB2  sing N N 182 
LEU CB  HB3  sing N N 183 
LEU CG  CD1  sing N N 184 
LEU CG  CD2  sing N N 185 
LEU CG  HG   sing N N 186 
LEU CD1 HD11 sing N N 187 
LEU CD1 HD12 sing N N 188 
LEU CD1 HD13 sing N N 189 
LEU CD2 HD21 sing N N 190 
LEU CD2 HD22 sing N N 191 
LEU CD2 HD23 sing N N 192 
LEU OXT HXT  sing N N 193 
LYS N   CA   sing N N 194 
LYS N   H    sing N N 195 
LYS N   H2   sing N N 196 
LYS CA  C    sing N N 197 
LYS CA  CB   sing N N 198 
LYS CA  HA   sing N N 199 
LYS C   O    doub N N 200 
LYS C   OXT  sing N N 201 
LYS CB  CG   sing N N 202 
LYS CB  HB2  sing N N 203 
LYS CB  HB3  sing N N 204 
LYS CG  CD   sing N N 205 
LYS CG  HG2  sing N N 206 
LYS CG  HG3  sing N N 207 
LYS CD  CE   sing N N 208 
LYS CD  HD2  sing N N 209 
LYS CD  HD3  sing N N 210 
LYS CE  NZ   sing N N 211 
LYS CE  HE2  sing N N 212 
LYS CE  HE3  sing N N 213 
LYS NZ  HZ1  sing N N 214 
LYS NZ  HZ2  sing N N 215 
LYS NZ  HZ3  sing N N 216 
LYS OXT HXT  sing N N 217 
MET N   CA   sing N N 218 
MET N   H    sing N N 219 
MET N   H2   sing N N 220 
MET CA  C    sing N N 221 
MET CA  CB   sing N N 222 
MET CA  HA   sing N N 223 
MET C   O    doub N N 224 
MET C   OXT  sing N N 225 
MET CB  CG   sing N N 226 
MET CB  HB2  sing N N 227 
MET CB  HB3  sing N N 228 
MET CG  SD   sing N N 229 
MET CG  HG2  sing N N 230 
MET CG  HG3  sing N N 231 
MET SD  CE   sing N N 232 
MET CE  HE1  sing N N 233 
MET CE  HE2  sing N N 234 
MET CE  HE3  sing N N 235 
MET OXT HXT  sing N N 236 
PHE N   CA   sing N N 237 
PHE N   H    sing N N 238 
PHE N   H2   sing N N 239 
PHE CA  C    sing N N 240 
PHE CA  CB   sing N N 241 
PHE CA  HA   sing N N 242 
PHE C   O    doub N N 243 
PHE C   OXT  sing N N 244 
PHE CB  CG   sing N N 245 
PHE CB  HB2  sing N N 246 
PHE CB  HB3  sing N N 247 
PHE CG  CD1  doub Y N 248 
PHE CG  CD2  sing Y N 249 
PHE CD1 CE1  sing Y N 250 
PHE CD1 HD1  sing N N 251 
PHE CD2 CE2  doub Y N 252 
PHE CD2 HD2  sing N N 253 
PHE CE1 CZ   doub Y N 254 
PHE CE1 HE1  sing N N 255 
PHE CE2 CZ   sing Y N 256 
PHE CE2 HE2  sing N N 257 
PHE CZ  HZ   sing N N 258 
PHE OXT HXT  sing N N 259 
PRO N   CA   sing N N 260 
PRO N   CD   sing N N 261 
PRO N   H    sing N N 262 
PRO CA  C    sing N N 263 
PRO CA  CB   sing N N 264 
PRO CA  HA   sing N N 265 
PRO C   O    doub N N 266 
PRO C   OXT  sing N N 267 
PRO CB  CG   sing N N 268 
PRO CB  HB2  sing N N 269 
PRO CB  HB3  sing N N 270 
PRO CG  CD   sing N N 271 
PRO CG  HG2  sing N N 272 
PRO CG  HG3  sing N N 273 
PRO CD  HD2  sing N N 274 
PRO CD  HD3  sing N N 275 
PRO OXT HXT  sing N N 276 
SER N   CA   sing N N 277 
SER N   H    sing N N 278 
SER N   H2   sing N N 279 
SER CA  C    sing N N 280 
SER CA  CB   sing N N 281 
SER CA  HA   sing N N 282 
SER C   O    doub N N 283 
SER C   OXT  sing N N 284 
SER CB  OG   sing N N 285 
SER CB  HB2  sing N N 286 
SER CB  HB3  sing N N 287 
SER OG  HG   sing N N 288 
SER OXT HXT  sing N N 289 
THR N   CA   sing N N 290 
THR N   H    sing N N 291 
THR N   H2   sing N N 292 
THR CA  C    sing N N 293 
THR CA  CB   sing N N 294 
THR CA  HA   sing N N 295 
THR C   O    doub N N 296 
THR C   OXT  sing N N 297 
THR CB  OG1  sing N N 298 
THR CB  CG2  sing N N 299 
THR CB  HB   sing N N 300 
THR OG1 HG1  sing N N 301 
THR CG2 HG21 sing N N 302 
THR CG2 HG22 sing N N 303 
THR CG2 HG23 sing N N 304 
THR OXT HXT  sing N N 305 
TRP N   CA   sing N N 306 
TRP N   H    sing N N 307 
TRP N   H2   sing N N 308 
TRP CA  C    sing N N 309 
TRP CA  CB   sing N N 310 
TRP CA  HA   sing N N 311 
TRP C   O    doub N N 312 
TRP C   OXT  sing N N 313 
TRP CB  CG   sing N N 314 
TRP CB  HB2  sing N N 315 
TRP CB  HB3  sing N N 316 
TRP CG  CD1  doub Y N 317 
TRP CG  CD2  sing Y N 318 
TRP CD1 NE1  sing Y N 319 
TRP CD1 HD1  sing N N 320 
TRP CD2 CE2  doub Y N 321 
TRP CD2 CE3  sing Y N 322 
TRP NE1 CE2  sing Y N 323 
TRP NE1 HE1  sing N N 324 
TRP CE2 CZ2  sing Y N 325 
TRP CE3 CZ3  doub Y N 326 
TRP CE3 HE3  sing N N 327 
TRP CZ2 CH2  doub Y N 328 
TRP CZ2 HZ2  sing N N 329 
TRP CZ3 CH2  sing Y N 330 
TRP CZ3 HZ3  sing N N 331 
TRP CH2 HH2  sing N N 332 
TRP OXT HXT  sing N N 333 
TYR N   CA   sing N N 334 
TYR N   H    sing N N 335 
TYR N   H2   sing N N 336 
TYR CA  C    sing N N 337 
TYR CA  CB   sing N N 338 
TYR CA  HA   sing N N 339 
TYR C   O    doub N N 340 
TYR C   OXT  sing N N 341 
TYR CB  CG   sing N N 342 
TYR CB  HB2  sing N N 343 
TYR CB  HB3  sing N N 344 
TYR CG  CD1  doub Y N 345 
TYR CG  CD2  sing Y N 346 
TYR CD1 CE1  sing Y N 347 
TYR CD1 HD1  sing N N 348 
TYR CD2 CE2  doub Y N 349 
TYR CD2 HD2  sing N N 350 
TYR CE1 CZ   doub Y N 351 
TYR CE1 HE1  sing N N 352 
TYR CE2 CZ   sing Y N 353 
TYR CE2 HE2  sing N N 354 
TYR CZ  OH   sing N N 355 
TYR OH  HH   sing N N 356 
TYR OXT HXT  sing N N 357 
VAL N   CA   sing N N 358 
VAL N   H    sing N N 359 
VAL N   H2   sing N N 360 
VAL CA  C    sing N N 361 
VAL CA  CB   sing N N 362 
VAL CA  HA   sing N N 363 
VAL C   O    doub N N 364 
VAL C   OXT  sing N N 365 
VAL CB  CG1  sing N N 366 
VAL CB  CG2  sing N N 367 
VAL CB  HB   sing N N 368 
VAL CG1 HG11 sing N N 369 
VAL CG1 HG12 sing N N 370 
VAL CG1 HG13 sing N N 371 
VAL CG2 HG21 sing N N 372 
VAL CG2 HG22 sing N N 373 
VAL CG2 HG23 sing N N 374 
VAL OXT HXT  sing N N 375 
# 
_atom_sites.entry_id                    4FKD 
_atom_sites.fract_transf_matrix[1][1]   -0.00957032 
_atom_sites.fract_transf_matrix[1][2]   -0.00995116 
_atom_sites.fract_transf_matrix[1][3]   -0.01081091 
_atom_sites.fract_transf_matrix[2][1]   0.00028514 
_atom_sites.fract_transf_matrix[2][2]   -0.01745976 
_atom_sites.fract_transf_matrix[2][3]   0.00159738 
_atom_sites.fract_transf_matrix[3][1]   -0.02833835 
_atom_sites.fract_transf_matrix[3][2]   0.00169001 
_atom_sites.fract_transf_matrix[3][3]   0.02353082 
_atom_sites.fract_transf_vector[1]      -0.060810 
_atom_sites.fract_transf_vector[2]      -0.390261 
_atom_sites.fract_transf_vector[3]      -0.075513 
# 
loop_
_atom_type.symbol 
C  
N  
O  
S  
ZN 
# 
loop_
_atom_site.group_PDB 
_atom_site.id 
_atom_site.type_symbol 
_atom_site.label_atom_id 
_atom_site.label_alt_id 
_atom_site.label_comp_id 
_atom_site.label_asym_id 
_atom_site.label_entity_id 
_atom_site.label_seq_id 
_atom_site.pdbx_PDB_ins_code 
_atom_site.Cartn_x 
_atom_site.Cartn_y 
_atom_site.Cartn_z 
_atom_site.occupancy 
_atom_site.B_iso_or_equiv 
_atom_site.pdbx_formal_charge 
_atom_site.auth_seq_id 
_atom_site.auth_comp_id 
_atom_site.auth_asym_id 
_atom_site.auth_atom_id 
_atom_site.pdbx_PDB_model_num 
ATOM   1   N  N   . GLY A 1 1  ? -18.135 -18.395 3.917   1.00 29.05 ? 1   GLY A N   1 
ATOM   2   C  CA  . GLY A 1 1  ? -17.143 -18.045 4.912   1.00 26.27 ? 1   GLY A CA  1 
ATOM   3   C  C   . GLY A 1 1  ? -16.157 -17.019 4.393   1.00 24.92 ? 1   GLY A C   1 
ATOM   4   O  O   . GLY A 1 1  ? -16.546 -15.984 3.846   1.00 25.16 ? 1   GLY A O   1 
ATOM   5   N  N   . SER A 1 2  ? -14.871 -17.298 4.570   1.00 23.02 ? 2   SER A N   1 
ATOM   6   C  CA  . SER A 1 2  ? -13.837 -16.381 4.103   1.00 20.92 ? 2   SER A CA  1 
ATOM   7   C  C   . SER A 1 2  ? -12.535 -17.105 3.790   1.00 17.86 ? 2   SER A C   1 
ATOM   8   O  O   . SER A 1 2  ? -12.308 -18.225 4.237   1.00 21.00 ? 2   SER A O   1 
ATOM   9   C  CB  . SER A 1 2  ? -13.589 -15.259 5.116   1.00 18.52 ? 2   SER A CB  1 
ATOM   10  O  OG  . SER A 1 2  ? -12.901 -15.748 6.241   1.00 22.74 ? 2   SER A OG  1 
ATOM   11  N  N   . ARG A 1 3  ? -11.698 -16.446 3.000   1.00 12.94 ? 3   ARG A N   1 
ATOM   12  C  CA  . ARG A 1 3  ? -10.430 -16.986 2.558   1.00 14.02 ? 3   ARG A CA  1 
ATOM   13  C  C   . ARG A 1 3  ? -9.355  -15.918 2.690   1.00 17.48 ? 3   ARG A C   1 
ATOM   14  O  O   . ARG A 1 3  ? -9.615  -14.728 2.509   1.00 16.49 ? 3   ARG A O   1 
ATOM   15  C  CB  . ARG A 1 3  ? -10.516 -17.395 1.086   1.00 14.36 ? 3   ARG A CB  1 
ATOM   16  C  CG  . ARG A 1 3  ? -11.449 -18.541 0.790   1.00 15.30 ? 3   ARG A CG  1 
ATOM   17  C  CD  . ARG A 1 3  ? -11.559 -18.748 -0.709  1.00 11.49 ? 3   ARG A CD  1 
ATOM   18  N  NE  . ARG A 1 3  ? -12.059 -17.535 -1.362  1.00 9.76  ? 3   ARG A NE  1 
ATOM   19  C  CZ  . ARG A 1 3  ? -13.329 -17.146 -1.315  1.00 13.95 ? 3   ARG A CZ  1 
ATOM   20  N  NH1 . ARG A 1 3  ? -14.221 -17.867 -0.642  1.00 13.18 ? 3   ARG A NH1 1 
ATOM   21  N  NH2 . ARG A 1 3  ? -13.707 -16.033 -1.928  1.00 11.80 ? 3   ARG A NH2 1 
ATOM   22  N  N   . ARG A 1 4  ? -8.145  -16.356 2.999   1.00 14.63 ? 4   ARG A N   1 
ATOM   23  C  CA  . ARG A 1 4  ? -6.977  -15.499 2.910   1.00 16.65 ? 4   ARG A CA  1 
ATOM   24  C  C   . ARG A 1 4  ? -6.441  -15.520 1.478   1.00 17.18 ? 4   ARG A C   1 
ATOM   25  O  O   . ARG A 1 4  ? -5.807  -16.487 1.059   1.00 21.26 ? 4   ARG A O   1 
ATOM   26  C  CB  . ARG A 1 4  ? -5.907  -15.999 3.879   1.00 22.73 ? 4   ARG A CB  1 
ATOM   27  C  CG  . ARG A 1 4  ? -6.374  -16.065 5.319   1.00 34.91 ? 4   ARG A CG  1 
ATOM   28  C  CD  . ARG A 1 4  ? -5.404  -16.868 6.174   1.00 48.04 ? 4   ARG A CD  1 
ATOM   29  N  NE  . ARG A 1 4  ? -4.051  -16.311 6.151   1.00 58.10 ? 4   ARG A NE  1 
ATOM   30  C  CZ  . ARG A 1 4  ? -2.980  -16.923 6.652   1.00 64.64 ? 4   ARG A CZ  1 
ATOM   31  N  NH1 . ARG A 1 4  ? -3.099  -18.120 7.214   1.00 66.56 ? 4   ARG A NH1 1 
ATOM   32  N  NH2 . ARG A 1 4  ? -1.787  -16.342 6.589   1.00 66.69 ? 4   ARG A NH2 1 
ATOM   33  N  N   . ALA A 1 5  ? -6.705  -14.462 0.724   1.00 10.08 ? 5   ALA A N   1 
ATOM   34  C  CA  . ALA A 1 5  ? -6.216  -14.368 -0.640  1.00 14.73 ? 5   ALA A CA  1 
ATOM   35  C  C   . ALA A 1 5  ? -4.807  -13.781 -0.696  1.00 14.70 ? 5   ALA A C   1 
ATOM   36  O  O   . ALA A 1 5  ? -4.429  -12.908 0.109   1.00 12.56 ? 5   ALA A O   1 
ATOM   37  C  CB  . ALA A 1 5  ? -7.170  -13.549 -1.497  1.00 12.55 ? 5   ALA A CB  1 
ATOM   38  N  N   . SER A 1 6  ? -4.042  -14.277 -1.659  1.00 8.79  ? 6   SER A N   1 
ATOM   39  C  CA  . SER A 1 6  ? -2.689  -13.818 -1.899  1.00 12.78 ? 6   SER A CA  1 
ATOM   40  C  C   . SER A 1 6  ? -2.529  -13.696 -3.398  1.00 13.76 ? 6   SER A C   1 
ATOM   41  O  O   . SER A 1 6  ? -2.534  -14.705 -4.118  1.00 15.50 ? 6   SER A O   1 
ATOM   42  C  CB  . SER A 1 6  ? -1.669  -14.803 -1.330  1.00 15.01 ? 6   SER A CB  1 
ATOM   43  O  OG  . SER A 1 6  ? -0.352  -14.328 -1.544  1.00 17.82 ? 6   SER A OG  1 
ATOM   44  N  N   . VAL A 1 7  ? -2.415  -12.456 -3.862  1.00 11.30 ? 7   VAL A N   1 
ATOM   45  C  CA  . VAL A 1 7  ? -2.482  -12.152 -5.290  1.00 12.44 ? 7   VAL A CA  1 
ATOM   46  C  C   . VAL A 1 7  ? -1.237  -11.414 -5.772  1.00 13.03 ? 7   VAL A C   1 
ATOM   47  O  O   . VAL A 1 7  ? -0.517  -10.799 -4.978  1.00 14.49 ? 7   VAL A O   1 
ATOM   48  C  CB  . VAL A 1 7  ? -3.745  -11.346 -5.622  1.00 14.44 ? 7   VAL A CB  1 
ATOM   49  C  CG1 . VAL A 1 7  ? -4.997  -12.080 -5.112  1.00 14.68 ? 7   VAL A CG1 1 
ATOM   50  C  CG2 . VAL A 1 7  ? -3.654  -9.928  -5.027  1.00 10.86 ? 7   VAL A CG2 1 
ATOM   51  N  N   . GLY A 1 8  ? -1.010  -11.449 -7.083  1.00 15.70 ? 8   GLY A N   1 
ATOM   52  C  CA  . GLY A 1 8  ? 0.239   -10.984 -7.656  1.00 16.80 ? 8   GLY A CA  1 
ATOM   53  C  C   . GLY A 1 8  ? 0.473   -9.483  -7.680  1.00 16.87 ? 8   GLY A C   1 
ATOM   54  O  O   . GLY A 1 8  ? 1.614   -9.032  -7.634  1.00 22.74 ? 8   GLY A O   1 
ATOM   55  N  N   . SER A 1 9  ? -0.595  -8.703  -7.759  1.00 14.75 ? 9   SER A N   1 
ATOM   56  C  CA  . SER A 1 9  ? -0.448  -7.250  -7.837  1.00 12.65 ? 9   SER A CA  1 
ATOM   57  C  C   . SER A 1 9  ? -1.317  -6.529  -6.823  1.00 10.19 ? 9   SER A C   1 
ATOM   58  O  O   . SER A 1 9  ? -2.453  -6.918  -6.583  1.00 14.84 ? 9   SER A O   1 
ATOM   59  C  CB  . SER A 1 9  ? -0.800  -6.760  -9.241  1.00 19.67 ? 9   SER A CB  1 
ATOM   60  O  OG  . SER A 1 9  ? -0.130  -7.510  -10.237 1.00 22.58 ? 9   SER A OG  1 
ATOM   61  N  N   . HIS A 1 10 ? -0.762  -5.476  -6.234  1.00 11.15 ? 10  HIS A N   1 
ATOM   62  C  CA  . HIS A 1 10 ? -1.518  -4.543  -5.400  1.00 12.12 ? 10  HIS A CA  1 
ATOM   63  C  C   . HIS A 1 10 ? -2.422  -3.661  -6.266  1.00 12.87 ? 10  HIS A C   1 
ATOM   64  O  O   . HIS A 1 10 ? -2.331  -3.685  -7.499  1.00 14.12 ? 10  HIS A O   1 
ATOM   65  C  CB  . HIS A 1 10 ? -0.570  -3.648  -4.594  1.00 10.63 ? 10  HIS A CB  1 
ATOM   66  C  CG  . HIS A 1 10 ? 0.348   -4.399  -3.681  1.00 12.25 ? 10  HIS A CG  1 
ATOM   67  N  ND1 . HIS A 1 10 ? -0.024  -4.798  -2.415  1.00 12.41 ? 10  HIS A ND1 1 
ATOM   68  C  CD2 . HIS A 1 10 ? 1.623   -4.824  -3.850  1.00 14.93 ? 10  HIS A CD2 1 
ATOM   69  C  CE1 . HIS A 1 10 ? 0.985   -5.428  -1.839  1.00 9.64  ? 10  HIS A CE1 1 
ATOM   70  N  NE2 . HIS A 1 10 ? 1.994   -5.466  -2.692  1.00 11.83 ? 10  HIS A NE2 1 
ATOM   71  N  N   . ARG A 1 11 ? -3.298  -2.898  -5.616  1.00 9.68  ? 11  ARG A N   1 
ATOM   72  C  CA  . ARG A 1 11 ? -4.107  -1.896  -6.308  1.00 9.37  ? 11  ARG A CA  1 
ATOM   73  C  C   . ARG A 1 11 ? -3.854  -0.524  -5.693  1.00 10.73 ? 11  ARG A C   1 
ATOM   74  O  O   . ARG A 1 11 ? -4.689  0.006   -4.948  1.00 11.51 ? 11  ARG A O   1 
ATOM   75  C  CB  . ARG A 1 11 ? -5.602  -2.256  -6.290  1.00 9.07  ? 11  ARG A CB  1 
ATOM   76  C  CG  . ARG A 1 11 ? -5.902  -3.597  -6.976  1.00 11.13 ? 11  ARG A CG  1 
ATOM   77  C  CD  . ARG A 1 11 ? -7.388  -3.901  -7.138  1.00 11.48 ? 11  ARG A CD  1 
ATOM   78  N  NE  . ARG A 1 11 ? -8.055  -4.276  -5.890  1.00 14.24 ? 11  ARG A NE  1 
ATOM   79  C  CZ  . ARG A 1 11 ? -8.953  -3.521  -5.265  1.00 14.06 ? 11  ARG A CZ  1 
ATOM   80  N  NH1 . ARG A 1 11 ? -9.282  -2.337  -5.761  1.00 20.20 ? 11  ARG A NH1 1 
ATOM   81  N  NH2 . ARG A 1 11 ? -9.531  -3.951  -4.151  1.00 12.97 ? 11  ARG A NH2 1 
ATOM   82  N  N   . PHE A 1 12 ? -2.693  0.046   -6.015  1.00 9.88  ? 12  PHE A N   1 
ATOM   83  C  CA  . PHE A 1 12 ? -2.280  1.340   -5.449  1.00 9.05  ? 12  PHE A CA  1 
ATOM   84  C  C   . PHE A 1 12 ? -3.056  2.566   -5.941  1.00 11.64 ? 12  PHE A C   1 
ATOM   85  O  O   . PHE A 1 12 ? -3.302  2.730   -7.141  1.00 11.92 ? 12  PHE A O   1 
ATOM   86  C  CB  . PHE A 1 12 ? -0.784  1.573   -5.681  1.00 11.66 ? 12  PHE A CB  1 
ATOM   87  C  CG  . PHE A 1 12 ? 0.100   0.692   -4.854  1.00 11.22 ? 12  PHE A CG  1 
ATOM   88  C  CD1 . PHE A 1 12 ? 0.034   0.729   -3.465  1.00 11.11 ? 12  PHE A CD1 1 
ATOM   89  C  CD2 . PHE A 1 12 ? 1.012   -0.157  -5.460  1.00 11.89 ? 12  PHE A CD2 1 
ATOM   90  C  CE1 . PHE A 1 12 ? 0.850   -0.076  -2.698  1.00 8.59  ? 12  PHE A CE1 1 
ATOM   91  C  CE2 . PHE A 1 12 ? 1.830   -0.959  -4.706  1.00 11.05 ? 12  PHE A CE2 1 
ATOM   92  C  CZ  . PHE A 1 12 ? 1.752   -0.920  -3.317  1.00 11.14 ? 12  PHE A CZ  1 
ATOM   93  N  N   . LYS A 1 13 ? -3.437  3.433   -5.003  1.00 11.99 ? 13  LYS A N   1 
ATOM   94  C  CA  . LYS A 1 13 ? -4.076  4.703   -5.355  1.00 12.61 ? 13  LYS A CA  1 
ATOM   95  C  C   . LYS A 1 13 ? -3.526  5.808   -4.446  1.00 13.03 ? 13  LYS A C   1 
ATOM   96  O  O   . LYS A 1 13 ? -3.271  5.573   -3.271  1.00 9.70  ? 13  LYS A O   1 
ATOM   97  C  CB  . LYS A 1 13 ? -5.601  4.586   -5.232  1.00 18.65 ? 13  LYS A CB  1 
ATOM   98  C  CG  . LYS A 1 13 ? -6.388  5.820   -5.700  1.00 29.17 ? 13  LYS A CG  1 
ATOM   99  C  CD  . LYS A 1 13 ? -7.903  5.564   -5.744  1.00 35.86 ? 13  LYS A CD  1 
ATOM   100 C  CE  . LYS A 1 13 ? -8.482  5.198   -4.375  1.00 37.32 ? 13  LYS A CE  1 
ATOM   101 N  NZ  . LYS A 1 13 ? -9.032  6.381   -3.648  1.00 33.58 ? 13  LYS A NZ  1 
ATOM   102 N  N   . VAL A 1 14 ? -3.324  7.007   -4.989  1.00 13.04 ? 14  VAL A N   1 
ATOM   103 C  CA  . VAL A 1 14 ? -2.822  8.120   -4.182  1.00 11.52 ? 14  VAL A CA  1 
ATOM   104 C  C   . VAL A 1 14 ? -3.708  8.305   -2.954  1.00 10.24 ? 14  VAL A C   1 
ATOM   105 O  O   . VAL A 1 14 ? -4.927  8.125   -3.013  1.00 11.83 ? 14  VAL A O   1 
ATOM   106 C  CB  . VAL A 1 14 ? -2.767  9.435   -4.986  1.00 12.58 ? 14  VAL A CB  1 
ATOM   107 C  CG1 . VAL A 1 14 ? -4.161  9.839   -5.425  1.00 17.03 ? 14  VAL A CG1 1 
ATOM   108 C  CG2 . VAL A 1 14 ? -2.108  10.542  -4.156  1.00 15.16 ? 14  VAL A CG2 1 
ATOM   109 N  N   . TYR A 1 15 ? -3.080  8.654   -1.836  1.00 9.95  ? 15  TYR A N   1 
ATOM   110 C  CA  . TYR A 1 15 ? -3.775  8.759   -0.569  1.00 10.85 ? 15  TYR A CA  1 
ATOM   111 C  C   . TYR A 1 15 ? -3.254  9.978   0.191   1.00 13.25 ? 15  TYR A C   1 
ATOM   112 O  O   . TYR A 1 15 ? -2.079  10.369  0.053   1.00 11.70 ? 15  TYR A O   1 
ATOM   113 C  CB  . TYR A 1 15 ? -3.553  7.465   0.240   1.00 12.22 ? 15  TYR A CB  1 
ATOM   114 C  CG  . TYR A 1 15 ? -4.396  7.339   1.481   1.00 11.35 ? 15  TYR A CG  1 
ATOM   115 C  CD1 . TYR A 1 15 ? -5.690  6.847   1.419   1.00 12.22 ? 15  TYR A CD1 1 
ATOM   116 C  CD2 . TYR A 1 15 ? -3.892  7.694   2.723   1.00 11.06 ? 15  TYR A CD2 1 
ATOM   117 C  CE1 . TYR A 1 15 ? -6.469  6.717   2.556   1.00 12.18 ? 15  TYR A CE1 1 
ATOM   118 C  CE2 . TYR A 1 15 ? -4.663  7.577   3.868   1.00 14.28 ? 15  TYR A CE2 1 
ATOM   119 C  CZ  . TYR A 1 15 ? -5.949  7.091   3.779   1.00 15.22 ? 15  TYR A CZ  1 
ATOM   120 O  OH  . TYR A 1 15 ? -6.709  6.976   4.913   1.00 19.07 ? 15  TYR A OH  1 
ATOM   121 N  N   . ASN A 1 16 ? -4.135  10.578  0.983   1.00 10.87 ? 16  ASN A N   1 
ATOM   122 C  CA  . ASN A 1 16 ? -3.748  11.672  1.856   1.00 11.34 ? 16  ASN A CA  1 
ATOM   123 C  C   . ASN A 1 16 ? -3.610  11.196  3.284   1.00 10.58 ? 16  ASN A C   1 
ATOM   124 O  O   . ASN A 1 16 ? -4.605  11.053  3.997   1.00 10.11 ? 16  ASN A O   1 
ATOM   125 C  CB  . ASN A 1 16 ? -4.776  12.799  1.795   1.00 14.24 ? 16  ASN A CB  1 
ATOM   126 C  CG  . ASN A 1 16 ? -4.889  13.408  0.416   1.00 15.50 ? 16  ASN A CG  1 
ATOM   127 O  OD1 . ASN A 1 16 ? -3.896  13.558  -0.302  1.00 12.20 ? 16  ASN A OD1 1 
ATOM   128 N  ND2 . ASN A 1 16 ? -6.111  13.755  0.028   1.00 27.59 ? 16  ASN A ND2 1 
ATOM   129 N  N   . TYR A 1 17 ? -2.366  10.967  3.695   1.00 10.04 ? 17  TYR A N   1 
ATOM   130 C  CA  . TYR A 1 17 ? -2.060  10.489  5.040   1.00 10.62 ? 17  TYR A CA  1 
ATOM   131 C  C   . TYR A 1 17 ? -2.280  11.596  6.066   1.00 11.36 ? 17  TYR A C   1 
ATOM   132 O  O   . TYR A 1 17 ? -2.063  12.771  5.770   1.00 10.46 ? 17  TYR A O   1 
ATOM   133 C  CB  . TYR A 1 17 ? -0.636  9.919   5.081   1.00 10.78 ? 17  TYR A CB  1 
ATOM   134 C  CG  . TYR A 1 17 ? -0.544  8.721   4.173   1.00 10.66 ? 17  TYR A CG  1 
ATOM   135 C  CD1 . TYR A 1 17 ? -0.879  7.453   4.634   1.00 9.17  ? 17  TYR A CD1 1 
ATOM   136 C  CD2 . TYR A 1 17 ? -0.187  8.863   2.838   1.00 10.82 ? 17  TYR A CD2 1 
ATOM   137 C  CE1 . TYR A 1 17 ? -0.838  6.343   3.789   1.00 10.30 ? 17  TYR A CE1 1 
ATOM   138 C  CE2 . TYR A 1 17 ? -0.149  7.768   1.983   1.00 10.65 ? 17  TYR A CE2 1 
ATOM   139 C  CZ  . TYR A 1 17 ? -0.467  6.505   2.472   1.00 10.99 ? 17  TYR A CZ  1 
ATOM   140 O  OH  . TYR A 1 17 ? -0.435  5.419   1.637   1.00 10.71 ? 17  TYR A OH  1 
ATOM   141 N  N   . LYS A 1 18 ? -2.749  11.212  7.250   1.00 13.78 ? 18  LYS A N   1 
ATOM   142 C  CA  . LYS A 1 18 ? -3.112  12.172  8.294   1.00 11.26 ? 18  LYS A CA  1 
ATOM   143 C  C   . LYS A 1 18 ? -2.100  12.156  9.435   1.00 10.88 ? 18  LYS A C   1 
ATOM   144 O  O   . LYS A 1 18 ? -2.156  13.010  10.324  1.00 12.75 ? 18  LYS A O   1 
ATOM   145 C  CB  . LYS A 1 18 ? -4.484  11.850  8.872   1.00 17.71 ? 18  LYS A CB  1 
ATOM   146 C  CG  . LYS A 1 18 ? -5.574  11.629  7.842   1.00 24.23 ? 18  LYS A CG  1 
ATOM   147 C  CD  . LYS A 1 18 ? -5.814  12.860  7.000   1.00 31.02 ? 18  LYS A CD  1 
ATOM   148 C  CE  . LYS A 1 18 ? -6.825  12.531  5.913   1.00 39.89 ? 18  LYS A CE  1 
ATOM   149 N  NZ  . LYS A 1 18 ? -7.627  11.320  6.285   1.00 45.69 ? 18  LYS A NZ  1 
ATOM   150 N  N   . SER A 1 19 ? -1.199  11.173  9.424   1.00 9.55  ? 19  SER A N   1 
ATOM   151 C  CA  . SER A 1 19 ? -0.115  11.102  10.400  1.00 12.59 ? 19  SER A CA  1 
ATOM   152 C  C   . SER A 1 19 ? 1.147   10.588  9.722   1.00 14.41 ? 19  SER A C   1 
ATOM   153 O  O   . SER A 1 19 ? 1.075   9.993   8.649   1.00 12.48 ? 19  SER A O   1 
ATOM   154 C  CB  . SER A 1 19 ? -0.483  10.182  11.566  1.00 11.22 ? 19  SER A CB  1 
ATOM   155 O  OG  . SER A 1 19 ? -1.597  10.677  12.282  1.00 12.08 ? 19  SER A OG  1 
ATOM   156 N  N   . PRO A 1 20 ? 2.314   10.805  10.345  1.00 15.04 ? 20  PRO A N   1 
ATOM   157 C  CA  . PRO A 1 20 ? 3.557   10.350  9.713   1.00 11.29 ? 20  PRO A CA  1 
ATOM   158 C  C   . PRO A 1 20 ? 3.505   8.848   9.445   1.00 12.97 ? 20  PRO A C   1 
ATOM   159 O  O   . PRO A 1 20 ? 3.269   8.046   10.355  1.00 15.16 ? 20  PRO A O   1 
ATOM   160 C  CB  . PRO A 1 20 ? 4.630   10.682  10.760  1.00 12.21 ? 20  PRO A CB  1 
ATOM   161 C  CG  . PRO A 1 20 ? 4.017   11.750  11.592  1.00 15.96 ? 20  PRO A CG  1 
ATOM   162 C  CD  . PRO A 1 20 ? 2.560   11.429  11.654  1.00 14.77 ? 20  PRO A CD  1 
ATOM   163 N  N   . THR A 1 21 ? 3.726   8.485   8.188   1.00 11.02 ? 21  THR A N   1 
ATOM   164 C  CA  . THR A 1 21 ? 3.559   7.107   7.731   1.00 10.85 ? 21  THR A CA  1 
ATOM   165 C  C   . THR A 1 21 ? 4.795   6.737   6.928   1.00 8.29  ? 21  THR A C   1 
ATOM   166 O  O   . THR A 1 21 ? 5.363   7.589   6.256   1.00 8.45  ? 21  THR A O   1 
ATOM   167 C  CB  . THR A 1 21 ? 2.300   7.000   6.843   1.00 9.89  ? 21  THR A CB  1 
ATOM   168 O  OG1 . THR A 1 21 ? 1.169   7.480   7.572   1.00 13.40 ? 21  THR A OG1 1 
ATOM   169 C  CG2 . THR A 1 21 ? 2.026   5.570   6.432   1.00 8.79  ? 21  THR A CG2 1 
ATOM   170 N  N   . PHE A 1 22 ? 5.216   5.473   7.012   1.00 7.11  ? 22  PHE A N   1 
ATOM   171 C  CA  . PHE A 1 22 ? 6.456   5.038   6.374   1.00 6.96  ? 22  PHE A CA  1 
ATOM   172 C  C   . PHE A 1 22 ? 6.228   4.090   5.215   1.00 8.99  ? 22  PHE A C   1 
ATOM   173 O  O   . PHE A 1 22 ? 5.315   3.269   5.248   1.00 10.83 ? 22  PHE A O   1 
ATOM   174 C  CB  . PHE A 1 22 ? 7.411   4.440   7.418   1.00 8.58  ? 22  PHE A CB  1 
ATOM   175 C  CG  . PHE A 1 22 ? 7.802   5.439   8.453   1.00 9.13  ? 22  PHE A CG  1 
ATOM   176 C  CD1 . PHE A 1 22 ? 6.965   5.698   9.525   1.00 11.99 ? 22  PHE A CD1 1 
ATOM   177 C  CD2 . PHE A 1 22 ? 8.957   6.187   8.310   1.00 7.99  ? 22  PHE A CD2 1 
ATOM   178 C  CE1 . PHE A 1 22 ? 7.293   6.661   10.453  1.00 9.17  ? 22  PHE A CE1 1 
ATOM   179 C  CE2 . PHE A 1 22 ? 9.279   7.152   9.230   1.00 8.93  ? 22  PHE A CE2 1 
ATOM   180 C  CZ  . PHE A 1 22 ? 8.450   7.386   10.300  1.00 9.53  ? 22  PHE A CZ  1 
ATOM   181 N  N   . CYS A 1 23 ? 7.080   4.215   4.202   1.00 9.61  ? 23  CYS A N   1 
ATOM   182 C  CA  . CYS A 1 23 ? 7.005   3.387   3.005   1.00 8.71  ? 23  CYS A CA  1 
ATOM   183 C  C   . CYS A 1 23 ? 7.326   1.940   3.296   1.00 8.07  ? 23  CYS A C   1 
ATOM   184 O  O   . CYS A 1 23 ? 8.374   1.638   3.848   1.00 12.34 ? 23  CYS A O   1 
ATOM   185 C  CB  . CYS A 1 23 ? 7.984   3.902   1.953   1.00 9.72  ? 23  CYS A CB  1 
ATOM   186 S  SG  . CYS A 1 23 ? 7.922   2.982   0.423   1.00 11.69 ? 23  CYS A SG  1 
ATOM   187 N  N   . GLU A 1 24 ? 6.431   1.043   2.895   1.00 9.76  ? 24  GLU A N   1 
ATOM   188 C  CA  . GLU A 1 24 ? 6.590   -0.387  3.163   1.00 8.24  ? 24  GLU A CA  1 
ATOM   189 C  C   . GLU A 1 24 ? 7.456   -1.125  2.122   1.00 9.03  ? 24  GLU A C   1 
ATOM   190 O  O   . GLU A 1 24 ? 7.606   -2.350  2.170   1.00 10.55 ? 24  GLU A O   1 
ATOM   191 C  CB  . GLU A 1 24 ? 5.221   -1.058  3.364   1.00 9.82  ? 24  GLU A CB  1 
ATOM   192 C  CG  . GLU A 1 24 ? 4.514   -0.558  4.625   1.00 7.95  ? 24  GLU A CG  1 
ATOM   193 C  CD  . GLU A 1 24 ? 3.080   -1.002  4.748   1.00 10.10 ? 24  GLU A CD  1 
ATOM   194 O  OE1 . GLU A 1 24 ? 2.815   -2.214  4.626   1.00 10.83 ? 24  GLU A OE1 1 
ATOM   195 O  OE2 . GLU A 1 24 ? 2.216   -0.139  4.985   1.00 11.12 ? 24  GLU A OE2 1 
ATOM   196 N  N   . HIS A 1 25 ? 8.021   -0.358  1.196   1.00 7.84  ? 25  HIS A N   1 
ATOM   197 C  CA  . HIS A 1 25 ? 9.086   -0.837  0.333   1.00 9.39  ? 25  HIS A CA  1 
ATOM   198 C  C   . HIS A 1 25 ? 10.459  -0.401  0.855   1.00 9.87  ? 25  HIS A C   1 
ATOM   199 O  O   . HIS A 1 25 ? 11.302  -1.246  1.157   1.00 13.03 ? 25  HIS A O   1 
ATOM   200 C  CB  . HIS A 1 25 ? 8.936   -0.347  -1.106  1.00 9.20  ? 25  HIS A CB  1 
ATOM   201 C  CG  . HIS A 1 25 ? 10.065  -0.784  -1.982  1.00 12.26 ? 25  HIS A CG  1 
ATOM   202 N  ND1 . HIS A 1 25 ? 10.249  -2.103  -2.349  1.00 16.11 ? 25  HIS A ND1 1 
ATOM   203 C  CD2 . HIS A 1 25 ? 11.118  -0.102  -2.484  1.00 13.76 ? 25  HIS A CD2 1 
ATOM   204 C  CE1 . HIS A 1 25 ? 11.340  -2.201  -3.085  1.00 17.66 ? 25  HIS A CE1 1 
ATOM   205 N  NE2 . HIS A 1 25 ? 11.888  -1.003  -3.179  1.00 15.63 ? 25  HIS A NE2 1 
ATOM   206 N  N   . CYS A 1 26 ? 10.673  0.913   0.968   1.00 8.83  ? 26  CYS A N   1 
ATOM   207 C  CA  . CYS A 1 26 ? 11.996  1.438   1.325   1.00 11.26 ? 26  CYS A CA  1 
ATOM   208 C  C   . CYS A 1 26 ? 12.200  1.801   2.814   1.00 13.24 ? 26  CYS A C   1 
ATOM   209 O  O   . CYS A 1 26 ? 13.348  1.960   3.261   1.00 13.69 ? 26  CYS A O   1 
ATOM   210 C  CB  . CYS A 1 26 ? 12.358  2.629   0.424   1.00 11.60 ? 26  CYS A CB  1 
ATOM   211 S  SG  . CYS A 1 26 ? 11.630  4.212   0.906   1.00 12.19 ? 26  CYS A SG  1 
ATOM   212 N  N   . GLY A 1 27 ? 11.110  1.971   3.567   1.00 11.06 ? 27  GLY A N   1 
ATOM   213 C  CA  . GLY A 1 27 ? 11.198  2.226   5.000   1.00 8.97  ? 27  GLY A CA  1 
ATOM   214 C  C   . GLY A 1 27 ? 11.095  3.689   5.425   1.00 11.49 ? 27  GLY A C   1 
ATOM   215 O  O   . GLY A 1 27 ? 10.772  3.985   6.582   1.00 14.83 ? 27  GLY A O   1 
ATOM   216 N  N   . THR A 1 28 ? 11.355  4.613   4.498   1.00 13.14 ? 28  THR A N   1 
ATOM   217 C  CA  . THR A 1 28 ? 11.420  6.037   4.850   1.00 10.81 ? 28  THR A CA  1 
ATOM   218 C  C   . THR A 1 28 ? 10.067  6.747   4.841   1.00 11.10 ? 28  THR A C   1 
ATOM   219 O  O   . THR A 1 28 ? 9.076   6.253   4.285   1.00 9.77  ? 28  THR A O   1 
ATOM   220 C  CB  . THR A 1 28 ? 12.415  6.821   3.972   1.00 13.07 ? 28  THR A CB  1 
ATOM   221 O  OG1 . THR A 1 28 ? 11.929  6.873   2.632   1.00 11.83 ? 28  THR A OG1 1 
ATOM   222 C  CG2 . THR A 1 28 ? 13.781  6.150   3.967   1.00 13.92 ? 28  THR A CG2 1 
ATOM   223 N  N   . LEU A 1 29 ? 10.044  7.909   5.486   1.00 11.03 ? 29  LEU A N   1 
ATOM   224 C  CA  . LEU A 1 29 ? 8.838   8.695   5.675   1.00 10.58 ? 29  LEU A CA  1 
ATOM   225 C  C   . LEU A 1 29 ? 8.167   9.075   4.365   1.00 10.66 ? 29  LEU A C   1 
ATOM   226 O  O   . LEU A 1 29 ? 8.838   9.497   3.421   1.00 10.44 ? 29  LEU A O   1 
ATOM   227 C  CB  . LEU A 1 29 ? 9.173   9.970   6.445   1.00 12.75 ? 29  LEU A CB  1 
ATOM   228 C  CG  . LEU A 1 29 ? 7.971   10.869  6.703   1.00 11.47 ? 29  LEU A CG  1 
ATOM   229 C  CD1 . LEU A 1 29 ? 7.075   10.230  7.749   1.00 12.27 ? 29  LEU A CD1 1 
ATOM   230 C  CD2 . LEU A 1 29 ? 8.438   12.248  7.141   1.00 11.94 ? 29  LEU A CD2 1 
ATOM   231 N  N   . LEU A 1 30 ? 6.846   8.916   4.324   1.00 8.59  ? 30  LEU A N   1 
ATOM   232 C  CA  . LEU A 1 30 ? 6.029   9.480   3.246   1.00 10.25 ? 30  LEU A CA  1 
ATOM   233 C  C   . LEU A 1 30 ? 5.801   10.955  3.563   1.00 10.34 ? 30  LEU A C   1 
ATOM   234 O  O   . LEU A 1 30 ? 4.861   11.313  4.269   1.00 11.04 ? 30  LEU A O   1 
ATOM   235 C  CB  . LEU A 1 30 ? 4.695   8.725   3.103   1.00 13.32 ? 30  LEU A CB  1 
ATOM   236 C  CG  . LEU A 1 30 ? 4.792   7.219   2.812   1.00 12.76 ? 30  LEU A CG  1 
ATOM   237 C  CD1 . LEU A 1 30 ? 3.395   6.648   2.674   1.00 14.91 ? 30  LEU A CD1 1 
ATOM   238 C  CD2 . LEU A 1 30 ? 5.625   6.918   1.572   1.00 12.24 ? 30  LEU A CD2 1 
ATOM   239 N  N   . TRP A 1 31 ? 6.682   11.801  3.043   1.00 10.01 ? 31  TRP A N   1 
ATOM   240 C  CA  . TRP A 1 31 ? 6.707   13.208  3.447   1.00 9.81  ? 31  TRP A CA  1 
ATOM   241 C  C   . TRP A 1 31 ? 5.551   14.059  2.888   1.00 7.40  ? 31  TRP A C   1 
ATOM   242 O  O   . TRP A 1 31 ? 5.103   13.851  1.766   1.00 7.50  ? 31  TRP A O   1 
ATOM   243 C  CB  . TRP A 1 31 ? 8.053   13.846  3.096   1.00 12.25 ? 31  TRP A CB  1 
ATOM   244 C  CG  . TRP A 1 31 ? 8.062   15.294  3.421   1.00 11.75 ? 31  TRP A CG  1 
ATOM   245 C  CD1 . TRP A 1 31 ? 8.340   15.861  4.630   1.00 13.14 ? 31  TRP A CD1 1 
ATOM   246 C  CD2 . TRP A 1 31 ? 7.742   16.376  2.533   1.00 14.94 ? 31  TRP A CD2 1 
ATOM   247 N  NE1 . TRP A 1 31 ? 8.226   17.232  4.547   1.00 13.33 ? 31  TRP A NE1 1 
ATOM   248 C  CE2 . TRP A 1 31 ? 7.861   17.571  3.273   1.00 13.71 ? 31  TRP A CE2 1 
ATOM   249 C  CE3 . TRP A 1 31 ? 7.368   16.445  1.186   1.00 15.84 ? 31  TRP A CE3 1 
ATOM   250 C  CZ2 . TRP A 1 31 ? 7.624   18.826  2.707   1.00 12.59 ? 31  TRP A CZ2 1 
ATOM   251 C  CZ3 . TRP A 1 31 ? 7.138   17.694  0.623   1.00 13.14 ? 31  TRP A CZ3 1 
ATOM   252 C  CH2 . TRP A 1 31 ? 7.265   18.865  1.387   1.00 13.98 ? 31  TRP A CH2 1 
ATOM   253 N  N   . GLY A 1 32 ? 5.074   15.008  3.687   1.00 11.92 ? 32  GLY A N   1 
ATOM   254 C  CA  . GLY A 1 32 ? 4.100   15.974  3.207   1.00 8.26  ? 32  GLY A CA  1 
ATOM   255 C  C   . GLY A 1 32 ? 2.793   16.059  3.982   1.00 9.44  ? 32  GLY A C   1 
ATOM   256 O  O   . GLY A 1 32 ? 2.496   15.218  4.838   1.00 13.62 ? 32  GLY A O   1 
ATOM   257 N  N   . LEU A 1 33 ? 2.015   17.093  3.677   1.00 10.22 ? 33  LEU A N   1 
ATOM   258 C  CA  . LEU A 1 33 ? 0.685   17.302  4.246   1.00 14.60 ? 33  LEU A CA  1 
ATOM   259 C  C   . LEU A 1 33 ? -0.392  16.525  3.506   1.00 15.18 ? 33  LEU A C   1 
ATOM   260 O  O   . LEU A 1 33 ? -1.466  16.275  4.053   1.00 13.65 ? 33  LEU A O   1 
ATOM   261 C  CB  . LEU A 1 33 ? 0.307   18.781  4.156   1.00 21.14 ? 33  LEU A CB  1 
ATOM   262 C  CG  . LEU A 1 33 ? 0.450   19.654  5.394   1.00 29.48 ? 33  LEU A CG  1 
ATOM   263 C  CD1 . LEU A 1 33 ? 1.806   19.443  6.032   1.00 32.75 ? 33  LEU A CD1 1 
ATOM   264 C  CD2 . LEU A 1 33 ? 0.250   21.109  5.010   1.00 31.10 ? 33  LEU A CD2 1 
ATOM   265 N  N   . ALA A 1 34 ? -0.121  16.205  2.240   1.00 15.78 ? 34  ALA A N   1 
ATOM   266 C  CA  . ALA A 1 34 ? -1.102  15.563  1.374   1.00 14.69 ? 34  ALA A CA  1 
ATOM   267 C  C   . ALA A 1 34 ? -0.413  14.868  0.212   1.00 12.34 ? 34  ALA A C   1 
ATOM   268 O  O   . ALA A 1 34 ? 0.726   15.191  -0.126  1.00 15.22 ? 34  ALA A O   1 
ATOM   269 C  CB  . ALA A 1 34 ? -2.109  16.584  0.861   1.00 15.08 ? 34  ALA A CB  1 
ATOM   270 N  N   . ARG A 1 35 ? -1.105  13.891  -0.378  1.00 12.62 ? 35  ARG A N   1 
ATOM   271 C  CA  . ARG A 1 35 ? -0.626  13.211  -1.580  1.00 13.20 ? 35  ARG A CA  1 
ATOM   272 C  C   . ARG A 1 35 ? 0.775   12.651  -1.384  1.00 10.58 ? 35  ARG A C   1 
ATOM   273 O  O   . ARG A 1 35 ? 1.588   12.631  -2.316  1.00 11.46 ? 35  ARG A O   1 
ATOM   274 C  CB  . ARG A 1 35 ? -0.665  14.174  -2.773  1.00 13.71 ? 35  ARG A CB  1 
ATOM   275 C  CG  . ARG A 1 35 ? -2.048  14.753  -3.006  1.00 19.68 ? 35  ARG A CG  1 
ATOM   276 C  CD  . ARG A 1 35 ? -2.053  15.806  -4.109  1.00 21.28 ? 35  ARG A CD  1 
ATOM   277 N  NE  . ARG A 1 35 ? -1.237  16.971  -3.770  1.00 22.76 ? 35  ARG A NE  1 
ATOM   278 C  CZ  . ARG A 1 35 ? -1.663  17.989  -3.032  1.00 25.89 ? 35  ARG A CZ  1 
ATOM   279 N  NH1 . ARG A 1 35 ? -2.903  17.987  -2.552  1.00 29.07 ? 35  ARG A NH1 1 
ATOM   280 N  NH2 . ARG A 1 35 ? -0.854  19.011  -2.771  1.00 24.95 ? 35  ARG A NH2 1 
ATOM   281 N  N   . GLN A 1 36 ? 1.039   12.164  -0.171  1.00 8.36  ? 36  GLN A N   1 
ATOM   282 C  CA  . GLN A 1 36 ? 2.388   11.778  0.235   1.00 12.27 ? 36  GLN A CA  1 
ATOM   283 C  C   . GLN A 1 36 ? 2.841   10.458  -0.371  1.00 11.30 ? 36  GLN A C   1 
ATOM   284 O  O   . GLN A 1 36 ? 4.041   10.197  -0.462  1.00 10.07 ? 36  GLN A O   1 
ATOM   285 C  CB  . GLN A 1 36 ? 2.507   11.721  1.762   1.00 11.40 ? 36  GLN A CB  1 
ATOM   286 C  CG  . GLN A 1 36 ? 2.034   12.985  2.470   1.00 10.94 ? 36  GLN A CG  1 
ATOM   287 C  CD  . GLN A 1 36 ? 0.620   12.855  3.004   1.00 12.36 ? 36  GLN A CD  1 
ATOM   288 O  OE1 . GLN A 1 36 ? -0.250  12.271  2.357   1.00 12.94 ? 36  GLN A OE1 1 
ATOM   289 N  NE2 . GLN A 1 36 ? 0.390   13.380  4.204   1.00 10.26 ? 36  GLN A NE2 1 
ATOM   290 N  N   . GLY A 1 37 ? 1.882   9.639   -0.790  1.00 12.17 ? 37  GLY A N   1 
ATOM   291 C  CA  . GLY A 1 37 ? 2.175   8.313   -1.314  1.00 10.37 ? 37  GLY A CA  1 
ATOM   292 C  C   . GLY A 1 37 ? 0.930   7.582   -1.777  1.00 10.79 ? 37  GLY A C   1 
ATOM   293 O  O   . GLY A 1 37 ? -0.124  8.194   -1.966  1.00 10.37 ? 37  GLY A O   1 
ATOM   294 N  N   . LEU A 1 38 ? 1.062   6.265   -1.937  1.00 8.20  ? 38  LEU A N   1 
ATOM   295 C  CA  . LEU A 1 38 ? 0.035   5.412   -2.514  1.00 13.12 ? 38  LEU A CA  1 
ATOM   296 C  C   . LEU A 1 38 ? -0.377  4.367   -1.490  1.00 11.65 ? 38  LEU A C   1 
ATOM   297 O  O   . LEU A 1 38 ? 0.472   3.742   -0.854  1.00 9.96  ? 38  LEU A O   1 
ATOM   298 C  CB  . LEU A 1 38 ? 0.584   4.698   -3.756  1.00 13.99 ? 38  LEU A CB  1 
ATOM   299 C  CG  . LEU A 1 38 ? 1.109   5.577   -4.896  1.00 15.76 ? 38  LEU A CG  1 
ATOM   300 C  CD1 . LEU A 1 38 ? 1.996   4.780   -5.843  1.00 18.17 ? 38  LEU A CD1 1 
ATOM   301 C  CD2 . LEU A 1 38 ? -0.052  6.218   -5.655  1.00 18.70 ? 38  LEU A CD2 1 
ATOM   302 N  N   . LYS A 1 39 ? -1.680  4.190   -1.321  1.00 12.61 ? 39  LYS A N   1 
ATOM   303 C  CA  . LYS A 1 39 ? -2.192  3.131   -0.469  1.00 9.56  ? 39  LYS A CA  1 
ATOM   304 C  C   . LYS A 1 39 ? -2.857  2.070   -1.339  1.00 11.37 ? 39  LYS A C   1 
ATOM   305 O  O   . LYS A 1 39 ? -3.637  2.400   -2.243  1.00 11.40 ? 39  LYS A O   1 
ATOM   306 C  CB  . LYS A 1 39 ? -3.194  3.675   0.546   1.00 9.77  ? 39  LYS A CB  1 
ATOM   307 C  CG  . LYS A 1 39 ? -3.837  2.590   1.399   1.00 12.13 ? 39  LYS A CG  1 
ATOM   308 C  CD  . LYS A 1 39 ? -4.847  3.140   2.414   1.00 12.93 ? 39  LYS A CD  1 
ATOM   309 C  CE  . LYS A 1 39 ? -4.167  3.796   3.620   1.00 14.04 ? 39  LYS A CE  1 
ATOM   310 N  NZ  . LYS A 1 39 ? -3.369  2.824   4.419   1.00 13.42 ? 39  LYS A NZ  1 
ATOM   311 N  N   . CYS A 1 40 ? -2.544  0.803   -1.078  1.00 9.73  ? 40  CYS A N   1 
ATOM   312 C  CA  . CYS A 1 40 ? -3.197  -0.279  -1.803  1.00 9.99  ? 40  CYS A CA  1 
ATOM   313 C  C   . CYS A 1 40 ? -4.668  -0.408  -1.372  1.00 9.17  ? 40  CYS A C   1 
ATOM   314 O  O   . CYS A 1 40 ? -4.963  -0.530  -0.179  1.00 12.25 ? 40  CYS A O   1 
ATOM   315 C  CB  . CYS A 1 40 ? -2.471  -1.607  -1.591  1.00 11.43 ? 40  CYS A CB  1 
ATOM   316 S  SG  . CYS A 1 40 ? -3.297  -2.999  -2.408  1.00 10.06 ? 40  CYS A SG  1 
ATOM   317 N  N   . ASP A 1 41 ? -5.584  -0.377  -2.340  1.00 9.47  ? 41  ASP A N   1 
ATOM   318 C  CA  . ASP A 1 41 ? -7.016  -0.473  -2.055  1.00 12.72 ? 41  ASP A CA  1 
ATOM   319 C  C   . ASP A 1 41 ? -7.389  -1.818  -1.436  1.00 12.84 ? 41  ASP A C   1 
ATOM   320 O  O   . ASP A 1 41 ? -8.389  -1.913  -0.720  1.00 14.33 ? 41  ASP A O   1 
ATOM   321 C  CB  . ASP A 1 41 ? -7.838  -0.302  -3.333  1.00 17.01 ? 41  ASP A CB  1 
ATOM   322 C  CG  . ASP A 1 41 ? -8.032  1.141   -3.719  1.00 25.08 ? 41  ASP A CG  1 
ATOM   323 O  OD1 . ASP A 1 41 ? -8.010  2.020   -2.827  1.00 21.96 ? 41  ASP A OD1 1 
ATOM   324 O  OD2 . ASP A 1 41 ? -8.231  1.391   -4.929  1.00 32.69 ? 41  ASP A OD2 1 
ATOM   325 N  N   . ALA A 1 42 ? -6.589  -2.845  -1.734  1.00 10.53 ? 42  ALA A N   1 
ATOM   326 C  CA  . ALA A 1 42 ? -6.883  -4.212  -1.318  1.00 9.15  ? 42  ALA A CA  1 
ATOM   327 C  C   . ALA A 1 42 ? -6.350  -4.566  0.071   1.00 10.21 ? 42  ALA A C   1 
ATOM   328 O  O   . ALA A 1 42 ? -7.057  -5.182  0.865   1.00 13.31 ? 42  ALA A O   1 
ATOM   329 C  CB  . ALA A 1 42 ? -6.366  -5.210  -2.363  1.00 13.13 ? 42  ALA A CB  1 
ATOM   330 N  N   . CYS A 1 43 ? -5.113  -4.168  0.367   1.00 11.24 ? 43  CYS A N   1 
ATOM   331 C  CA  . CYS A 1 43 ? -4.450  -4.598  1.606   1.00 9.34  ? 43  CYS A CA  1 
ATOM   332 C  C   . CYS A 1 43 ? -4.008  -3.452  2.536   1.00 10.97 ? 43  CYS A C   1 
ATOM   333 O  O   . CYS A 1 43 ? -3.594  -3.697  3.673   1.00 12.63 ? 43  CYS A O   1 
ATOM   334 C  CB  . CYS A 1 43 ? -3.233  -5.484  1.286   1.00 8.54  ? 43  CYS A CB  1 
ATOM   335 S  SG  . CYS A 1 43 ? -1.761  -4.584  0.739   1.00 12.32 ? 43  CYS A SG  1 
ATOM   336 N  N   . GLY A 1 44 ? -4.059  -2.215  2.052   1.00 9.83  ? 44  GLY A N   1 
ATOM   337 C  CA  . GLY A 1 44 ? -3.653  -1.080  2.869   1.00 10.07 ? 44  GLY A CA  1 
ATOM   338 C  C   . GLY A 1 44 ? -2.176  -0.684  2.810   1.00 10.35 ? 44  GLY A C   1 
ATOM   339 O  O   . GLY A 1 44 ? -1.788  0.337   3.385   1.00 9.52  ? 44  GLY A O   1 
ATOM   340 N  N   . MET A 1 45 ? -1.343  -1.482  2.136   1.00 10.30 ? 45  MET A N   1 
ATOM   341 C  CA  . MET A 1 45 ? 0.085   -1.176  2.044   1.00 11.22 ? 45  MET A CA  1 
ATOM   342 C  C   . MET A 1 45 ? 0.319   0.244   1.548   1.00 9.35  ? 45  MET A C   1 
ATOM   343 O  O   . MET A 1 45 ? -0.315  0.681   0.589   1.00 11.02 ? 45  MET A O   1 
ATOM   344 C  CB  . MET A 1 45 ? 0.787   -2.156  1.101   1.00 11.03 ? 45  MET A CB  1 
ATOM   345 C  CG  . MET A 1 45 ? 2.294   -1.967  0.982   1.00 11.76 ? 45  MET A CG  1 
ATOM   346 S  SD  . MET A 1 45 ? 2.940   -3.159  -0.191  1.00 10.46 ? 45  MET A SD  1 
ATOM   347 C  CE  . MET A 1 45 ? 4.723   -2.972  -0.043  1.00 13.70 ? 45  MET A CE  1 
ATOM   348 N  N   . ASN A 1 46 ? 1.235   0.946   2.214   1.00 6.34  ? 46  ASN A N   1 
ATOM   349 C  CA  . ASN A 1 46 ? 1.639   2.311   1.837   1.00 7.99  ? 46  ASN A CA  1 
ATOM   350 C  C   . ASN A 1 46 ? 3.048   2.368   1.260   1.00 6.61  ? 46  ASN A C   1 
ATOM   351 O  O   . ASN A 1 46 ? 4.009   1.874   1.880   1.00 6.12  ? 46  ASN A O   1 
ATOM   352 C  CB  . ASN A 1 46 ? 1.598   3.214   3.065   1.00 8.69  ? 46  ASN A CB  1 
ATOM   353 C  CG  . ASN A 1 46 ? 0.299   3.099   3.813   1.00 8.97  ? 46  ASN A CG  1 
ATOM   354 O  OD1 . ASN A 1 46 ? -0.771  3.283   3.239   1.00 10.81 ? 46  ASN A OD1 1 
ATOM   355 N  ND2 . ASN A 1 46 ? 0.375   2.745   5.089   1.00 9.75  ? 46  ASN A ND2 1 
ATOM   356 N  N   . VAL A 1 47 ? 3.179   3.002   0.093   1.00 6.49  ? 47  VAL A N   1 
ATOM   357 C  CA  . VAL A 1 47 ? 4.485   3.189   -0.526  1.00 10.58 ? 47  VAL A CA  1 
ATOM   358 C  C   . VAL A 1 47 ? 4.624   4.570   -1.137  1.00 8.05  ? 47  VAL A C   1 
ATOM   359 O  O   . VAL A 1 47 ? 3.624   5.238   -1.408  1.00 7.15  ? 47  VAL A O   1 
ATOM   360 C  CB  . VAL A 1 47 ? 4.738   2.143   -1.625  1.00 10.98 ? 47  VAL A CB  1 
ATOM   361 C  CG1 . VAL A 1 47 ? 4.606   0.721   -1.036  1.00 8.83  ? 47  VAL A CG1 1 
ATOM   362 C  CG2 . VAL A 1 47 ? 3.795   2.374   -2.809  1.00 10.16 ? 47  VAL A CG2 1 
ATOM   363 N  N   . HIS A 1 48 ? 5.865   4.989   -1.367  1.00 9.95  ? 48  HIS A N   1 
ATOM   364 C  CA  . HIS A 1 48 ? 6.137   6.202   -2.139  1.00 8.09  ? 48  HIS A CA  1 
ATOM   365 C  C   . HIS A 1 48 ? 5.695   6.024   -3.588  1.00 9.12  ? 48  HIS A C   1 
ATOM   366 O  O   . HIS A 1 48 ? 5.752   4.919   -4.123  1.00 11.30 ? 48  HIS A O   1 
ATOM   367 C  CB  . HIS A 1 48 ? 7.639   6.482   -2.174  1.00 11.76 ? 48  HIS A CB  1 
ATOM   368 C  CG  . HIS A 1 48 ? 8.197   6.992   -0.885  1.00 13.08 ? 48  HIS A CG  1 
ATOM   369 N  ND1 . HIS A 1 48 ? 9.081   6.264   -0.121  1.00 14.18 ? 48  HIS A ND1 1 
ATOM   370 C  CD2 . HIS A 1 48 ? 8.009   8.164   -0.235  1.00 13.57 ? 48  HIS A CD2 1 
ATOM   371 C  CE1 . HIS A 1 48 ? 9.409   6.962   0.954   1.00 10.31 ? 48  HIS A CE1 1 
ATOM   372 N  NE2 . HIS A 1 48 ? 8.773   8.118   0.908   1.00 12.57 ? 48  HIS A NE2 1 
ATOM   373 N  N   . HIS A 1 49 ? 5.297   7.111   -4.242  1.00 13.10 ? 49  HIS A N   1 
ATOM   374 C  CA  . HIS A 1 49 ? 5.060   7.053   -5.688  1.00 13.98 ? 49  HIS A CA  1 
ATOM   375 C  C   . HIS A 1 49 ? 6.268   6.420   -6.403  1.00 11.23 ? 49  HIS A C   1 
ATOM   376 O  O   . HIS A 1 49 ? 6.124   5.480   -7.197  1.00 14.55 ? 49  HIS A O   1 
ATOM   377 C  CB  . HIS A 1 49 ? 4.779   8.449   -6.264  1.00 14.92 ? 49  HIS A CB  1 
ATOM   378 C  CG  . HIS A 1 49 ? 3.489   9.051   -5.798  1.00 17.89 ? 49  HIS A CG  1 
ATOM   379 N  ND1 . HIS A 1 49 ? 3.387   9.800   -4.644  1.00 18.86 ? 49  HIS A ND1 1 
ATOM   380 C  CD2 . HIS A 1 49 ? 2.247   9.023   -6.337  1.00 16.97 ? 49  HIS A CD2 1 
ATOM   381 C  CE1 . HIS A 1 49 ? 2.137   10.199  -4.487  1.00 15.23 ? 49  HIS A CE1 1 
ATOM   382 N  NE2 . HIS A 1 49 ? 1.425   9.739   -5.501  1.00 21.24 ? 49  HIS A NE2 1 
ATOM   383 N  N   . ARG A 1 50 ? 7.459   6.926   -6.083  1.00 12.47 ? 50  ARG A N   1 
ATOM   384 C  CA  . ARG A 1 50 ? 8.702   6.500   -6.729  1.00 11.07 ? 50  ARG A CA  1 
ATOM   385 C  C   . ARG A 1 50 ? 9.092   5.044   -6.416  1.00 14.19 ? 50  ARG A C   1 
ATOM   386 O  O   . ARG A 1 50 ? 9.947   4.462   -7.090  1.00 17.47 ? 50  ARG A O   1 
ATOM   387 C  CB  . ARG A 1 50 ? 9.843   7.438   -6.319  1.00 14.13 ? 50  ARG A CB  1 
ATOM   388 C  CG  . ARG A 1 50 ? 10.231  7.345   -4.843  1.00 16.72 ? 50  ARG A CG  1 
ATOM   389 C  CD  . ARG A 1 50 ? 11.414  8.266   -4.518  1.00 23.73 ? 50  ARG A CD  1 
ATOM   390 N  NE  . ARG A 1 50 ? 11.963  8.046   -3.178  1.00 28.18 ? 50  ARG A NE  1 
ATOM   391 C  CZ  . ARG A 1 50 ? 11.602  8.730   -2.091  1.00 32.59 ? 50  ARG A CZ  1 
ATOM   392 N  NH1 . ARG A 1 50 ? 10.675  9.676   -2.177  1.00 33.72 ? 50  ARG A NH1 1 
ATOM   393 N  NH2 . ARG A 1 50 ? 12.169  8.468   -0.915  1.00 33.43 ? 50  ARG A NH2 1 
ATOM   394 N  N   . CYS A 1 51 ? 8.486   4.460   -5.387  1.00 11.77 ? 51  CYS A N   1 
ATOM   395 C  CA  . CYS A 1 51 ? 8.756   3.067   -5.046  1.00 12.44 ? 51  CYS A CA  1 
ATOM   396 C  C   . CYS A 1 51 ? 7.716   2.119   -5.636  1.00 13.76 ? 51  CYS A C   1 
ATOM   397 O  O   . CYS A 1 51 ? 7.883   0.904   -5.560  1.00 14.69 ? 51  CYS A O   1 
ATOM   398 C  CB  . CYS A 1 51 ? 8.806   2.863   -3.534  1.00 12.10 ? 51  CYS A CB  1 
ATOM   399 S  SG  . CYS A 1 51 ? 10.164  3.709   -2.755  1.00 13.08 ? 51  CYS A SG  1 
ATOM   400 N  N   . GLN A 1 52 ? 6.655   2.664   -6.226  1.00 14.11 ? 52  GLN A N   1 
ATOM   401 C  CA  . GLN A 1 52 ? 5.587   1.803   -6.749  1.00 14.76 ? 52  GLN A CA  1 
ATOM   402 C  C   . GLN A 1 52 ? 6.081   0.644   -7.613  1.00 13.93 ? 52  GLN A C   1 
ATOM   403 O  O   . GLN A 1 52 ? 5.698   -0.508  -7.401  1.00 17.93 ? 52  GLN A O   1 
ATOM   404 C  CB  . GLN A 1 52 ? 4.540   2.604   -7.538  1.00 17.73 ? 52  GLN A CB  1 
ATOM   405 C  CG  . GLN A 1 52 ? 3.446   1.699   -8.089  1.00 22.08 ? 52  GLN A CG  1 
ATOM   406 C  CD  . GLN A 1 52 ? 2.298   2.449   -8.724  1.00 23.31 ? 52  GLN A CD  1 
ATOM   407 O  OE1 . GLN A 1 52 ? 2.355   3.666   -8.907  1.00 21.48 ? 52  GLN A OE1 1 
ATOM   408 N  NE2 . GLN A 1 52 ? 1.233   1.716   -9.064  1.00 23.21 ? 52  GLN A NE2 1 
ATOM   409 N  N   . THR A 1 53 ? 6.894   0.955   -8.614  1.00 14.74 ? 53  THR A N   1 
ATOM   410 C  CA  . THR A 1 53 ? 7.317   -0.066  -9.577  1.00 17.32 ? 53  THR A CA  1 
ATOM   411 C  C   . THR A 1 53 ? 8.300   -1.067  -8.994  1.00 15.18 ? 53  THR A C   1 
ATOM   412 O  O   . THR A 1 53 ? 8.588   -2.084  -9.631  1.00 15.37 ? 53  THR A O   1 
ATOM   413 C  CB  . THR A 1 53 ? 7.972   0.557   -10.825 1.00 22.14 ? 53  THR A CB  1 
ATOM   414 O  OG1 . THR A 1 53 ? 9.104   1.339   -10.428 1.00 22.09 ? 53  THR A OG1 1 
ATOM   415 C  CG2 . THR A 1 53 ? 6.976   1.428   -11.574 1.00 19.97 ? 53  THR A CG2 1 
ATOM   416 N  N   . LYS A 1 54 ? 8.811   -0.781  -7.794  1.00 13.66 ? 54  LYS A N   1 
ATOM   417 C  CA  . LYS A 1 54 ? 9.790   -1.652  -7.146  1.00 15.02 ? 54  LYS A CA  1 
ATOM   418 C  C   . LYS A 1 54 ? 9.136   -2.678  -6.228  1.00 16.86 ? 54  LYS A C   1 
ATOM   419 O  O   . LYS A 1 54 ? 9.776   -3.652  -5.815  1.00 16.00 ? 54  LYS A O   1 
ATOM   420 C  CB  . LYS A 1 54 ? 10.809  -0.828  -6.356  1.00 13.59 ? 54  LYS A CB  1 
ATOM   421 C  CG  . LYS A 1 54 ? 11.542  0.195   -7.200  1.00 18.20 ? 54  LYS A CG  1 
ATOM   422 C  CD  . LYS A 1 54 ? 12.301  1.176   -6.338  1.00 20.63 ? 54  LYS A CD  1 
ATOM   423 C  CE  . LYS A 1 54 ? 12.680  2.417   -7.149  1.00 22.65 ? 54  LYS A CE  1 
ATOM   424 N  NZ  . LYS A 1 54 ? 13.661  3.309   -6.437  1.00 26.43 ? 54  LYS A NZ  1 
ATOM   425 N  N   . VAL A 1 55 ? 7.861   -2.464  -5.918  1.00 15.77 ? 55  VAL A N   1 
ATOM   426 C  CA  . VAL A 1 55 ? 7.161   -3.343  -4.992  1.00 16.92 ? 55  VAL A CA  1 
ATOM   427 C  C   . VAL A 1 55 ? 7.125   -4.757  -5.555  1.00 18.27 ? 55  VAL A C   1 
ATOM   428 O  O   . VAL A 1 55 ? 6.720   -4.968  -6.703  1.00 15.14 ? 55  VAL A O   1 
ATOM   429 C  CB  . VAL A 1 55 ? 5.721   -2.853  -4.691  1.00 13.77 ? 55  VAL A CB  1 
ATOM   430 C  CG1 . VAL A 1 55 ? 4.979   -3.857  -3.820  1.00 12.60 ? 55  VAL A CG1 1 
ATOM   431 C  CG2 . VAL A 1 55 ? 5.765   -1.488  -4.016  1.00 17.32 ? 55  VAL A CG2 1 
ATOM   432 N  N   . ALA A 1 56 ? 7.553   -5.710  -4.733  1.00 17.94 ? 56  ALA A N   1 
ATOM   433 C  CA  . ALA A 1 56 ? 7.724   -7.093  -5.166  1.00 24.28 ? 56  ALA A CA  1 
ATOM   434 C  C   . ALA A 1 56 ? 7.003   -8.120  -4.287  1.00 23.44 ? 56  ALA A C   1 
ATOM   435 O  O   . ALA A 1 56 ? 7.033   -9.319  -4.579  1.00 26.97 ? 56  ALA A O   1 
ATOM   436 C  CB  . ALA A 1 56 ? 9.211   -7.430  -5.241  1.00 27.28 ? 56  ALA A CB  1 
ATOM   437 N  N   . ASN A 1 57 ? 6.368   -7.666  -3.210  1.00 17.16 ? 57  ASN A N   1 
ATOM   438 C  CA  . ASN A 1 57 ? 5.659   -8.588  -2.324  1.00 17.98 ? 57  ASN A CA  1 
ATOM   439 C  C   . ASN A 1 57 ? 4.241   -8.925  -2.803  1.00 17.09 ? 57  ASN A C   1 
ATOM   440 O  O   . ASN A 1 57 ? 3.634   -8.163  -3.559  1.00 17.25 ? 57  ASN A O   1 
ATOM   441 C  CB  . ASN A 1 57 ? 5.652   -8.075  -0.878  1.00 17.89 ? 57  ASN A CB  1 
ATOM   442 C  CG  . ASN A 1 57 ? 4.821   -6.810  -0.697  1.00 21.21 ? 57  ASN A CG  1 
ATOM   443 O  OD1 . ASN A 1 57 ? 4.591   -6.052  -1.649  1.00 22.67 ? 57  ASN A OD1 1 
ATOM   444 N  ND2 . ASN A 1 57 ? 4.382   -6.564  0.536   1.00 17.41 ? 57  ASN A ND2 1 
ATOM   445 N  N   . LEU A 1 58 ? 3.718   -10.076 -2.382  1.00 16.88 ? 58  LEU A N   1 
ATOM   446 C  CA  . LEU A 1 58 ? 2.340   -10.425 -2.723  1.00 17.03 ? 58  LEU A CA  1 
ATOM   447 C  C   . LEU A 1 58 ? 1.333   -9.542  -1.973  1.00 14.41 ? 58  LEU A C   1 
ATOM   448 O  O   . LEU A 1 58 ? 1.608   -9.036  -0.891  1.00 15.51 ? 58  LEU A O   1 
ATOM   449 C  CB  . LEU A 1 58 ? 2.068   -11.916 -2.455  1.00 21.10 ? 58  LEU A CB  1 
ATOM   450 C  CG  . LEU A 1 58 ? 3.046   -12.872 -3.147  1.00 26.27 ? 58  LEU A CG  1 
ATOM   451 C  CD1 . LEU A 1 58 ? 2.879   -14.314 -2.669  1.00 27.97 ? 58  LEU A CD1 1 
ATOM   452 C  CD2 . LEU A 1 58 ? 2.906   -12.777 -4.665  1.00 28.64 ? 58  LEU A CD2 1 
ATOM   453 N  N   . CYS A 1 59 ? 0.159   -9.354  -2.561  1.00 13.30 ? 59  CYS A N   1 
ATOM   454 C  CA  . CYS A 1 59 ? -0.903  -8.605  -1.907  1.00 11.94 ? 59  CYS A CA  1 
ATOM   455 C  C   . CYS A 1 59 ? -1.880  -9.553  -1.213  1.00 13.06 ? 59  CYS A C   1 
ATOM   456 O  O   . CYS A 1 59 ? -2.564  -10.350 -1.859  1.00 12.56 ? 59  CYS A O   1 
ATOM   457 C  CB  . CYS A 1 59 ? -1.640  -7.730  -2.929  1.00 11.93 ? 59  CYS A CB  1 
ATOM   458 S  SG  . CYS A 1 59 ? -3.038  -6.817  -2.274  1.00 10.69 ? 59  CYS A SG  1 
ATOM   459 N  N   . GLU A 1 60 ? -1.951  -9.457  0.106   1.00 15.72 ? 60  GLU A N   1 
ATOM   460 C  CA  . GLU A 1 60 ? -2.736  -10.405 0.889   1.00 15.30 ? 60  GLU A CA  1 
ATOM   461 C  C   . GLU A 1 60 ? -3.888  -9.712  1.587   1.00 14.72 ? 60  GLU A C   1 
ATOM   462 O  O   . GLU A 1 60 ? -3.718  -8.649  2.194   1.00 18.18 ? 60  GLU A O   1 
ATOM   463 C  CB  . GLU A 1 60 ? -1.848  -11.097 1.924   1.00 17.88 ? 60  GLU A CB  1 
ATOM   464 C  CG  . GLU A 1 60 ? -0.705  -11.885 1.327   1.00 19.78 ? 60  GLU A CG  1 
ATOM   465 C  CD  . GLU A 1 60 ? 0.361   -12.236 2.360   1.00 29.68 ? 60  GLU A CD  1 
ATOM   466 O  OE1 . GLU A 1 60 ? 0.178   -11.902 3.552   1.00 29.97 ? 60  GLU A OE1 1 
ATOM   467 O  OE2 . GLU A 1 60 ? 1.382   -12.846 1.974   1.00 34.31 ? 60  GLU A OE2 1 
ATOM   468 N  N   . PHE A 1 61 ? -5.060  -10.328 1.513   1.00 13.87 ? 61  PHE A N   1 
ATOM   469 C  CA  . PHE A 1 61 ? -6.252  -9.746  2.114   1.00 12.35 ? 61  PHE A CA  1 
ATOM   470 C  C   . PHE A 1 61 ? -7.324  -10.811 2.305   1.00 14.55 ? 61  PHE A C   1 
ATOM   471 O  O   . PHE A 1 61 ? -7.299  -11.840 1.628   1.00 14.06 ? 61  PHE A O   1 
ATOM   472 C  CB  . PHE A 1 61 ? -6.794  -8.608  1.224   1.00 11.04 ? 61  PHE A CB  1 
ATOM   473 C  CG  . PHE A 1 61 ? -6.997  -9.005  -0.215  1.00 8.80  ? 61  PHE A CG  1 
ATOM   474 C  CD1 . PHE A 1 61 ? -8.186  -9.595  -0.627  1.00 9.91  ? 61  PHE A CD1 1 
ATOM   475 C  CD2 . PHE A 1 61 ? -5.998  -8.795  -1.151  1.00 14.07 ? 61  PHE A CD2 1 
ATOM   476 C  CE1 . PHE A 1 61 ? -8.379  -9.963  -1.953  1.00 13.17 ? 61  PHE A CE1 1 
ATOM   477 C  CE2 . PHE A 1 61 ? -6.178  -9.158  -2.475  1.00 13.08 ? 61  PHE A CE2 1 
ATOM   478 C  CZ  . PHE A 1 61 ? -7.377  -9.738  -2.881  1.00 14.03 ? 61  PHE A CZ  1 
ATOM   479 N  N   . ILE A 1 62 ? -8.261  -10.561 3.217   1.00 12.03 ? 62  ILE A N   1 
ATOM   480 C  CA  . ILE A 1 62 ? -9.360  -11.486 3.470   1.00 15.24 ? 62  ILE A CA  1 
ATOM   481 C  C   . ILE A 1 62 ? -10.523 -11.226 2.509   1.00 14.18 ? 62  ILE A C   1 
ATOM   482 O  O   . ILE A 1 62 ? -10.969 -10.085 2.356   1.00 17.14 ? 62  ILE A O   1 
ATOM   483 C  CB  . ILE A 1 62 ? -9.897  -11.330 4.914   1.00 20.25 ? 62  ILE A CB  1 
ATOM   484 C  CG1 . ILE A 1 62 ? -8.761  -11.491 5.932   1.00 21.93 ? 62  ILE A CG1 1 
ATOM   485 C  CG2 . ILE A 1 62 ? -11.066 -12.286 5.175   1.00 24.27 ? 62  ILE A CG2 1 
ATOM   486 C  CD1 . ILE A 1 62 ? -7.932  -12.744 5.737   1.00 20.90 ? 62  ILE A CD1 1 
ATOM   487 N  N   . VAL A 1 63 ? -11.009 -12.279 1.860   1.00 13.22 ? 63  VAL A N   1 
ATOM   488 C  CA  . VAL A 1 63 ? -12.239 -12.185 1.078   1.00 13.59 ? 63  VAL A CA  1 
ATOM   489 C  C   . VAL A 1 63 ? -13.353 -12.920 1.817   1.00 13.47 ? 63  VAL A C   1 
ATOM   490 O  O   . VAL A 1 63 ? -13.181 -14.071 2.218   1.00 13.07 ? 63  VAL A O   1 
ATOM   491 C  CB  . VAL A 1 63 ? -12.090 -12.813 -0.322  1.00 14.20 ? 63  VAL A CB  1 
ATOM   492 C  CG1 . VAL A 1 63 ? -13.399 -12.675 -1.101  1.00 11.63 ? 63  VAL A CG1 1 
ATOM   493 C  CG2 . VAL A 1 63 ? -10.908 -12.187 -1.073  1.00 10.80 ? 63  VAL A CG2 1 
ATOM   494 N  N   . THR A 1 64 ? -14.490 -12.259 1.994   1.00 15.84 ? 64  THR A N   1 
ATOM   495 C  CA  . THR A 1 64 ? -15.634 -12.872 2.673   1.00 19.79 ? 64  THR A CA  1 
ATOM   496 C  C   . THR A 1 64 ? -16.794 -13.122 1.701   1.00 20.77 ? 64  THR A C   1 
ATOM   497 O  O   . THR A 1 64 ? -17.217 -12.201 1.001   1.00 20.88 ? 64  THR A O   1 
ATOM   498 C  CB  . THR A 1 64 ? -16.132 -11.987 3.829   1.00 23.70 ? 64  THR A CB  1 
ATOM   499 O  OG1 . THR A 1 64 ? -15.059 -11.751 4.752   1.00 25.03 ? 64  THR A OG1 1 
ATOM   500 C  CG2 . THR A 1 64 ? -17.293 -12.658 4.550   1.00 22.36 ? 64  THR A CG2 1 
ATOM   501 N  N   . ASP A 1 65 ? -17.301 -14.357 1.658   1.00 19.30 ? 65  ASP A N   1 
ATOM   502 C  CA  . ASP A 1 65 ? -18.425 -14.702 0.775   1.00 18.86 ? 65  ASP A CA  1 
ATOM   503 C  C   . ASP A 1 65 ? -19.629 -13.813 1.062   1.00 20.42 ? 65  ASP A C   1 
ATOM   504 O  O   . ASP A 1 65 ? -19.873 -13.447 2.215   1.00 17.32 ? 65  ASP A O   1 
ATOM   505 C  CB  . ASP A 1 65 ? -18.862 -16.165 0.946   1.00 21.84 ? 65  ASP A CB  1 
ATOM   506 C  CG  . ASP A 1 65 ? -17.771 -17.163 0.598   1.00 27.91 ? 65  ASP A CG  1 
ATOM   507 O  OD1 . ASP A 1 65 ? -17.024 -16.932 -0.366  1.00 23.14 ? 65  ASP A OD1 1 
ATOM   508 O  OD2 . ASP A 1 65 ? -17.674 -18.207 1.284   1.00 35.03 ? 65  ASP A OD2 1 
ATOM   509 O  OXT . ASP A 1 65 ? -20.390 -13.456 0.152   1.00 19.64 ? 65  ASP A OXT 1 
HETATM 510 ZN ZN  . ZN  B 2 .  ? 9.733   4.236   -0.517  1.00 14.07 ? 101 ZN  A ZN  1 
HETATM 511 ZN ZN  . ZN  C 2 .  ? -2.044  -4.828  -1.623  1.00 12.39 ? 102 ZN  A ZN  1 
HETATM 512 O  O   . HOH D 3 .  ? 3.989   -4.477  3.587   1.00 10.23 ? 201 HOH A O   1 
HETATM 513 O  O   . HOH D 3 .  ? 2.324   13.855  -4.645  1.00 12.07 ? 202 HOH A O   1 
HETATM 514 O  O   . HOH D 3 .  ? 12.623  8.546   7.157   1.00 13.08 ? 203 HOH A O   1 
HETATM 515 O  O   . HOH D 3 .  ? 6.717   -4.705  3.234   1.00 10.08 ? 204 HOH A O   1 
HETATM 516 O  O   . HOH D 3 .  ? 2.924   2.236   6.224   1.00 10.51 ? 205 HOH A O   1 
HETATM 517 O  O   . HOH D 3 .  ? -4.711  -6.474  -5.020  1.00 12.24 ? 206 HOH A O   1 
HETATM 518 O  O   . HOH D 3 .  ? -9.480  -6.115  -0.350  1.00 14.66 ? 207 HOH A O   1 
HETATM 519 O  O   . HOH D 3 .  ? 5.616   2.453   10.368  1.00 15.33 ? 208 HOH A O   1 
HETATM 520 O  O   . HOH D 3 .  ? -3.347  8.239   7.901   1.00 14.53 ? 209 HOH A O   1 
HETATM 521 O  O   . HOH D 3 .  ? 3.846   3.391   8.580   1.00 9.52  ? 210 HOH A O   1 
HETATM 522 O  O   . HOH D 3 .  ? -6.035  3.291   -1.525  1.00 17.24 ? 211 HOH A O   1 
HETATM 523 O  O   . HOH D 3 .  ? -0.414  -7.405  1.337   1.00 12.74 ? 212 HOH A O   1 
HETATM 524 O  O   . HOH D 3 .  ? 10.526  2.308   8.646   1.00 13.50 ? 213 HOH A O   1 
HETATM 525 O  O   . HOH D 3 .  ? -9.536  -6.700  -3.191  1.00 13.51 ? 214 HOH A O   1 
HETATM 526 O  O   . HOH D 3 .  ? 6.095   12.263  -0.228  1.00 11.35 ? 215 HOH A O   1 
HETATM 527 O  O   . HOH D 3 .  ? 4.073   13.230  6.364   1.00 17.42 ? 216 HOH A O   1 
HETATM 528 O  O   . HOH D 3 .  ? 3.052   10.312  6.208   1.00 15.13 ? 217 HOH A O   1 
HETATM 529 O  O   . HOH D 3 .  ? -6.552  6.090   -1.962  1.00 15.91 ? 218 HOH A O   1 
HETATM 530 O  O   . HOH D 3 .  ? 3.780   5.841   -8.656  1.00 27.44 ? 219 HOH A O   1 
HETATM 531 O  O   . HOH D 3 .  ? -19.905 -15.021 4.578   1.00 21.90 ? 220 HOH A O   1 
HETATM 532 O  O   . HOH D 3 .  ? -5.401  0.831   5.210   1.00 18.85 ? 221 HOH A O   1 
HETATM 533 O  O   . HOH D 3 .  ? -10.274 -7.629  1.854   1.00 26.37 ? 222 HOH A O   1 
HETATM 534 O  O   . HOH D 3 .  ? -7.020  10.019  0.571   1.00 19.29 ? 223 HOH A O   1 
HETATM 535 O  O   . HOH D 3 .  ? 7.636   3.790   -8.971  1.00 21.69 ? 224 HOH A O   1 
HETATM 536 O  O   . HOH D 3 .  ? -4.670  13.474  -5.264  1.00 20.18 ? 225 HOH A O   1 
HETATM 537 O  O   . HOH D 3 .  ? -3.916  -5.956  5.417   1.00 35.95 ? 226 HOH A O   1 
HETATM 538 O  O   . HOH D 3 .  ? -15.737 -10.082 -2.372  1.00 18.48 ? 227 HOH A O   1 
HETATM 539 O  O   . HOH D 3 .  ? 3.612   -6.986  -6.133  1.00 27.18 ? 228 HOH A O   1 
HETATM 540 O  O   . HOH D 3 .  ? -7.174  11.246  -1.886  1.00 25.96 ? 229 HOH A O   1 
HETATM 541 O  O   . HOH D 3 .  ? -2.858  13.529  -6.812  1.00 19.25 ? 230 HOH A O   1 
HETATM 542 O  O   . HOH D 3 .  ? -12.671 -7.983  0.075   1.00 28.55 ? 231 HOH A O   1 
HETATM 543 O  O   . HOH D 3 .  ? -5.366  6.959   7.789   1.00 31.74 ? 232 HOH A O   1 
HETATM 544 O  O   . HOH D 3 .  ? -7.923  -8.060  4.462   1.00 17.46 ? 233 HOH A O   1 
HETATM 545 O  O   . HOH D 3 .  ? -22.123 -12.479 3.265   1.00 23.26 ? 234 HOH A O   1 
HETATM 546 O  O   . HOH D 3 .  ? 15.081  7.473   7.156   1.00 30.61 ? 235 HOH A O   1 
HETATM 547 O  O   . HOH D 3 .  ? 1.389   16.468  -5.008  1.00 27.70 ? 236 HOH A O   1 
HETATM 548 O  O   . HOH D 3 .  ? -7.581  8.944   -3.415  1.00 40.03 ? 237 HOH A O   1 
HETATM 549 O  O   . HOH D 3 .  ? -3.714  15.301  10.016  1.00 25.79 ? 238 HOH A O   1 
HETATM 550 O  O   . HOH D 3 .  ? 6.941   -7.276  2.240   1.00 27.31 ? 239 HOH A O   1 
HETATM 551 O  O   . HOH D 3 .  ? -14.783 -9.699  0.502   1.00 21.23 ? 240 HOH A O   1 
HETATM 552 O  O   . HOH D 3 .  ? -7.861  -19.000 3.956   1.00 23.79 ? 241 HOH A O   1 
HETATM 553 O  O   . HOH D 3 .  ? 14.307  2.974   5.634   1.00 28.03 ? 242 HOH A O   1 
HETATM 554 O  O   . HOH D 3 .  ? -2.508  4.556   6.665   1.00 28.72 ? 243 HOH A O   1 
HETATM 555 O  O   . HOH D 3 .  ? 12.960  3.296   -3.649  1.00 27.97 ? 244 HOH A O   1 
HETATM 556 O  O   . HOH D 3 .  ? 0.665   17.384  -7.626  1.00 24.75 ? 245 HOH A O   1 
HETATM 557 O  O   . HOH D 3 .  ? 5.728   14.139  8.512   1.00 28.78 ? 246 HOH A O   1 
HETATM 558 O  O   . HOH D 3 .  ? 5.031   13.052  -5.132  1.00 23.14 ? 247 HOH A O   1 
HETATM 559 O  O   . HOH D 3 .  ? -7.052  2.637   6.810   1.00 22.55 ? 248 HOH A O   1 
HETATM 560 O  O   . HOH D 3 .  ? 5.247   -11.745 -0.607  1.00 21.92 ? 249 HOH A O   1 
HETATM 561 O  O   . HOH D 3 .  ? 13.984  6.258   -3.319  1.00 28.00 ? 250 HOH A O   1 
HETATM 562 O  O   . HOH D 3 .  ? 7.337   13.051  -2.836  1.00 22.91 ? 251 HOH A O   1 
HETATM 563 O  O   . HOH D 3 .  ? -3.567  14.714  4.068   1.00 21.16 ? 252 HOH A O   1 
HETATM 564 O  O   . HOH D 3 .  ? 14.139  6.405   0.265   1.00 33.81 ? 253 HOH A O   1 
HETATM 565 O  O   . HOH D 3 .  ? 11.449  10.408  2.386   1.00 32.49 ? 254 HOH A O   1 
HETATM 566 O  O   . HOH D 3 .  ? -4.390  18.897  -0.703  1.00 40.79 ? 255 HOH A O   1 
HETATM 567 O  O   . HOH D 3 .  ? -3.287  8.839   11.026  1.00 32.84 ? 256 HOH A O   1 
HETATM 568 O  O   . HOH D 3 .  ? -7.813  2.442   0.414   1.00 28.01 ? 257 HOH A O   1 
HETATM 569 O  O   . HOH D 3 .  ? -13.569 -9.469  3.762   1.00 28.45 ? 258 HOH A O   1 
HETATM 570 O  O   . HOH D 3 .  ? -14.225 -19.192 6.789   1.00 32.71 ? 259 HOH A O   1 
HETATM 571 O  O   . HOH D 3 .  ? -4.881  -3.957  6.748   1.00 35.22 ? 260 HOH A O   1 
HETATM 572 O  O   . HOH D 3 .  ? -4.703  12.324  -2.592  1.00 23.93 ? 261 HOH A O   1 
HETATM 573 O  O   . HOH D 3 .  ? 7.968   -10.937 -0.226  1.00 38.99 ? 262 HOH A O   1 
HETATM 574 O  O   . HOH D 3 .  ? -8.000  4.662   4.737   1.00 28.00 ? 263 HOH A O   1 
HETATM 575 O  O   . HOH D 3 .  ? -1.340  -0.565  -8.439  1.00 19.79 ? 264 HOH A O   1 
HETATM 576 O  O   . HOH D 3 .  ? -10.836 -4.066  -0.380  1.00 25.10 ? 265 HOH A O   1 
HETATM 577 O  O   . HOH D 3 .  ? 16.250  4.484   6.604   1.00 40.02 ? 266 HOH A O   1 
HETATM 578 O  O   . HOH D 3 .  ? 2.135   -5.015  -7.054  1.00 18.86 ? 267 HOH A O   1 
HETATM 579 O  O   . HOH D 3 .  ? 0.195   5.494   -9.356  1.00 34.56 ? 268 HOH A O   1 
HETATM 580 O  O   . HOH D 3 .  ? -1.847  -7.950  4.002   1.00 23.69 ? 269 HOH A O   1 
HETATM 581 O  O   . HOH D 3 .  ? -2.095  4.634   -9.065  1.00 31.85 ? 270 HOH A O   1 
HETATM 582 O  O   . HOH D 3 .  ? 1.466   -1.181  -9.188  1.00 26.17 ? 271 HOH A O   1 
HETATM 583 O  O   . HOH D 3 .  ? -8.637  -0.460  -7.802  1.00 22.27 ? 272 HOH A O   1 
HETATM 584 O  O   . HOH D 3 .  ? 1.209   14.827  -9.162  1.00 28.37 ? 273 HOH A O   1 
HETATM 585 O  O   . HOH D 3 .  ? -8.582  13.704  -2.089  1.00 32.49 ? 274 HOH A O   1 
HETATM 586 O  O   . HOH D 3 .  ? -17.628 -8.440  -3.304  1.00 25.56 ? 275 HOH A O   1 
HETATM 587 O  O   . HOH D 3 .  ? -0.149  12.376  -6.246  1.00 38.66 ? 276 HOH A O   1 
HETATM 588 O  O   . HOH D 3 .  ? -3.526  7.012   -8.063  1.00 19.71 ? 277 HOH A O   1 
HETATM 589 O  O   . HOH D 3 .  ? -21.234 -11.021 5.940   1.00 30.08 ? 278 HOH A O   1 
HETATM 590 O  O   . HOH D 3 .  ? 8.707   -6.305  0.401   1.00 41.48 ? 279 HOH A O   1 
HETATM 591 O  O   . HOH D 3 .  ? 5.281   9.624   -2.843  1.00 22.32 ? 280 HOH A O   1 
HETATM 592 O  O   . HOH D 3 .  ? 7.841   9.485   -4.217  1.00 13.66 ? 281 HOH A O   1 
HETATM 593 O  O   . HOH D 3 .  ? -6.093  15.758  4.620   1.00 30.07 ? 282 HOH A O   1 
HETATM 594 O  O   . HOH D 3 .  ? 10.700  -4.453  0.488   1.00 27.29 ? 283 HOH A O   1 
HETATM 595 O  O   . HOH D 3 .  ? 18.263  5.646   7.685   1.00 40.58 ? 284 HOH A O   1 
HETATM 596 O  O   . HOH D 3 .  ? -2.308  -11.400 5.810   1.00 34.84 ? 285 HOH A O   1 
HETATM 597 O  O   . HOH D 3 .  ? 9.653   -4.573  -9.358  1.00 34.61 ? 286 HOH A O   1 
HETATM 598 O  O   . HOH D 3 .  ? -5.034  1.407   -8.656  1.00 31.00 ? 287 HOH A O   1 
HETATM 599 O  O   . HOH D 3 .  ? 15.959  7.968   0.863   1.00 38.10 ? 288 HOH A O   1 
HETATM 600 O  O   . HOH D 3 .  ? 8.388   -4.565  -2.003  1.00 19.95 ? 289 HOH A O   1 
HETATM 601 O  O   . HOH D 3 .  ? 2.369   12.159  -8.673  1.00 32.70 ? 290 HOH A O   1 
HETATM 602 O  O   . HOH D 3 .  ? -7.693  -5.647  3.500   1.00 25.11 ? 291 HOH A O   1 
HETATM 603 O  O   . HOH D 3 .  ? -8.533  7.830   -0.274  1.00 33.08 ? 292 HOH A O   1 
HETATM 604 O  O   . HOH D 3 .  ? -7.312  0.323   1.812   1.00 40.37 ? 293 HOH A O   1 
HETATM 605 O  O   . HOH D 3 .  ? 11.790  13.223  7.326   1.00 27.88 ? 294 HOH A O   1 
HETATM 606 O  O   . HOH D 3 .  ? 3.878   8.705   -9.785  1.00 29.57 ? 295 HOH A O   1 
HETATM 607 O  O   . HOH D 3 .  ? 9.148   -8.408  1.048   1.00 29.50 ? 296 HOH A O   1 
HETATM 608 O  O   . HOH D 3 .  ? 1.021   -14.590 0.537   1.00 35.28 ? 297 HOH A O   1 
HETATM 609 O  O   . HOH D 3 .  ? 6.511   7.623   -9.821  1.00 34.31 ? 298 HOH A O   1 
HETATM 610 O  O   . HOH D 3 .  ? 10.874  5.531   -9.645  1.00 31.15 ? 299 HOH A O   1 
HETATM 611 O  O   . HOH D 3 .  ? 5.686   -3.071  -8.870  1.00 31.24 ? 300 HOH A O   1 
HETATM 612 O  O   . HOH D 3 .  ? -5.836  -0.690  -9.676  1.00 29.54 ? 301 HOH A O   1 
HETATM 613 O  O   . HOH D 3 .  ? 7.401   9.178   -8.431  1.00 29.63 ? 302 HOH A O   1 
HETATM 614 O  O   . HOH D 3 .  ? 2.801   -10.519 1.162   1.00 29.34 ? 303 HOH A O   1 
HETATM 615 O  O   . HOH D 3 .  ? 8.476   19.787  5.694   1.00 29.77 ? 304 HOH A O   1 
HETATM 616 O  O   . HOH D 3 .  ? -3.797  -13.189 6.917   1.00 33.80 ? 305 HOH A O   1 
HETATM 617 O  O   . HOH D 3 .  ? 0.842   -16.554 -3.077  1.00 36.00 ? 306 HOH A O   1 
HETATM 618 O  O   . HOH D 3 .  ? 6.530   -3.287  -11.372 1.00 32.95 ? 307 HOH A O   1 
HETATM 619 O  O   . HOH D 3 .  ? -7.181  12.657  -6.349  1.00 35.24 ? 308 HOH A O   1 
HETATM 620 O  O   . HOH D 3 .  ? -5.675  -9.285  6.010   1.00 38.25 ? 309 HOH A O   1 
HETATM 621 O  O   . HOH D 3 .  ? 8.300   -12.760 -2.361  1.00 41.56 ? 310 HOH A O   1 
HETATM 622 O  O   . HOH D 3 .  ? -16.538 -7.293  1.139   1.00 44.96 ? 311 HOH A O   1 
HETATM 623 O  O   . HOH D 3 .  ? 12.646  11.383  6.561   1.00 76.73 ? 312 HOH A O   1 
HETATM 624 O  O   . HOH D 3 .  ? -16.933 -12.516 -2.319  1.00 26.17 ? 313 HOH A O   1 
HETATM 625 O  O   . HOH D 3 .  ? -4.710  4.117   7.903   1.00 31.88 ? 314 HOH A O   1 
HETATM 626 O  O   . HOH D 3 .  ? -1.363  6.351   8.279   1.00 33.74 ? 315 HOH A O   1 
HETATM 627 O  O   . HOH D 3 .  ? 11.795  13.397  4.734   1.00 32.44 ? 316 HOH A O   1 
HETATM 628 O  O   . HOH D 3 .  ? -7.353  10.496  3.873   1.00 37.88 ? 317 HOH A O   1 
HETATM 629 O  O   . HOH D 3 .  ? 12.176  -5.574  -4.071  1.00 31.52 ? 318 HOH A O   1 
HETATM 630 O  O   . HOH D 3 .  ? -4.911  -11.529 4.741   1.00 40.80 ? 319 HOH A O   1 
HETATM 631 O  O   . HOH D 3 .  ? -1.900  1.874   -10.007 1.00 44.33 ? 320 HOH A O   1 
HETATM 632 O  O   . HOH D 3 .  ? 8.403   -2.804  -12.936 1.00 41.28 ? 321 HOH A O   1 
HETATM 633 O  O   . HOH D 3 .  ? 9.277   11.523  -5.067  1.00 42.27 ? 322 HOH A O   1 
HETATM 634 O  O   . HOH D 3 .  ? 11.406  -5.550  -6.559  1.00 40.44 ? 323 HOH A O   1 
HETATM 635 O  O   . HOH D 3 .  ? -4.381  -13.622 3.300   1.00 23.61 ? 324 HOH A O   1 
HETATM 636 O  O   . HOH D 3 .  ? -2.704  17.337  11.695  1.00 25.36 ? 325 HOH A O   1 
HETATM 637 O  O   . HOH D 3 .  ? -8.540  3.802   2.218   1.00 44.12 ? 326 HOH A O   1 
HETATM 638 O  O   . HOH D 3 .  ? -7.169  -5.063  6.562   1.00 49.06 ? 327 HOH A O   1 
HETATM 639 O  O   . HOH D 3 .  ? 8.311   11.122  0.780   1.00 30.00 ? 328 HOH A O   1 
HETATM 640 O  O   . HOH D 3 .  ? 10.860  12.719  0.391   1.00 30.00 ? 329 HOH A O   1 
HETATM 641 O  O   . HOH D 3 .  ? -16.548 -15.028 -2.299  1.00 30.00 ? 330 HOH A O   1 
# 
loop_
_atom_site_anisotrop.id 
_atom_site_anisotrop.type_symbol 
_atom_site_anisotrop.pdbx_label_atom_id 
_atom_site_anisotrop.pdbx_label_alt_id 
_atom_site_anisotrop.pdbx_label_comp_id 
_atom_site_anisotrop.pdbx_label_asym_id 
_atom_site_anisotrop.pdbx_label_seq_id 
_atom_site_anisotrop.pdbx_PDB_ins_code 
_atom_site_anisotrop.U[1][1] 
_atom_site_anisotrop.U[2][2] 
_atom_site_anisotrop.U[3][3] 
_atom_site_anisotrop.U[1][2] 
_atom_site_anisotrop.U[1][3] 
_atom_site_anisotrop.U[2][3] 
_atom_site_anisotrop.pdbx_auth_seq_id 
_atom_site_anisotrop.pdbx_auth_comp_id 
_atom_site_anisotrop.pdbx_auth_asym_id 
_atom_site_anisotrop.pdbx_auth_atom_id 
1   N N   . GLY A 1  ? 0.3466 0.4095 0.3474 -0.0840 0.0239  -0.0044 1  GLY A N   
2   C CA  . GLY A 1  ? 0.3116 0.3751 0.3116 -0.0796 0.0231  -0.0064 1  GLY A CA  
3   C C   . GLY A 1  ? 0.2906 0.3531 0.3032 -0.0709 0.0212  -0.0089 1  GLY A C   
4   O O   . GLY A 1  ? 0.2861 0.3570 0.3130 -0.0681 0.0214  -0.0126 1  GLY A O   
5   N N   . SER A 2  ? 0.2720 0.3241 0.2787 -0.0666 0.0191  -0.0066 2  SER A N   
6   C CA  . SER A 2  ? 0.2421 0.2929 0.2598 -0.0588 0.0173  -0.0084 2  SER A CA  
7   C C   . SER A 2  ? 0.2115 0.2470 0.2203 -0.0553 0.0149  -0.0040 2  SER A C   
8   O O   . SER A 2  ? 0.2591 0.2856 0.2530 -0.0581 0.0142  -0.0004 2  SER A O   
9   C CB  . SER A 2  ? 0.2046 0.2674 0.2316 -0.0552 0.0175  -0.0144 2  SER A CB  
10  O OG  . SER A 2  ? 0.2626 0.3222 0.2793 -0.0551 0.0171  -0.0138 2  SER A OG  
11  N N   . ARG A 3  ? 0.1469 0.1799 0.1648 -0.0493 0.0132  -0.0046 3  ARG A N   
12  C CA  . ARG A 3  ? 0.1667 0.1872 0.1786 -0.0451 0.0109  -0.0012 3  ARG A CA  
13  C C   . ARG A 3  ? 0.2056 0.2302 0.2283 -0.0384 0.0097  -0.0044 3  ARG A C   
14  O O   . ARG A 3  ? 0.1852 0.2194 0.2218 -0.0366 0.0100  -0.0081 3  ARG A O   
15  C CB  . ARG A 3  ? 0.1739 0.1861 0.1856 -0.0451 0.0103  0.0025  3  ARG A CB  
16  C CG  . ARG A 3  ? 0.1917 0.1976 0.1922 -0.0514 0.0110  0.0062  3  ARG A CG  
17  C CD  . ARG A 3  ? 0.1449 0.1441 0.1474 -0.0509 0.0104  0.0090  3  ARG A CD  
18  N NE  . ARG A 3  ? 0.1143 0.1235 0.1329 -0.0496 0.0113  0.0060  3  ARG A NE  
19  C CZ  . ARG A 3  ? 0.1625 0.1809 0.1867 -0.0538 0.0131  0.0038  3  ARG A CZ  
20  N NH1 . ARG A 3  ? 0.1551 0.1751 0.1705 -0.0598 0.0146  0.0046  3  ARG A NH1 
21  N NH2 . ARG A 3  ? 0.1278 0.1540 0.1663 -0.0520 0.0132  0.0008  3  ARG A NH2 
22  N N   . ARG A 4  ? 0.1743 0.1911 0.1902 -0.0347 0.0078  -0.0030 4  ARG A N   
23  C CA  . ARG A 4  ? 0.1962 0.2150 0.2213 -0.0284 0.0062  -0.0050 4  ARG A CA  
24  C C   . ARG A 4  ? 0.2038 0.2164 0.2326 -0.0256 0.0051  -0.0025 4  ARG A C   
25  O O   . ARG A 4  ? 0.2623 0.2642 0.2814 -0.0245 0.0038  0.0010  4  ARG A O   
26  C CB  . ARG A 4  ? 0.2779 0.2917 0.2940 -0.0256 0.0047  -0.0047 4  ARG A CB  
27  C CG  . ARG A 4  ? 0.4321 0.4514 0.4430 -0.0285 0.0057  -0.0070 4  ARG A CG  
28  C CD  . ARG A 4  ? 0.6053 0.6163 0.6037 -0.0266 0.0038  -0.0056 4  ARG A CD  
29  N NE  . ARG A 4  ? 0.7306 0.7414 0.7352 -0.0199 0.0018  -0.0071 4  ARG A NE  
30  C CZ  . ARG A 4  ? 0.8191 0.8222 0.8147 -0.0167 -0.0005 -0.0061 4  ARG A CZ  
31  N NH1 . ARG A 4  ? 0.8516 0.8459 0.8313 -0.0196 -0.0014 -0.0033 4  ARG A NH1 
32  N NH2 . ARG A 4  ? 0.8423 0.8468 0.8450 -0.0107 -0.0022 -0.0078 4  ARG A NH2 
33  N N   . ALA A 5  ? 0.1072 0.1263 0.1495 -0.0246 0.0053  -0.0042 5  ALA A N   
34  C CA  . ALA A 5  ? 0.1663 0.1807 0.2128 -0.0224 0.0043  -0.0020 5  ALA A CA  
35  C C   . ALA A 5  ? 0.1639 0.1787 0.2159 -0.0168 0.0025  -0.0029 5  ALA A C   
36  O O   . ALA A 5  ? 0.1320 0.1541 0.1911 -0.0146 0.0019  -0.0064 5  ALA A O   
37  C CB  . ALA A 5  ? 0.1331 0.1533 0.1907 -0.0244 0.0050  -0.0030 5  ALA A CB  
38  N N   . SER A 6  ? 0.0924 0.1002 0.1415 -0.0146 0.0015  0.0000  6  SER A N   
39  C CA  . SER A 6  ? 0.1410 0.1494 0.1950 -0.0097 -0.0002 -0.0005 6  SER A CA  
40  C C   . SER A 6  ? 0.1527 0.1590 0.2113 -0.0093 -0.0004 0.0018  6  SER A C   
41  O O   . SER A 6  ? 0.1802 0.1786 0.2302 -0.0097 -0.0004 0.0050  6  SER A O   
42  C CB  . SER A 6  ? 0.1753 0.1769 0.2179 -0.0066 -0.0013 0.0005  6  SER A CB  
43  O OG  . SER A 6  ? 0.2084 0.2121 0.2567 -0.0019 -0.0029 -0.0003 6  SER A OG  
44  N N   . VAL A 7  ? 0.1149 0.1280 0.1864 -0.0085 -0.0009 0.0003  7  VAL A N   
45  C CA  . VAL A 7  ? 0.1278 0.1401 0.2048 -0.0092 -0.0010 0.0022  7  VAL A CA  
46  C C   . VAL A 7  ? 0.1315 0.1471 0.2162 -0.0059 -0.0025 0.0020  7  VAL A C   
47  O O   . VAL A 7  ? 0.1471 0.1674 0.2361 -0.0036 -0.0035 -0.0004 7  VAL A O   
48  C CB  . VAL A 7  ? 0.1488 0.1656 0.2344 -0.0127 -0.0006 0.0011  7  VAL A CB  
49  C CG1 . VAL A 7  ? 0.1548 0.1699 0.2331 -0.0164 0.0010  0.0012  7  VAL A CG1 
50  C CG2 . VAL A 7  ? 0.0964 0.1220 0.1942 -0.0117 -0.0019 -0.0027 7  VAL A CG2 
51  N N   . GLY A 8  ? 0.2216 0.1308 0.2443 -0.0308 -0.0113 0.0024  8  GLY A N   
52  C CA  . GLY A 8  ? 0.2399 0.1444 0.2542 -0.0287 -0.0080 -0.0009 8  GLY A CA  
53  C C   . GLY A 8  ? 0.2419 0.1465 0.2524 -0.0263 -0.0091 -0.0038 8  GLY A C   
54  O O   . GLY A 8  ? 0.3180 0.2213 0.3248 -0.0243 -0.0062 -0.0053 8  GLY A O   
55  N N   . SER A 9  ? 0.2144 0.1205 0.2255 -0.0265 -0.0132 -0.0045 9  SER A N   
56  C CA  . SER A 9  ? 0.1892 0.0958 0.1957 -0.0239 -0.0142 -0.0077 9  SER A CA  
57  C C   . SER A 9  ? 0.1523 0.0714 0.1634 -0.0216 -0.0154 -0.0064 9  SER A C   
58  O O   . SER A 9  ? 0.2076 0.1323 0.2237 -0.0228 -0.0171 -0.0044 9  SER A O   
59  C CB  . SER A 9  ? 0.2812 0.1848 0.2813 -0.0240 -0.0148 -0.0109 9  SER A CB  
60  O OG  . SER A 9  ? 0.3193 0.2207 0.3179 -0.0244 -0.0110 -0.0118 9  SER A OG  
61  N N   . HIS A 10 ? 0.1639 0.0868 0.1729 -0.0185 -0.0143 -0.0076 10 HIS A N   
62  C CA  . HIS A 10 ? 0.1716 0.1052 0.1835 -0.0160 -0.0154 -0.0074 10 HIS A CA  
63  C C   . HIS A 10 ? 0.1832 0.1141 0.1916 -0.0161 -0.0192 -0.0102 10 HIS A C   
64  O O   . HIS A 10 ? 0.2043 0.1248 0.2073 -0.0178 -0.0207 -0.0125 10 HIS A O   
65  C CB  . HIS A 10 ? 0.1521 0.0896 0.1621 -0.0128 -0.0131 -0.0082 10 HIS A CB  
66  C CG  . HIS A 10 ? 0.1705 0.1112 0.1838 -0.0125 -0.0095 -0.0054 10 HIS A CG  
67  N ND1 . HIS A 10 ? 0.1664 0.1184 0.1868 -0.0118 -0.0083 -0.0019 10 HIS A ND1 
68  C CD2 . HIS A 10 ? 0.2075 0.1417 0.2183 -0.0128 -0.0069 -0.0056 10 HIS A CD2 
69  C CE1 . HIS A 10 ? 0.1308 0.0830 0.1526 -0.0117 -0.0053 0.0002  10 HIS A CE1 
70  N NE2 . HIS A 10 ? 0.1639 0.1055 0.1801 -0.0123 -0.0044 -0.0021 10 HIS A NE2 
71  N N   . ARG A 11 ? 0.1386 0.0791 0.1502 -0.0140 -0.0207 -0.0100 11 ARG A N   
72  C CA  . ARG A 11 ? 0.1362 0.0751 0.1447 -0.0134 -0.0242 -0.0127 11 ARG A CA  
73  C C   . ARG A 11 ? 0.1524 0.0964 0.1589 -0.0097 -0.0238 -0.0147 11 ARG A C   
74  O O   . ARG A 11 ? 0.1576 0.1114 0.1684 -0.0078 -0.0247 -0.0139 11 ARG A O   
75  C CB  . ARG A 11 ? 0.1285 0.0732 0.1428 -0.0148 -0.0269 -0.0109 11 ARG A CB  
76  C CG  . ARG A 11 ? 0.1560 0.0950 0.1717 -0.0188 -0.0276 -0.0092 11 ARG A CG  
77  C CD  . ARG A 11 ? 0.1573 0.1009 0.1780 -0.0205 -0.0307 -0.0078 11 ARG A CD  
78  N NE  . ARG A 11 ? 0.1853 0.1415 0.2143 -0.0197 -0.0297 -0.0043 11 ARG A NE  
79  C CZ  . ARG A 11 ? 0.1783 0.1446 0.2112 -0.0175 -0.0310 -0.0042 11 ARG A CZ  
80  N NH1 . ARG A 11 ? 0.2578 0.2225 0.2870 -0.0159 -0.0335 -0.0072 11 ARG A NH1 
81  N NH2 . ARG A 11 ? 0.1583 0.1357 0.1987 -0.0172 -0.0299 -0.0009 11 ARG A NH2 
82  N N   . PHE A 12 ? 0.1459 0.0832 0.1461 -0.0086 -0.0224 -0.0171 12 PHE A N   
83  C CA  . PHE A 12 ? 0.1350 0.0761 0.1327 -0.0052 -0.0219 -0.0190 12 PHE A CA  
84  C C   . PHE A 12 ? 0.1689 0.1097 0.1638 -0.0037 -0.0253 -0.0218 12 PHE A C   
85  O O   . PHE A 12 ? 0.1767 0.1090 0.1671 -0.0053 -0.0279 -0.0239 12 PHE A O   
86  C CB  . PHE A 12 ? 0.1726 0.1062 0.1642 -0.0046 -0.0194 -0.0207 12 PHE A CB  
87  C CG  . PHE A 12 ? 0.1650 0.1015 0.1599 -0.0048 -0.0157 -0.0180 12 PHE A CG  
88  C CD1 . PHE A 12 ? 0.1580 0.1059 0.1583 -0.0029 -0.0139 -0.0156 12 PHE A CD1 
89  C CD2 . PHE A 12 ? 0.1773 0.1049 0.1696 -0.0069 -0.0140 -0.0179 12 PHE A CD2 
90  C CE1 . PHE A 12 ? 0.1243 0.0747 0.1275 -0.0030 -0.0107 -0.0130 12 PHE A CE1 
91  C CE2 . PHE A 12 ? 0.1646 0.0949 0.1602 -0.0069 -0.0107 -0.0152 12 PHE A CE2 
92  C CZ  . PHE A 12 ? 0.1602 0.1019 0.1613 -0.0050 -0.0091 -0.0128 12 PHE A CZ  
93  N N   . LYS A 13 ? 0.1692 0.1195 0.1667 -0.0007 -0.0253 -0.0219 13 LYS A N   
94  C CA  . LYS A 13 ? 0.1778 0.1284 0.1728 0.0011  -0.0283 -0.0247 13 LYS A CA  
95  C C   . LYS A 13 ? 0.1818 0.1377 0.1755 0.0048  -0.0267 -0.0259 13 LYS A C   
96  O O   . LYS A 13 ? 0.1354 0.0997 0.1333 0.0061  -0.0241 -0.0239 13 LYS A O   
97  C CB  . LYS A 13 ? 0.2499 0.2076 0.2510 0.0008  -0.0310 -0.0234 13 LYS A CB  
98  C CG  . LYS A 13 ? 0.3840 0.3415 0.3829 0.0025  -0.0345 -0.0261 13 LYS A CG  
99  C CD  . LYS A 13 ? 0.4647 0.4282 0.4697 0.0017  -0.0373 -0.0247 13 LYS A CD  
100 C CE  . LYS A 13 ? 0.4759 0.4530 0.4892 0.0030  -0.0355 -0.0217 13 LYS A CE  
101 N NZ  . LYS A 13 ? 0.4250 0.4105 0.4404 0.0065  -0.0362 -0.0229 13 LYS A NZ  
102 N N   . VAL A 14 ? 0.1855 0.1366 0.1734 0.0064  -0.0285 -0.0293 14 VAL A N   
103 C CA  . VAL A 14 ? 0.1652 0.1208 0.1516 0.0098  -0.0272 -0.0308 14 VAL A CA  
104 C C   . VAL A 14 ? 0.1423 0.1112 0.1357 0.0120  -0.0269 -0.0291 14 VAL A C   
105 O O   . VAL A 14 ? 0.1595 0.1328 0.1574 0.0114  -0.0290 -0.0283 14 VAL A O   
106 C CB  . VAL A 14 ? 0.1831 0.1321 0.1627 0.0111  -0.0298 -0.0346 14 VAL A CB  
107 C CG1 . VAL A 14 ? 0.2381 0.1892 0.2199 0.0113  -0.0336 -0.0353 14 VAL A CG1 
108 C CG2 . VAL A 14 ? 0.2152 0.1682 0.1928 0.0145  -0.0283 -0.0362 14 VAL A CG2 
109 N N   . TYR A 15 ? 0.1361 0.1114 0.1304 0.0142  -0.0242 -0.0288 15 TYR A N   
110 C CA  . TYR A 15 ? 0.1411 0.1292 0.1420 0.0161  -0.0233 -0.0270 15 TYR A CA  
111 C C   . TYR A 15 ? 0.1711 0.1630 0.1694 0.0196  -0.0222 -0.0291 15 TYR A C   
112 O O   . TYR A 15 ? 0.1553 0.1413 0.1481 0.0201  -0.0209 -0.0306 15 TYR A O   
113 C CB  . TYR A 15 ? 0.1549 0.1484 0.1611 0.0145  -0.0204 -0.0231 15 TYR A CB  
114 C CG  . TYR A 15 ? 0.1370 0.1439 0.1505 0.0159  -0.0194 -0.0208 15 TYR A CG  
115 C CD1 . TYR A 15 ? 0.1444 0.1562 0.1636 0.0147  -0.0212 -0.0192 15 TYR A CD1 
116 C CD2 . TYR A 15 ? 0.1303 0.1450 0.1449 0.0182  -0.0168 -0.0201 15 TYR A CD2 
117 C CE1 . TYR A 15 ? 0.1375 0.1618 0.1634 0.0158  -0.0203 -0.0170 15 TYR A CE1 
118 C CE2 . TYR A 15 ? 0.1648 0.1918 0.1860 0.0192  -0.0158 -0.0181 15 TYR A CE2 
119 C CZ  . TYR A 15 ? 0.1733 0.2051 0.2001 0.0182  -0.0175 -0.0165 15 TYR A CZ  
120 O OH  . TYR A 15 ? 0.2157 0.2599 0.2490 0.0192  -0.0165 -0.0144 15 TYR A OH  
121 N N   . ASN A 16 ? 0.1363 0.1380 0.1388 0.0220  -0.0228 -0.0292 16 ASN A N   
122 C CA  . ASN A 16 ? 0.1411 0.1477 0.1421 0.0253  -0.0216 -0.0309 16 ASN A CA  
123 C C   . ASN A 16 ? 0.1262 0.1436 0.1322 0.0261  -0.0183 -0.0282 16 ASN A C   
124 O O   . ASN A 16 ? 0.1150 0.1421 0.1271 0.0267  -0.0183 -0.0266 16 ASN A O   
125 C CB  . ASN A 16 ? 0.1765 0.1864 0.1781 0.0277  -0.0243 -0.0333 16 ASN A CB  
126 C CG  . ASN A 16 ? 0.1978 0.1971 0.1940 0.0272  -0.0277 -0.0361 16 ASN A CG  
127 O OD1 . ASN A 16 ? 0.1614 0.1510 0.1512 0.0263  -0.0276 -0.0376 16 ASN A OD1 
128 N ND2 . ASN A 16 ? 0.3494 0.3507 0.3483 0.0277  -0.0308 -0.0368 16 ASN A ND2 
129 N N   . TYR A 17 ? 0.1208 0.1364 0.1242 0.0259  -0.0156 -0.0274 17 TYR A N   
130 C CA  . TYR A 17 ? 0.1237 0.1487 0.1312 0.0264  -0.0124 -0.0247 17 TYR A CA  
131 C C   . TYR A 17 ? 0.1299 0.1635 0.1380 0.0298  -0.0119 -0.0262 17 TYR A C   
132 O O   . TYR A 17 ? 0.1215 0.1513 0.1248 0.0318  -0.0131 -0.0296 17 TYR A O   
133 C CB  . TYR A 17 ? 0.1285 0.1483 0.1330 0.0252  -0.0099 -0.0236 17 TYR A CB  
134 C CG  . TYR A 17 ? 0.1292 0.1416 0.1341 0.0217  -0.0102 -0.0219 17 TYR A CG  
135 C CD1 . TYR A 17 ? 0.1067 0.1243 0.1176 0.0198  -0.0089 -0.0180 17 TYR A CD1 
136 C CD2 . TYR A 17 ? 0.1369 0.1377 0.1365 0.0205  -0.0119 -0.0241 17 TYR A CD2 
137 C CE1 . TYR A 17 ? 0.1231 0.1338 0.1347 0.0167  -0.0093 -0.0165 17 TYR A CE1 
138 C CE2 . TYR A 17 ? 0.1369 0.1308 0.1368 0.0174  -0.0123 -0.0228 17 TYR A CE2 
139 C CZ  . TYR A 17 ? 0.1375 0.1364 0.1434 0.0156  -0.0109 -0.0189 17 TYR A CZ  
140 O OH  . TYR A 17 ? 0.1363 0.1283 0.1425 0.0124  -0.0112 -0.0175 17 TYR A OH  
141 N N   . LYS A 18 ? 0.1550 0.1999 0.1688 0.0304  -0.0101 -0.0237 18 LYS A N   
142 C CA  . LYS A 18 ? 0.1194 0.1736 0.1347 0.0335  -0.0095 -0.0250 18 LYS A CA  
143 C C   . LYS A 18 ? 0.1134 0.1722 0.1278 0.0343  -0.0062 -0.0237 18 LYS A C   
144 O O   . LYS A 18 ? 0.1348 0.2003 0.1491 0.0369  -0.0054 -0.0251 18 LYS A O   
145 C CB  . LYS A 18 ? 0.1952 0.2599 0.2178 0.0337  -0.0099 -0.0231 18 LYS A CB  
146 C CG  . LYS A 18 ? 0.2782 0.3396 0.3028 0.0324  -0.0129 -0.0234 18 LYS A CG  
147 C CD  . LYS A 18 ? 0.3677 0.4230 0.3879 0.0343  -0.0159 -0.0275 18 LYS A CD  
148 C CE  . LYS A 18 ? 0.4807 0.5320 0.5029 0.0326  -0.0191 -0.0275 18 LYS A CE  
149 N NZ  . LYS A 18 ? 0.5494 0.6078 0.5788 0.0304  -0.0184 -0.0237 18 LYS A NZ  
150 N N   . SER A 19 ? 0.0977 0.1532 0.1118 0.0321  -0.0044 -0.0212 19 SER A N   
151 C CA  . SER A 19 ? 0.1356 0.1943 0.1485 0.0327  -0.0015 -0.0200 19 SER A CA  
152 C C   . SER A 19 ? 0.1634 0.2120 0.1722 0.0308  -0.0007 -0.0196 19 SER A C   
153 O O   . SER A 19 ? 0.1417 0.1825 0.1498 0.0286  -0.0020 -0.0194 19 SER A O   
154 C CB  . SER A 19 ? 0.1125 0.1820 0.1319 0.0318  0.0007  -0.0159 19 SER A CB  
155 O OG  . SER A 19 ? 0.1189 0.1982 0.1419 0.0336  0.0003  -0.0163 19 SER A OG  
156 N N   . PRO A 20 ? 0.1721 0.2210 0.1782 0.0315  0.0014  -0.0195 20 PRO A N   
157 C CA  . PRO A 20 ? 0.1291 0.1685 0.1313 0.0299  0.0023  -0.0192 20 PRO A CA  
158 C C   . PRO A 20 ? 0.1495 0.1875 0.1558 0.0269  0.0030  -0.0156 20 PRO A C   
159 O O   . PRO A 20 ? 0.1727 0.2188 0.1845 0.0262  0.0046  -0.0121 20 PRO A O   
160 C CB  . PRO A 20 ? 0.1400 0.1835 0.1406 0.0311  0.0048  -0.0187 20 PRO A CB  
161 C CG  . PRO A 20 ? 0.1846 0.2362 0.1855 0.0339  0.0044  -0.0204 20 PRO A CG  
162 C CD  . PRO A 20 ? 0.1658 0.2235 0.1720 0.0337  0.0032  -0.0195 20 PRO A CD  
163 N N   . THR A 21 ? 0.1326 0.1419 0.1442 -0.0019 -0.0024 0.0002  21 THR A N   
164 C CA  . THR A 21 ? 0.1283 0.1401 0.1436 -0.0025 -0.0014 0.0010  21 THR A CA  
165 C C   . THR A 21 ? 0.0970 0.1075 0.1104 -0.0052 -0.0007 0.0006  21 THR A C   
166 O O   . THR A 21 ? 0.1019 0.1083 0.1107 -0.0068 -0.0016 -0.0002 21 THR A O   
167 C CB  . THR A 21 ? 0.1166 0.1263 0.1329 -0.0021 -0.0030 0.0013  21 THR A CB  
168 O OG1 . THR A 21 ? 0.1601 0.1708 0.1784 0.0005  -0.0037 0.0014  21 THR A OG1 
169 C CG2 . THR A 21 ? 0.1003 0.1126 0.1209 -0.0024 -0.0021 0.0020  21 THR A CG2 
170 N N   . PHE A 22 ? 0.0799 0.0938 0.0967 -0.0056 0.0009  0.0011  22 PHE A N   
171 C CA  . PHE A 22 ? 0.0785 0.0919 0.0942 -0.0080 0.0019  0.0006  22 PHE A CA  
172 C C   . PHE A 22 ? 0.1039 0.1167 0.1211 -0.0092 0.0021  0.0007  22 PHE A C   
173 O O   . PHE A 22 ? 0.1252 0.1399 0.1462 -0.0081 0.0021  0.0014  22 PHE A O   
174 C CB  . PHE A 22 ? 0.0967 0.1143 0.1150 -0.0076 0.0036  0.0009  22 PHE A CB  
175 C CG  . PHE A 22 ? 0.1043 0.1221 0.1206 -0.0067 0.0034  0.0004  22 PHE A CG  
176 C CD1 . PHE A 22 ? 0.1395 0.1591 0.1568 -0.0041 0.0031  0.0010  22 PHE A CD1 
177 C CD2 . PHE A 22 ? 0.0914 0.1073 0.1046 -0.0084 0.0034  -0.0006 22 PHE A CD2 
178 C CE1 . PHE A 22 ? 0.1047 0.1240 0.1196 -0.0034 0.0027  0.0006  22 PHE A CE1 
179 C CE2 . PHE A 22 ? 0.1042 0.1199 0.1153 -0.0076 0.0028  -0.0012 22 PHE A CE2 
180 C CZ  . PHE A 22 ? 0.1110 0.1284 0.1228 -0.0050 0.0025  -0.0006 22 PHE A CZ  
181 N N   . CYS A 23 ? 0.1135 0.1236 0.1277 -0.0119 0.0023  -0.0003 23 CYS A N   
182 C CA  . CYS A 23 ? 0.1025 0.1114 0.1169 -0.0134 0.0025  -0.0006 23 CYS A CA  
183 C C   . CYS A 23 ? 0.0912 0.1045 0.1111 -0.0131 0.0042  -0.0002 23 CYS A C   
184 O O   . CYS A 23 ? 0.1439 0.1596 0.1653 -0.0135 0.0058  -0.0004 23 CYS A O   
185 C CB  . CYS A 23 ? 0.1182 0.1233 0.1279 -0.0163 0.0028  -0.0017 23 CYS A CB  
186 S SG  . CYS A 23 ? 0.1440 0.1470 0.1529 -0.0183 0.0031  -0.0023 23 CYS A SG  
187 N N   . GLU A 24 ? 0.1112 0.1253 0.1342 -0.0126 0.0039  0.0003  24 GLU A N   
188 C CA  . GLU A 24 ? 0.0888 0.1067 0.1174 -0.0122 0.0055  0.0008  24 GLU A CA  
189 C C   . GLU A 24 ? 0.0991 0.1163 0.1276 -0.0145 0.0066  -0.0004 24 GLU A C   
190 O O   . GLU A 24 ? 0.1160 0.1360 0.1490 -0.0145 0.0078  -0.0002 24 GLU A O   
191 C CB  . GLU A 24 ? 0.1069 0.1267 0.1397 -0.0104 0.0047  0.0019  24 GLU A CB  
192 C CG  . GLU A 24 ? 0.0821 0.1039 0.1162 -0.0079 0.0045  0.0030  24 GLU A CG  
193 C CD  . GLU A 24 ? 0.1077 0.1307 0.1455 -0.0062 0.0037  0.0039  24 GLU A CD  
194 O OE1 . GLU A 24 ? 0.1147 0.1399 0.1569 -0.0062 0.0044  0.0045  24 GLU A OE1 
195 O OE2 . GLU A 24 ? 0.1213 0.1431 0.1579 -0.0050 0.0024  0.0040  24 GLU A OE2 
196 N N   . HIS A 25 ? 0.0872 0.1005 0.1103 -0.0166 0.0063  -0.0015 25 HIS A N   
197 C CA  . HIS A 25 ? 0.1073 0.1200 0.1296 -0.0190 0.0078  -0.0029 25 HIS A CA  
198 C C   . HIS A 25 ? 0.1133 0.1269 0.1349 -0.0200 0.0093  -0.0035 25 HIS A C   
199 O O   . HIS A 25 ? 0.1509 0.1677 0.1765 -0.0202 0.0109  -0.0039 25 HIS A O   
200 C CB  . HIS A 25 ? 0.1085 0.1159 0.1251 -0.0212 0.0070  -0.0039 25 HIS A CB  
201 C CG  . HIS A 25 ? 0.1480 0.1546 0.1633 -0.0238 0.0090  -0.0054 25 HIS A CG  
202 N ND1 . HIS A 25 ? 0.1945 0.2034 0.2140 -0.0242 0.0102  -0.0060 25 HIS A ND1 
203 C CD2 . HIS A 25 ? 0.1691 0.1735 0.1802 -0.0261 0.0100  -0.0066 25 HIS A CD2 
204 C CE1 . HIS A 25 ? 0.2151 0.2229 0.2328 -0.0266 0.0120  -0.0076 25 HIS A CE1 
205 N NE2 . HIS A 25 ? 0.1921 0.1972 0.2046 -0.0278 0.0120  -0.0080 25 HIS A NE2 
206 N N   . CYS A 26 ? 0.1025 0.1136 0.1195 -0.0204 0.0085  -0.0038 26 CYS A N   
207 C CA  . CYS A 26 ? 0.1334 0.1449 0.1493 -0.0216 0.0097  -0.0045 26 CYS A CA  
208 C C   . CYS A 26 ? 0.1568 0.1714 0.1749 -0.0196 0.0095  -0.0038 26 CYS A C   
209 O O   . CYS A 26 ? 0.1617 0.1779 0.1806 -0.0203 0.0105  -0.0045 26 CYS A O   
210 C CB  . CYS A 26 ? 0.1417 0.1482 0.1510 -0.0239 0.0093  -0.0055 26 CYS A CB  
211 S SG  . CYS A 26 ? 0.1518 0.1550 0.1565 -0.0228 0.0070  -0.0047 26 CYS A SG  
212 N N   . GLY A 27 ? 0.1285 0.1440 0.1475 -0.0172 0.0081  -0.0025 27 GLY A N   
213 C CA  . GLY A 27 ? 0.1005 0.1189 0.1213 -0.0152 0.0080  -0.0018 27 GLY A CA  
214 C C   . GLY A 27 ? 0.1346 0.1506 0.1511 -0.0149 0.0067  -0.0020 27 GLY A C   
215 O O   . GLY A 27 ? 0.1760 0.1938 0.1933 -0.0127 0.0062  -0.0013 27 GLY A O   
216 N N   . THR A 28 ? 0.1587 0.1702 0.1703 -0.0168 0.0062  -0.0029 28 THR A N   
217 C CA  . THR A 28 ? 0.1315 0.1403 0.1391 -0.0167 0.0050  -0.0033 28 THR A CA  
218 C C   . THR A 28 ? 0.1366 0.1428 0.1421 -0.0152 0.0030  -0.0026 28 THR A C   
219 O O   . THR A 28 ? 0.1198 0.1255 0.1260 -0.0145 0.0024  -0.0020 28 THR A O   
220 C CB  . THR A 28 ? 0.1628 0.1678 0.1661 -0.0197 0.0054  -0.0045 28 THR A CB  
221 O OG1 . THR A 28 ? 0.1494 0.1505 0.1494 -0.0213 0.0048  -0.0045 28 THR A OG1 
222 C CG2 . THR A 28 ? 0.1718 0.1795 0.1777 -0.0213 0.0074  -0.0054 28 THR A CG2 
223 N N   . LEU A 29 ? 0.1371 0.1418 0.1400 -0.0144 0.0020  -0.0028 29 LEU A N   
224 C CA  . LEU A 29 ? 0.1327 0.1353 0.1339 -0.0126 0.0002  -0.0024 29 LEU A CA  
225 C C   . LEU A 29 ? 0.1364 0.1342 0.1344 -0.0137 -0.0014 -0.0024 29 LEU A C   
226 O O   . LEU A 29 ? 0.1361 0.1302 0.1302 -0.0163 -0.0013 -0.0029 29 LEU A O   
227 C CB  . LEU A 29 ? 0.1616 0.1628 0.1602 -0.0120 -0.0007 -0.0030 29 LEU A CB  
228 C CG  . LEU A 29 ? 0.1465 0.1456 0.1438 -0.0101 -0.0026 -0.0029 29 LEU A CG  
229 C CD1 . LEU A 29 ? 0.1537 0.1571 0.1553 -0.0072 -0.0022 -0.0021 29 LEU A CD1 
230 C CD2 . LEU A 29 ? 0.1546 0.1508 0.1483 -0.0103 -0.0036 -0.0038 29 LEU A CD2 
231 N N   . LEU A 30 ? 0.1098 0.1074 0.1091 -0.0119 -0.0026 -0.0017 30 LEU A N   
232 C CA  . LEU A 30 ? 0.1334 0.1263 0.1296 -0.0124 -0.0048 -0.0016 30 LEU A CA  
233 C C   . LEU A 30 ? 0.1369 0.1263 0.1296 -0.0117 -0.0065 -0.0019 30 LEU A C   
234 O O   . LEU A 30 ? 0.1449 0.1352 0.1394 -0.0092 -0.0075 -0.0017 30 LEU A O   
235 C CB  . LEU A 30 ? 0.1706 0.1651 0.1705 -0.0107 -0.0056 -0.0009 30 LEU A CB  
236 C CG  . LEU A 30 ? 0.1612 0.1590 0.1649 -0.0111 -0.0040 -0.0005 30 LEU A CG  
237 C CD1 . LEU A 30 ? 0.1867 0.1856 0.1940 -0.0094 -0.0051 0.0001  30 LEU A CD1 
238 C CD2 . LEU A 30 ? 0.1565 0.1516 0.1570 -0.0142 -0.0034 -0.0011 30 LEU A CD2 
239 N N   . TRP A 31 ? 0.1356 0.1211 0.1236 -0.0140 -0.0067 -0.0025 31 TRP A N   
240 C CA  . TRP A 31 ? 0.1353 0.1174 0.1200 -0.0135 -0.0081 -0.0029 31 TRP A CA  
241 C C   . TRP A 31 ? 0.1072 0.0846 0.0894 -0.0127 -0.0110 -0.0026 31 TRP A C   
242 O O   . TRP A 31 ? 0.1101 0.0844 0.0904 -0.0137 -0.0121 -0.0022 31 TRP A O   
243 C CB  . TRP A 31 ? 0.1685 0.1479 0.1492 -0.0164 -0.0073 -0.0036 31 TRP A CB  
244 C CG  . TRP A 31 ? 0.1644 0.1401 0.1419 -0.0161 -0.0090 -0.0041 31 TRP A CG  
245 C CD1 . TRP A 31 ? 0.1811 0.1587 0.1597 -0.0147 -0.0088 -0.0047 31 TRP A CD1 
246 C CD2 . TRP A 31 ? 0.2087 0.1777 0.1810 -0.0173 -0.0111 -0.0039 31 TRP A CD2 
247 N NE1 . TRP A 31 ? 0.1864 0.1590 0.1612 -0.0148 -0.0107 -0.0051 31 TRP A NE1 
248 C CE2 . TRP A 31 ? 0.1942 0.1614 0.1651 -0.0164 -0.0121 -0.0045 31 TRP A CE2 
249 C CE3 . TRP A 31 ? 0.2231 0.1873 0.1915 -0.0189 -0.0124 -0.0033 31 TRP A CE3 
250 C CZ2 . TRP A 31 ? 0.1839 0.1446 0.1500 -0.0172 -0.0144 -0.0045 31 TRP A CZ2 
251 C CZ3 . TRP A 31 ? 0.1928 0.1504 0.1562 -0.0196 -0.0147 -0.0031 31 TRP A CZ3 
252 C CH2 . TRP A 31 ? 0.2041 0.1602 0.1667 -0.0188 -0.0157 -0.0037 31 TRP A CH2 
253 N N   . GLY A 32 ? 0.1646 0.1413 0.1469 -0.0107 -0.0122 -0.0030 32 GLY A N   
254 C CA  . GLY A 32 ? 0.1207 0.0925 0.1007 -0.0098 -0.0152 -0.0029 32 GLY A CA  
255 C C   . GLY A 32 ? 0.1335 0.1076 0.1175 -0.0064 -0.0163 -0.0028 32 GLY A C   
256 O O   . GLY A 32 ? 0.1829 0.1626 0.1719 -0.0046 -0.0146 -0.0028 32 GLY A O   
257 N N   . LEU A 33 ? 0.1456 0.1151 0.1277 -0.0055 -0.0190 -0.0030 33 LEU A N   
258 C CA  . LEU A 33 ? 0.1992 0.1703 0.1854 -0.0022 -0.0204 -0.0031 33 LEU A CA  
259 C C   . LEU A 33 ? 0.2055 0.1770 0.1944 -0.0016 -0.0215 -0.0024 33 LEU A C   
260 O O   . LEU A 33 ? 0.1834 0.1581 0.1773 0.0010  -0.0219 -0.0025 33 LEU A O   
261 C CB  . LEU A 33 ? 0.2849 0.2505 0.2680 -0.0015 -0.0231 -0.0037 33 LEU A CB  
262 C CG  . LEU A 33 ? 0.3899 0.3565 0.3737 0.0001  -0.0227 -0.0048 33 LEU A CG  
263 C CD1 . LEU A 33 ? 0.4309 0.4000 0.4135 -0.0013 -0.0201 -0.0052 33 LEU A CD1 
264 C CD2 . LEU A 33 ? 0.4139 0.3739 0.3938 0.0003  -0.0256 -0.0053 33 LEU A CD2 
265 N N   . ALA A 34 ? 0.2153 0.1835 0.2008 -0.0040 -0.0223 -0.0018 34 ALA A N   
266 C CA  . ALA A 34 ? 0.2011 0.1688 0.1884 -0.0038 -0.0240 -0.0012 34 ALA A CA  
267 C C   . ALA A 34 ? 0.1731 0.1389 0.1568 -0.0068 -0.0235 -0.0007 34 ALA A C   
268 O O   . ALA A 34 ? 0.2121 0.1753 0.1910 -0.0093 -0.0225 -0.0008 34 ALA A O   
269 C CB  . ALA A 34 ? 0.2083 0.1708 0.1941 -0.0026 -0.0278 -0.0012 34 ALA A CB  
270 N N   . ARG A 35 ? 0.1754 0.1424 0.1617 -0.0066 -0.0240 -0.0002 35 ARG A N   
271 C CA  . ARG A 35 ? 0.1846 0.1495 0.1675 -0.0093 -0.0238 0.0001  35 ARG A CA  
272 C C   . ARG A 35 ? 0.1508 0.1183 0.1328 -0.0115 -0.0203 -0.0002 35 ARG A C   
273 O O   . ARG A 35 ? 0.1648 0.1289 0.1417 -0.0143 -0.0199 -0.0002 35 ARG A O   
274 C CB  . ARG A 35 ? 0.1960 0.1532 0.1718 -0.0111 -0.0268 0.0004  35 ARG A CB  
275 C CG  . ARG A 35 ? 0.2720 0.2265 0.2491 -0.0090 -0.0306 0.0006  35 ARG A CG  
276 C CD  . ARG A 35 ? 0.2975 0.2439 0.2672 -0.0106 -0.0338 0.0011  35 ARG A CD  
277 N NE  . ARG A 35 ? 0.3187 0.2619 0.2840 -0.0114 -0.0334 0.0010  35 ARG A NE  
278 C CZ  . ARG A 35 ? 0.3582 0.3006 0.3250 -0.0094 -0.0348 0.0006  35 ARG A CZ  
279 N NH1 . ARG A 35 ? 0.3959 0.3404 0.3682 -0.0062 -0.0366 0.0004  35 ARG A NH1 
280 N NH2 . ARG A 35 ? 0.3486 0.2879 0.3113 -0.0104 -0.0344 0.0004  35 ARG A NH2 
281 N N   . GLN A 36 ? 0.1191 0.0924 0.1060 -0.0101 -0.0179 -0.0005 36 GLN A N   
282 C CA  . GLN A 36 ? 0.1680 0.1438 0.1545 -0.0116 -0.0149 -0.0008 36 GLN A CA  
283 C C   . GLN A 36 ? 0.1545 0.1326 0.1422 -0.0132 -0.0130 -0.0007 36 GLN A C   
284 O O   . GLN A 36 ? 0.1392 0.1179 0.1255 -0.0153 -0.0109 -0.0011 36 GLN A O   
285 C CB  . GLN A 36 ? 0.1537 0.1349 0.1447 -0.0095 -0.0131 -0.0010 36 GLN A CB  
286 C CG  . GLN A 36 ? 0.1487 0.1282 0.1388 -0.0076 -0.0147 -0.0013 36 GLN A CG  
287 C CD  . GLN A 36 ? 0.1642 0.1460 0.1593 -0.0045 -0.0158 -0.0010 36 GLN A CD  
288 O OE1 . GLN A 36 ? 0.1710 0.1527 0.1680 -0.0041 -0.0169 -0.0006 36 GLN A OE1 
289 N NE2 . GLN A 36 ? 0.1363 0.1203 0.1333 -0.0023 -0.0154 -0.0014 36 GLN A NE2 
290 N N   . GLY A 37 ? 0.1642 0.1433 0.1550 -0.0124 -0.0139 -0.0004 37 GLY A N   
291 C CA  . GLY A 37 ? 0.1400 0.1214 0.1327 -0.0136 -0.0123 -0.0004 37 GLY A CA  
292 C C   . GLY A 37 ? 0.1439 0.1261 0.1401 -0.0125 -0.0140 0.0000  37 GLY A C   
293 O O   . GLY A 37 ? 0.1394 0.1192 0.1353 -0.0112 -0.0167 0.0002  37 GLY A O   
294 N N   . LEU A 38 ? 0.1087 0.0942 0.1085 -0.0130 -0.0123 -0.0001 38 LEU A N   
295 C CA  . LEU A 38 ? 0.1698 0.1559 0.1728 -0.0123 -0.0138 0.0001  38 LEU A CA  
296 C C   . LEU A 38 ? 0.1464 0.1388 0.1573 -0.0104 -0.0120 0.0005  38 LEU A C   
297 O O   . LEU A 38 ? 0.1231 0.1191 0.1361 -0.0106 -0.0093 0.0006  38 LEU A O   
298 C CB  . LEU A 38 ? 0.1826 0.1664 0.1825 -0.0150 -0.0133 -0.0006 38 LEU A CB  
299 C CG  . LEU A 38 ? 0.2101 0.1874 0.2014 -0.0175 -0.0146 -0.0009 38 LEU A CG  
300 C CD1 . LEU A 38 ? 0.2418 0.2182 0.2305 -0.0202 -0.0128 -0.0018 38 LEU A CD1 
301 C CD2 . LEU A 38 ? 0.2498 0.2225 0.2385 -0.0169 -0.0185 -0.0006 38 LEU A CD2 
302 N N   . LYS A 39 ? 0.1567 0.1505 0.1720 -0.0083 -0.0136 0.0009  39 LYS A N   
303 C CA  . LYS A 39 ? 0.1137 0.1132 0.1365 -0.0067 -0.0120 0.0015  39 LYS A CA  
304 C C   . LYS A 39 ? 0.1356 0.1352 0.1613 -0.0072 -0.0130 0.0014  39 LYS A C   
305 O O   . LYS A 39 ? 0.1376 0.1338 0.1617 -0.0073 -0.0159 0.0011  39 LYS A O   
306 C CB  . LYS A 39 ? 0.1144 0.1160 0.1409 -0.0039 -0.0126 0.0020  39 LYS A CB  
307 C CG  . LYS A 39 ? 0.1396 0.1470 0.1741 -0.0022 -0.0109 0.0027  39 LYS A CG  
308 C CD  . LYS A 39 ? 0.1478 0.1575 0.1860 0.0005  -0.0112 0.0030  39 LYS A CD  
309 C CE  . LYS A 39 ? 0.1620 0.1732 0.1984 0.0013  -0.0093 0.0031  39 LYS A CE  
310 N NZ  . LYS A 39 ? 0.1519 0.1675 0.1907 0.0012  -0.0062 0.0038  39 LYS A NZ  
311 N N   . CYS A 40 ? 0.1120 0.1156 0.1421 -0.0073 -0.0107 0.0016  40 CYS A N   
312 C CA  . CYS A 40 ? 0.1139 0.1181 0.1476 -0.0077 -0.0115 0.0015  40 CYS A CA  
313 C C   . CYS A 40 ? 0.1007 0.1071 0.1405 -0.0054 -0.0129 0.0020  40 CYS A C   
314 O O   . CYS A 40 ? 0.1368 0.1475 0.1814 -0.0036 -0.0113 0.0029  40 CYS A O   
315 C CB  . CYS A 40 ? 0.1298 0.1375 0.1669 -0.0086 -0.0087 0.0015  40 CYS A CB  
316 S SG  . CYS A 40 ? 0.1104 0.1190 0.1527 -0.0089 -0.0096 0.0012  40 CYS A SG  
317 N N   . ASP A 41 ? 0.1055 0.1092 0.1453 -0.0056 -0.0159 0.0016  41 ASP A N   
318 C CA  . ASP A 41 ? 0.1439 0.1496 0.1899 -0.0035 -0.0175 0.0019  41 ASP A CA  
319 C C   . ASP A 41 ? 0.1409 0.1521 0.1950 -0.0028 -0.0155 0.0025  41 ASP A C   
320 O O   . ASP A 41 ? 0.1568 0.1711 0.2168 -0.0008 -0.0154 0.0030  41 ASP A O   
321 C CB  . ASP A 41 ? 0.2002 0.2017 0.2445 -0.0041 -0.0214 0.0012  41 ASP A CB  
322 C CG  . ASP A 41 ? 0.3059 0.3026 0.3444 -0.0039 -0.0242 0.0009  41 ASP A CG  
323 O OD1 . ASP A 41 ? 0.2662 0.2636 0.3045 -0.0024 -0.0236 0.0013  41 ASP A OD1 
324 O OD2 . ASP A 41 ? 0.4054 0.3971 0.4395 -0.0050 -0.0273 0.0004  41 ASP A OD2 
325 N N   . ALA A 42 ? 0.1114 0.1234 0.1655 -0.0043 -0.0136 0.0024  42 ALA A N   
326 C CA  . ALA A 42 ? 0.0901 0.1064 0.1514 -0.0040 -0.0119 0.0029  42 ALA A CA  
327 C C   . ALA A 42 ? 0.1008 0.1217 0.1653 -0.0030 -0.0084 0.0041  42 ALA A C   
328 O O   . ALA A 42 ? 0.1366 0.1615 0.2077 -0.0016 -0.0072 0.0050  42 ALA A O   
329 C CB  . ALA A 42 ? 0.1412 0.1560 0.2015 -0.0061 -0.0119 0.0020  42 ALA A CB  
330 N N   . CYS A 43 ? 0.1157 0.1360 0.1754 -0.0038 -0.0068 0.0041  43 CYS A N   
331 C CA  . CYS A 43 ? 0.0895 0.1137 0.1516 -0.0031 -0.0037 0.0052  43 CYS A CA  
332 C C   . CYS A 43 ? 0.1113 0.1356 0.1698 -0.0022 -0.0030 0.0054  43 CYS A C   
333 O O   . CYS A 43 ? 0.1307 0.1584 0.1909 -0.0012 -0.0007 0.0064  43 CYS A O   
334 C CB  . CYS A 43 ? 0.0797 0.1041 0.1409 -0.0048 -0.0021 0.0048  43 CYS A CB  
335 S SG  . CYS A 43 ? 0.1316 0.1523 0.1843 -0.0069 -0.0019 0.0036  43 CYS A SG  
336 N N   . GLY A 44 ? 0.0999 0.1204 0.1531 -0.0024 -0.0050 0.0047  44 GLY A N   
337 C CA  . GLY A 44 ? 0.1043 0.1244 0.1540 -0.0015 -0.0046 0.0047  44 GLY A CA  
338 C C   . GLY A 44 ? 0.1102 0.1288 0.1544 -0.0031 -0.0035 0.0042  44 GLY A C   
339 O O   . GLY A 44 ? 0.1011 0.1187 0.1418 -0.0026 -0.0034 0.0041  44 GLY A O   
340 N N   . MET A 45 ? 0.1100 0.1280 0.1534 -0.0050 -0.0027 0.0038  45 MET A N   
341 C CA  . MET A 45 ? 0.1237 0.1403 0.1623 -0.0066 -0.0015 0.0032  45 MET A CA  
342 C C   . MET A 45 ? 0.1037 0.1158 0.1358 -0.0074 -0.0032 0.0024  45 MET A C   
343 O O   . MET A 45 ? 0.1270 0.1352 0.1564 -0.0078 -0.0055 0.0020  45 MET A O   
344 C CB  . MET A 45 ? 0.1214 0.1375 0.1602 -0.0087 -0.0008 0.0025  45 MET A CB  
345 C CG  . MET A 45 ? 0.1322 0.1474 0.1672 -0.0104 0.0007  0.0017  45 MET A CG  
346 S SD  . MET A 45 ? 0.1157 0.1303 0.1514 -0.0127 0.0016  0.0006  45 MET A SD  
347 C CE  . MET A 45 ? 0.1577 0.1724 0.1905 -0.0144 0.0038  -0.0002 45 MET A CE  
348 N N   . ASN A 46 ? 0.0665 0.0786 0.0957 -0.0075 -0.0021 0.0023  46 ASN A N   
349 C CA  . ASN A 46 ? 0.0911 0.0988 0.1139 -0.0084 -0.0034 0.0016  46 ASN A CA  
350 C C   . ASN A 46 ? 0.0755 0.0815 0.0943 -0.0110 -0.0022 0.0007  46 ASN A C   
351 O O   . ASN A 46 ? 0.0677 0.0766 0.0882 -0.0113 -0.0001 0.0007  46 ASN A O   
352 C CB  . ASN A 46 ? 0.0995 0.1085 0.1222 -0.0066 -0.0032 0.0019  46 ASN A CB  
353 C CG  . ASN A 46 ? 0.1006 0.1122 0.1279 -0.0040 -0.0037 0.0027  46 ASN A CG  
354 O OD1 . ASN A 46 ? 0.1243 0.1341 0.1522 -0.0034 -0.0056 0.0027  46 ASN A OD1 
355 N ND2 . ASN A 46 ? 0.1079 0.1239 0.1385 -0.0025 -0.0018 0.0034  46 ASN A ND2 
356 N N   . VAL A 47 ? 0.0775 0.0784 0.0907 -0.0128 -0.0037 0.0000  47 VAL A N   
357 C CA  . VAL A 47 ? 0.1315 0.1302 0.1404 -0.0154 -0.0024 -0.0009 47 VAL A CA  
358 C C   . VAL A 47 ? 0.1036 0.0968 0.1056 -0.0166 -0.0041 -0.0012 47 VAL A C   
359 O O   . VAL A 47 ? 0.0937 0.0841 0.0940 -0.0158 -0.0065 -0.0009 47 VAL A O   
360 C CB  . VAL A 47 ? 0.1366 0.1348 0.1458 -0.0173 -0.0017 -0.0015 47 VAL A CB  
361 C CG1 . VAL A 47 ? 0.1052 0.1087 0.1215 -0.0161 -0.0002 -0.0011 47 VAL A CG1 
362 C CG2 . VAL A 47 ? 0.1289 0.1225 0.1347 -0.0179 -0.0043 -0.0016 47 VAL A CG2 
363 N N   . HIS A 48 ? 0.1294 0.1210 0.1278 -0.0188 -0.0027 -0.0020 48 HIS A N   
364 C CA  . HIS A 48 ? 0.1101 0.0960 0.1015 -0.0207 -0.0040 -0.0023 48 HIS A CA  
365 C C   . HIS A 48 ? 0.1259 0.1073 0.1132 -0.0223 -0.0054 -0.0026 48 HIS A C   
366 O O   . HIS A 48 ? 0.1524 0.1353 0.1417 -0.0230 -0.0044 -0.0029 48 HIS A O   
367 C CB  . HIS A 48 ? 0.1575 0.1431 0.1464 -0.0230 -0.0017 -0.0031 48 HIS A CB  
368 C CG  . HIS A 48 ? 0.1726 0.1609 0.1634 -0.0218 -0.0009 -0.0031 48 HIS A CG  
369 N ND1 . HIS A 48 ? 0.1835 0.1767 0.1787 -0.0216 0.0013  -0.0034 48 HIS A ND1 
370 C CD2 . HIS A 48 ? 0.1800 0.1667 0.1689 -0.0206 -0.0022 -0.0029 48 HIS A CD2 
371 C CE1 . HIS A 48 ? 0.1339 0.1283 0.1295 -0.0205 0.0014  -0.0033 48 HIS A CE1 
372 N NE2 . HIS A 48 ? 0.1649 0.1557 0.1570 -0.0199 -0.0007 -0.0031 48 HIS A NE2 
373 N N   . HIS A 49 ? 0.1632 0.1752 0.1594 -0.0098 0.0119  0.0024  49 HIS A N   
374 C CA  . HIS A 49 ? 0.1715 0.1901 0.1693 -0.0095 0.0151  -0.0010 49 HIS A CA  
375 C C   . HIS A 49 ? 0.1325 0.1537 0.1404 -0.0107 0.0154  -0.0048 49 HIS A C   
376 O O   . HIS A 49 ? 0.1709 0.1968 0.1851 -0.0113 0.0166  -0.0083 49 HIS A O   
377 C CB  . HIS A 49 ? 0.1863 0.2055 0.1750 -0.0086 0.0176  0.0000  49 HIS A CB  
378 C CG  . HIS A 49 ? 0.2274 0.2451 0.2070 -0.0073 0.0181  0.0031  49 HIS A CG  
379 N ND1 . HIS A 49 ? 0.2439 0.2555 0.2172 -0.0069 0.0168  0.0067  49 HIS A ND1 
380 C CD2 . HIS A 49 ? 0.2157 0.2374 0.1917 -0.0063 0.0198  0.0030  49 HIS A CD2 
381 C CE1 . HIS A 49 ? 0.2000 0.2118 0.1667 -0.0056 0.0179  0.0086  49 HIS A CE1 
382 N NE2 . HIS A 49 ? 0.2736 0.2915 0.2419 -0.0052 0.0196  0.0067  49 HIS A NE2 
383 N N   . ARG A 50 ? 0.1487 0.1668 0.1581 -0.0112 0.0143  -0.0043 50 ARG A N   
384 C CA  . ARG A 50 ? 0.1271 0.1476 0.1460 -0.0124 0.0147  -0.0078 50 ARG A CA  
385 C C   . ARG A 50 ? 0.1625 0.1833 0.1932 -0.0130 0.0127  -0.0093 50 ARG A C   
386 O O   . ARG A 50 ? 0.2000 0.2236 0.2400 -0.0139 0.0136  -0.0130 50 ARG A O   
387 C CB  . ARG A 50 ? 0.1676 0.1843 0.1849 -0.0128 0.0138  -0.0064 50 ARG A CB  
388 C CG  . ARG A 50 ? 0.2023 0.2130 0.2202 -0.0131 0.0099  -0.0026 50 ARG A CG  
389 C CD  . ARG A 50 ? 0.2924 0.3001 0.3092 -0.0138 0.0091  -0.0016 50 ARG A CD  
390 N NE  . ARG A 50 ? 0.3497 0.3524 0.3686 -0.0146 0.0051  0.0015  50 ARG A NE  
391 C CZ  . ARG A 50 ? 0.4101 0.4077 0.4206 -0.0148 0.0035  0.0055  50 ARG A CZ  
392 N NH1 . ARG A 50 ? 0.4283 0.4249 0.4279 -0.0138 0.0057  0.0068  50 ARG A NH1 
393 N NH2 . ARG A 50 ? 0.4212 0.4148 0.4340 -0.0160 -0.0003 0.0083  50 ARG A NH2 
394 N N   . CYS A 51 ? 0.1330 0.1507 0.1634 -0.0128 0.0102  -0.0067 51 CYS A N   
395 C CA  . CYS A 51 ? 0.1380 0.1556 0.1792 -0.0134 0.0081  -0.0076 51 CYS A CA  
396 C C   . CYS A 51 ? 0.1526 0.1742 0.1959 -0.0133 0.0098  -0.0100 51 CYS A C   
397 O O   . CYS A 51 ? 0.1609 0.1833 0.2139 -0.0138 0.0088  -0.0116 51 CYS A O   
398 C CB  . CYS A 51 ? 0.1357 0.1475 0.1765 -0.0136 0.0039  -0.0033 51 CYS A CB  
399 S SG  . CYS A 51 ? 0.1497 0.1569 0.1903 -0.0143 0.0013  -0.0006 51 CYS A SG  
400 N N   . GLN A 52 ? 0.1588 0.1834 0.1937 -0.0126 0.0123  -0.0103 52 GLN A N   
401 C CA  . GLN A 52 ? 0.1654 0.1940 0.2013 -0.0127 0.0138  -0.0123 52 GLN A CA  
402 C C   . GLN A 52 ? 0.1497 0.1824 0.1972 -0.0138 0.0153  -0.0172 52 GLN A C   
403 O O   . GLN A 52 ? 0.1984 0.2315 0.2517 -0.0141 0.0146  -0.0181 52 GLN A O   
404 C CB  . GLN A 52 ? 0.2050 0.2374 0.2312 -0.0120 0.0167  -0.0124 52 GLN A CB  
405 C CG  . GLN A 52 ? 0.2582 0.2951 0.2856 -0.0124 0.0182  -0.0145 52 GLN A CG  
406 C CD  . GLN A 52 ? 0.2757 0.3163 0.2936 -0.0116 0.0205  -0.0139 52 GLN A CD  
407 O OE1 . GLN A 52 ? 0.2551 0.2952 0.2659 -0.0110 0.0213  -0.0122 52 GLN A OE1 
408 N NE2 . GLN A 52 ? 0.2731 0.3175 0.2911 -0.0120 0.0215  -0.0151 52 GLN A NE2 
409 N N   . THR A 53 ? 0.1578 0.1937 0.2083 -0.0146 0.0177  -0.0205 53 THR A N   
410 C CA  . THR A 53 ? 0.1854 0.2260 0.2466 -0.0159 0.0199  -0.0258 53 THR A CA  
411 C C   . THR A 53 ? 0.1550 0.1929 0.2288 -0.0163 0.0177  -0.0265 53 THR A C   
412 O O   . THR A 53 ? 0.1531 0.1939 0.2368 -0.0174 0.0194  -0.0308 53 THR A O   
413 C CB  . THR A 53 ? 0.2451 0.2899 0.3062 -0.0170 0.0233  -0.0294 53 THR A CB  
414 O OG1 . THR A 53 ? 0.2455 0.2869 0.3069 -0.0167 0.0219  -0.0279 53 THR A OG1 
415 C CG2 . THR A 53 ? 0.2201 0.2686 0.2699 -0.0169 0.0257  -0.0290 53 THR A CG2 
416 N N   . LYS A 54 ? 0.1378 0.1699 0.2112 -0.0156 0.0140  -0.0223 54 LYS A N   
417 C CA  . LYS A 54 ? 0.1520 0.1814 0.2375 -0.0159 0.0113  -0.0222 54 LYS A CA  
418 C C   . LYS A 54 ? 0.1752 0.2018 0.2636 -0.0157 0.0085  -0.0198 54 LYS A C   
419 O O   . LYS A 54 ? 0.1611 0.1860 0.2607 -0.0159 0.0066  -0.0200 54 LYS A O   
420 C CB  . LYS A 54 ? 0.1356 0.1607 0.2200 -0.0156 0.0085  -0.0188 54 LYS A CB  
421 C CG  . LYS A 54 ? 0.1941 0.2214 0.2758 -0.0159 0.0110  -0.0210 54 LYS A CG  
422 C CD  . LYS A 54 ? 0.2278 0.2506 0.3055 -0.0158 0.0084  -0.0171 54 LYS A CD  
423 C CE  . LYS A 54 ? 0.2549 0.2796 0.3258 -0.0159 0.0112  -0.0185 54 LYS A CE  
424 N NZ  . LYS A 54 ? 0.3048 0.3255 0.3738 -0.0161 0.0090  -0.0157 54 LYS A NZ  
425 N N   . VAL A 55 ? 0.1649 0.1910 0.2433 -0.0151 0.0084  -0.0176 55 VAL A N   
426 C CA  . VAL A 55 ? 0.1800 0.2032 0.2596 -0.0150 0.0058  -0.0150 55 VAL A CA  
427 C C   . VAL A 55 ? 0.1923 0.2184 0.2834 -0.0158 0.0072  -0.0191 55 VAL A C   
428 O O   . VAL A 55 ? 0.1508 0.1821 0.2425 -0.0163 0.0110  -0.0233 55 VAL A O   
429 C CB  . VAL A 55 ? 0.1444 0.1674 0.2115 -0.0145 0.0061  -0.0126 55 VAL A CB  
430 C CG1 . VAL A 55 ? 0.1299 0.1503 0.1986 -0.0147 0.0038  -0.0105 55 VAL A CG1 
431 C CG2 . VAL A 55 ? 0.1941 0.2135 0.2505 -0.0138 0.0048  -0.0085 55 VAL A CG2 
432 N N   . ALA A 56 ? 0.1863 0.2089 0.2864 -0.0160 0.0041  -0.0175 56 ALA A N   
433 C CA  . ALA A 56 ? 0.2618 0.2862 0.3747 -0.0166 0.0051  -0.0210 56 ALA A CA  
434 C C   . ALA A 56 ? 0.2513 0.2727 0.3664 -0.0168 0.0025  -0.0187 56 ALA A C   
435 O O   . ALA A 56 ? 0.2923 0.3148 0.4177 -0.0173 0.0033  -0.0214 56 ALA A O   
436 C CB  . ALA A 56 ? 0.2956 0.3194 0.4216 -0.0168 0.0043  -0.0225 56 ALA A CB  
437 N N   . ASN A 57 ? 0.1763 0.1939 0.2819 -0.0165 -0.0005 -0.0136 57 ASN A N   
438 C CA  . ASN A 57 ? 0.1873 0.2018 0.2939 -0.0169 -0.0031 -0.0109 57 ASN A CA  
439 C C   . ASN A 57 ? 0.1770 0.1946 0.2777 -0.0170 -0.0003 -0.0129 57 ASN A C   
440 O O   . ASN A 57 ? 0.1806 0.2021 0.2729 -0.0167 0.0027  -0.0147 57 ASN A O   
441 C CB  . ASN A 57 ? 0.1905 0.1992 0.2902 -0.0170 -0.0077 -0.0047 57 ASN A CB  
442 C CG  . ASN A 57 ? 0.2376 0.2462 0.3219 -0.0166 -0.0069 -0.0026 57 ASN A CG  
443 O OD1 . ASN A 57 ? 0.2567 0.2691 0.3356 -0.0159 -0.0033 -0.0053 57 ASN A OD1 
444 N ND2 . ASN A 57 ? 0.1934 0.1974 0.2706 -0.0170 -0.0101 0.0022  57 ASN A ND2 
445 N N   . LEU A 58 ? 0.1732 0.1895 0.2787 -0.0176 -0.0015 -0.0126 58 LEU A N   
446 C CA  . LEU A 58 ? 0.1761 0.1951 0.2757 -0.0180 0.0008  -0.0141 58 LEU A CA  
447 C C   . LEU A 58 ? 0.1484 0.1656 0.2337 -0.0176 -0.0006 -0.0099 58 LEU A C   
448 O O   . LEU A 58 ? 0.1653 0.1776 0.2465 -0.0175 -0.0040 -0.0054 58 LEU A O   
449 C CB  . LEU A 58 ? 0.2251 0.2428 0.3339 -0.0188 -0.0001 -0.0149 58 LEU A CB  
450 C CG  . LEU A 58 ? 0.2848 0.3041 0.4090 -0.0192 0.0014  -0.0189 58 LEU A CG  
451 C CD1 . LEU A 58 ? 0.3042 0.3208 0.4378 -0.0199 -0.0001 -0.0188 58 LEU A CD1 
452 C CD2 . LEU A 58 ? 0.3126 0.3385 0.4373 -0.0195 0.0067  -0.0252 58 LEU A CD2 
453 N N   . CYS A 59 ? 0.1354 0.1565 0.2133 -0.0175 0.0023  -0.0117 59 CYS A N   
454 C CA  . CYS A 59 ? 0.1229 0.1428 0.1882 -0.0171 0.0016  -0.0082 59 CYS A CA  
455 C C   . CYS A 59 ? 0.1377 0.1558 0.2026 -0.0180 0.0002  -0.0069 59 CYS A C   
456 O O   . CYS A 59 ? 0.1293 0.1511 0.1969 -0.0185 0.0025  -0.0101 59 CYS A O   
457 C CB  . CYS A 59 ? 0.1237 0.1491 0.1807 -0.0164 0.0054  -0.0104 59 CYS A CB  
458 S SG  . CYS A 59 ? 0.1131 0.1376 0.1556 -0.0157 0.0052  -0.0067 59 CYS A SG  
459 N N   . GLU A 60 ? 0.1746 0.1870 0.2357 -0.0183 -0.0034 -0.0022 60 GLU A N   
460 C CA  . GLU A 60 ? 0.1700 0.1800 0.2314 -0.0195 -0.0052 -0.0004 60 GLU A CA  
461 C C   . GLU A 60 ? 0.1674 0.1760 0.2160 -0.0194 -0.0055 0.0025  60 GLU A C   
462 O O   . GLU A 60 ? 0.2146 0.2205 0.2558 -0.0191 -0.0068 0.0055  60 GLU A O   
463 C CB  . GLU A 60 ? 0.2022 0.2062 0.2710 -0.0204 -0.0096 0.0027  60 GLU A CB  
464 C CG  . GLU A 60 ? 0.2212 0.2261 0.3040 -0.0204 -0.0094 -0.0001 60 GLU A CG  
465 C CD  . GLU A 60 ? 0.3461 0.3455 0.4360 -0.0210 -0.0142 0.0039  60 GLU A CD  
466 O OE1 . GLU A 60 ? 0.3535 0.3484 0.4368 -0.0218 -0.0176 0.0087  60 GLU A OE1 
467 O OE2 . GLU A 60 ? 0.4006 0.4003 0.5028 -0.0208 -0.0144 0.0020  60 GLU A OE2 
468 N N   . PHE A 61 ? 0.1566 0.1673 0.2030 -0.0200 -0.0042 0.0015  61 PHE A N   
469 C CA  . PHE A 61 ? 0.1414 0.1515 0.1766 -0.0200 -0.0041 0.0038  61 PHE A CA  
470 C C   . PHE A 61 ? 0.1688 0.1797 0.2045 -0.0212 -0.0038 0.0032  61 PHE A C   
471 O O   . PHE A 61 ? 0.1589 0.1725 0.2027 -0.0216 -0.0026 -0.0001 61 PHE A O   
472 C CB  . PHE A 61 ? 0.1256 0.1408 0.1532 -0.0185 -0.0006 0.0022  61 PHE A CB  
473 C CG  . PHE A 61 ? 0.0935 0.1155 0.1255 -0.0181 0.0030  -0.0027 61 PHE A CG  
474 C CD1 . PHE A 61 ? 0.1066 0.1327 0.1372 -0.0186 0.0049  -0.0047 61 PHE A CD1 
475 C CD2 . PHE A 61 ? 0.1574 0.1820 0.1951 -0.0175 0.0044  -0.0053 61 PHE A CD2 
476 C CE1 . PHE A 61 ? 0.1444 0.1771 0.1787 -0.0187 0.0083  -0.0091 61 PHE A CE1 
477 C CE2 . PHE A 61 ? 0.1415 0.1725 0.1830 -0.0177 0.0078  -0.0099 61 PHE A CE2 
478 C CZ  . PHE A 61 ? 0.1528 0.1879 0.1924 -0.0184 0.0097  -0.0118 61 PHE A CZ  
479 N N   . ILE A 62 ? 0.1406 0.1491 0.1676 -0.0219 -0.0048 0.0060  62 ILE A N   
480 C CA  . ILE A 62 ? 0.1812 0.1903 0.2076 -0.0230 -0.0046 0.0056  62 ILE A CA  
481 C C   . ILE A 62 ? 0.1671 0.1829 0.1888 -0.0222 -0.0006 0.0027  62 ILE A C   
482 O O   . ILE A 62 ? 0.2066 0.2244 0.2202 -0.0209 0.0009  0.0033  62 ILE A O   
483 C CB  . ILE A 62 ? 0.2489 0.2525 0.2678 -0.0245 -0.0073 0.0099  62 ILE A CB  
484 C CG1 . ILE A 62 ? 0.2711 0.2681 0.2937 -0.0257 -0.0116 0.0136  62 ILE A CG1 
485 C CG2 . ILE A 62 ? 0.2999 0.3043 0.3179 -0.0259 -0.0069 0.0094  62 ILE A CG2 
486 C CD1 . ILE A 62 ? 0.2543 0.2503 0.2893 -0.0263 -0.0132 0.0124  62 ILE A CD1 
487 N N   . VAL A 63 ? 0.1520 0.1715 0.1789 -0.0229 0.0010  -0.0006 63 VAL A N   
488 C CA  . VAL A 63 ? 0.1559 0.1819 0.1783 -0.0226 0.0044  -0.0031 63 VAL A CA  
489 C C   . VAL A 63 ? 0.1558 0.1806 0.1754 -0.0241 0.0037  -0.0020 63 VAL A C   
490 O O   . VAL A 63 ? 0.1498 0.1715 0.1755 -0.0257 0.0021  -0.0022 63 VAL A O   
491 C CB  . VAL A 63 ? 0.1592 0.1914 0.1889 -0.0228 0.0073  -0.0081 63 VAL A CB  
492 C CG1 . VAL A 63 ? 0.1261 0.1653 0.1505 -0.0227 0.0105  -0.0103 63 VAL A CG1 
493 C CG2 . VAL A 63 ? 0.1145 0.1480 0.1478 -0.0216 0.0081  -0.0095 63 VAL A CG2 
494 N N   . THR A 64 ? 0.1882 0.2151 0.1986 -0.0237 0.0049  -0.0011 64 THR A N   
495 C CA  . THR A 64 ? 0.2396 0.2657 0.2466 -0.0252 0.0046  -0.0002 64 THR A CA  
496 C C   . THR A 64 ? 0.2500 0.2837 0.2557 -0.0251 0.0080  -0.0035 64 THR A C   
497 O O   . THR A 64 ? 0.2510 0.2899 0.2522 -0.0236 0.0102  -0.0041 64 THR A O   
498 C CB  . THR A 64 ? 0.2937 0.3158 0.2911 -0.0251 0.0033  0.0038  64 THR A CB  
499 O OG1 . THR A 64 ? 0.3126 0.3276 0.3108 -0.0255 0.0001  0.0069  64 THR A OG1 
500 C CG2 . THR A 64 ? 0.2781 0.2993 0.2722 -0.0269 0.0030  0.0044  64 THR A CG2 
501 N N   . ASP A 65 ? 0.2296 0.2642 0.2393 -0.0269 0.0082  -0.0054 65 ASP A N   
502 C CA  . ASP A 65 ? 0.2219 0.2640 0.2307 -0.0273 0.0113  -0.0085 65 ASP A CA  
503 C C   . ASP A 65 ? 0.2441 0.2888 0.2432 -0.0265 0.0123  -0.0067 65 ASP A C   
504 O O   . ASP A 65 ? 0.2083 0.2479 0.2020 -0.0267 0.0105  -0.0033 65 ASP A O   
505 C CB  . ASP A 65 ? 0.2582 0.2998 0.2719 -0.0297 0.0112  -0.0103 65 ASP A CB  
506 C CG  . ASP A 65 ? 0.3323 0.3717 0.3566 -0.0304 0.0107  -0.0124 65 ASP A CG  
507 O OD1 . ASP A 65 ? 0.2694 0.3117 0.2979 -0.0296 0.0121  -0.0148 65 ASP A OD1 
508 O OD2 . ASP A 65 ? 0.4226 0.4573 0.4511 -0.0321 0.0088  -0.0118 65 ASP A OD2 
509 O OXT . ASP A 65 ? 0.2326 0.2845 0.2293 -0.0258 0.0149  -0.0086 65 ASP A OXT 
# 
